data_7VW9
# 
_entry.id   7VW9 
# 
_audit_conform.dict_name       mmcif_pdbx.dic 
_audit_conform.dict_version    5.397 
_audit_conform.dict_location   http://mmcif.pdb.org/dictionaries/ascii/mmcif_pdbx.dic 
# 
loop_
_database_2.database_id 
_database_2.database_code 
_database_2.pdbx_database_accession 
_database_2.pdbx_DOI 
PDB   7VW9         pdb_00007vw9 10.2210/pdb7vw9/pdb 
WWPDB D_1300025530 ?            ?                   
# 
loop_
_pdbx_audit_revision_history.ordinal 
_pdbx_audit_revision_history.data_content_type 
_pdbx_audit_revision_history.major_revision 
_pdbx_audit_revision_history.minor_revision 
_pdbx_audit_revision_history.revision_date 
1 'Structure model' 1 0 2022-02-02 
2 'Structure model' 1 1 2022-03-02 
3 'Structure model' 1 2 2023-11-29 
4 'Structure model' 1 3 2024-10-16 
# 
_pdbx_audit_revision_details.ordinal             1 
_pdbx_audit_revision_details.revision_ordinal    1 
_pdbx_audit_revision_details.data_content_type   'Structure model' 
_pdbx_audit_revision_details.provider            repository 
_pdbx_audit_revision_details.type                'Initial release' 
_pdbx_audit_revision_details.description         ? 
_pdbx_audit_revision_details.details             ? 
# 
loop_
_pdbx_audit_revision_group.ordinal 
_pdbx_audit_revision_group.revision_ordinal 
_pdbx_audit_revision_group.data_content_type 
_pdbx_audit_revision_group.group 
1 2 'Structure model' 'Database references'    
2 3 'Structure model' 'Data collection'        
3 3 'Structure model' 'Refinement description' 
4 4 'Structure model' 'Structure summary'      
# 
loop_
_pdbx_audit_revision_category.ordinal 
_pdbx_audit_revision_category.revision_ordinal 
_pdbx_audit_revision_category.data_content_type 
_pdbx_audit_revision_category.category 
1 2 'Structure model' citation                      
2 3 'Structure model' chem_comp_atom                
3 3 'Structure model' chem_comp_bond                
4 3 'Structure model' pdbx_initial_refinement_model 
5 4 'Structure model' pdbx_entry_details            
6 4 'Structure model' pdbx_modification_feature     
# 
_pdbx_audit_revision_item.ordinal             1 
_pdbx_audit_revision_item.revision_ordinal    2 
_pdbx_audit_revision_item.data_content_type   'Structure model' 
_pdbx_audit_revision_item.item                '_citation.pdbx_database_id_PubMed' 
# 
_pdbx_database_status.status_code                     REL 
_pdbx_database_status.status_code_sf                  REL 
_pdbx_database_status.status_code_mr                  ? 
_pdbx_database_status.entry_id                        7VW9 
_pdbx_database_status.recvd_initial_deposition_date   2021-11-10 
_pdbx_database_status.SG_entry                        N 
_pdbx_database_status.deposit_site                    PDBJ 
_pdbx_database_status.process_site                    PDBJ 
_pdbx_database_status.status_code_cs                  ? 
_pdbx_database_status.status_code_nmr_data            ? 
_pdbx_database_status.methods_development_category    ? 
_pdbx_database_status.pdb_format_compatible           Y 
# 
_pdbx_database_related.db_name        PDB 
_pdbx_database_related.details        . 
_pdbx_database_related.db_id          7VW8 
_pdbx_database_related.content_type   unspecified 
# 
loop_
_pdbx_contact_author.id 
_pdbx_contact_author.email 
_pdbx_contact_author.name_first 
_pdbx_contact_author.name_last 
_pdbx_contact_author.name_mi 
_pdbx_contact_author.role 
_pdbx_contact_author.identifier_ORCID 
2 chenzhongzhou@cau.edu.cn Zhongzhou Chen  ? 'principal investigator/group leader' 0000-0003-1319-9664 
3 zhengjiangge@cfsa.net.cn jiangge   zheng ? 'principal investigator/group leader' 0000-0002-9239-3686 
# 
loop_
_audit_author.name 
_audit_author.pdbx_ordinal 
_audit_author.identifier_ORCID 
'Zheng, J.' 1 0000-0002-9239-3686 
'Chen, Z.'  2 0000-0003-1319-9664 
# 
_citation.abstract                  ? 
_citation.abstract_id_CAS           ? 
_citation.book_id_ISBN              ? 
_citation.book_publisher            ? 
_citation.book_publisher_city       ? 
_citation.book_title                ? 
_citation.coordinate_linkage        ? 
_citation.country                   CH 
_citation.database_id_Medline       ? 
_citation.details                   ? 
_citation.id                        primary 
_citation.journal_abbrev            'Int J Mol Sci' 
_citation.journal_id_ASTM           ? 
_citation.journal_id_CSD            ? 
_citation.journal_id_ISSN           1422-0067 
_citation.journal_full              ? 
_citation.journal_issue             ? 
_citation.journal_volume            23 
_citation.language                  ? 
_citation.page_first                ? 
_citation.page_last                 ? 
_citation.title                     
'Structural Insights into the Ligand-Binding and -Releasing Mechanism of Helicoverpa armigera Pheromone-Binding Protein PBP1.' 
_citation.year                      2022 
_citation.database_id_CSD           ? 
_citation.pdbx_database_id_DOI      10.3390/ijms23031190 
_citation.pdbx_database_id_PubMed   35163109 
_citation.pdbx_database_id_patent   ? 
_citation.unpublished_flag          ? 
# 
loop_
_citation_author.citation_id 
_citation_author.name 
_citation_author.ordinal 
_citation_author.identifier_ORCID 
primary 'Zheng, J.'   1 ? 
primary 'Yang, M.'    2 ? 
primary 'Dong, K.'    3 ? 
primary 'Zhang, J.'   4 ? 
primary 'Wang, H.'    5 ? 
primary 'Xie, M.'     6 ? 
primary 'Wu, W.'      7 ? 
primary 'Zhang, Y.J.' 8 ? 
primary 'Chen, Z.'    9 ? 
# 
loop_
_entity.id 
_entity.type 
_entity.src_method 
_entity.pdbx_description 
_entity.formula_weight 
_entity.pdbx_number_of_molecules 
_entity.pdbx_ec 
_entity.pdbx_mutation 
_entity.pdbx_fragment 
_entity.details 
1 polymer man PBP1  16384.785 1  ? ? ? ? 
2 water   nat water 18.015    56 ? ? ? ? 
# 
_entity_poly.entity_id                      1 
_entity_poly.type                           'polypeptide(L)' 
_entity_poly.nstd_linkage                   no 
_entity_poly.nstd_monomer                   no 
_entity_poly.pdbx_seq_one_letter_code       
;GSMASQDVIKNLSMNFAKPLEDCKKEMDLPDSVTTDFYNFWKEGYEFTNRQTGCAILCLSSKLELLDQELKLHHGKAQEF
AKKHGADDAMAKQLVDLIHGCAQSTPDVADDPCMKTLNVAKCFKAKIHELNWAPSMELVVGEVLAEV
;
_entity_poly.pdbx_seq_one_letter_code_can   
;GSMASQDVIKNLSMNFAKPLEDCKKEMDLPDSVTTDFYNFWKEGYEFTNRQTGCAILCLSSKLELLDQELKLHHGKAQEF
AKKHGADDAMAKQLVDLIHGCAQSTPDVADDPCMKTLNVAKCFKAKIHELNWAPSMELVVGEVLAEV
;
_entity_poly.pdbx_strand_id                 A 
_entity_poly.pdbx_target_identifier         ? 
# 
_pdbx_entity_nonpoly.entity_id   2 
_pdbx_entity_nonpoly.name        water 
_pdbx_entity_nonpoly.comp_id     HOH 
# 
loop_
_entity_poly_seq.entity_id 
_entity_poly_seq.num 
_entity_poly_seq.mon_id 
_entity_poly_seq.hetero 
1 1   GLY n 
1 2   SER n 
1 3   MET n 
1 4   ALA n 
1 5   SER n 
1 6   GLN n 
1 7   ASP n 
1 8   VAL n 
1 9   ILE n 
1 10  LYS n 
1 11  ASN n 
1 12  LEU n 
1 13  SER n 
1 14  MET n 
1 15  ASN n 
1 16  PHE n 
1 17  ALA n 
1 18  LYS n 
1 19  PRO n 
1 20  LEU n 
1 21  GLU n 
1 22  ASP n 
1 23  CYS n 
1 24  LYS n 
1 25  LYS n 
1 26  GLU n 
1 27  MET n 
1 28  ASP n 
1 29  LEU n 
1 30  PRO n 
1 31  ASP n 
1 32  SER n 
1 33  VAL n 
1 34  THR n 
1 35  THR n 
1 36  ASP n 
1 37  PHE n 
1 38  TYR n 
1 39  ASN n 
1 40  PHE n 
1 41  TRP n 
1 42  LYS n 
1 43  GLU n 
1 44  GLY n 
1 45  TYR n 
1 46  GLU n 
1 47  PHE n 
1 48  THR n 
1 49  ASN n 
1 50  ARG n 
1 51  GLN n 
1 52  THR n 
1 53  GLY n 
1 54  CYS n 
1 55  ALA n 
1 56  ILE n 
1 57  LEU n 
1 58  CYS n 
1 59  LEU n 
1 60  SER n 
1 61  SER n 
1 62  LYS n 
1 63  LEU n 
1 64  GLU n 
1 65  LEU n 
1 66  LEU n 
1 67  ASP n 
1 68  GLN n 
1 69  GLU n 
1 70  LEU n 
1 71  LYS n 
1 72  LEU n 
1 73  HIS n 
1 74  HIS n 
1 75  GLY n 
1 76  LYS n 
1 77  ALA n 
1 78  GLN n 
1 79  GLU n 
1 80  PHE n 
1 81  ALA n 
1 82  LYS n 
1 83  LYS n 
1 84  HIS n 
1 85  GLY n 
1 86  ALA n 
1 87  ASP n 
1 88  ASP n 
1 89  ALA n 
1 90  MET n 
1 91  ALA n 
1 92  LYS n 
1 93  GLN n 
1 94  LEU n 
1 95  VAL n 
1 96  ASP n 
1 97  LEU n 
1 98  ILE n 
1 99  HIS n 
1 100 GLY n 
1 101 CYS n 
1 102 ALA n 
1 103 GLN n 
1 104 SER n 
1 105 THR n 
1 106 PRO n 
1 107 ASP n 
1 108 VAL n 
1 109 ALA n 
1 110 ASP n 
1 111 ASP n 
1 112 PRO n 
1 113 CYS n 
1 114 MET n 
1 115 LYS n 
1 116 THR n 
1 117 LEU n 
1 118 ASN n 
1 119 VAL n 
1 120 ALA n 
1 121 LYS n 
1 122 CYS n 
1 123 PHE n 
1 124 LYS n 
1 125 ALA n 
1 126 LYS n 
1 127 ILE n 
1 128 HIS n 
1 129 GLU n 
1 130 LEU n 
1 131 ASN n 
1 132 TRP n 
1 133 ALA n 
1 134 PRO n 
1 135 SER n 
1 136 MET n 
1 137 GLU n 
1 138 LEU n 
1 139 VAL n 
1 140 VAL n 
1 141 GLY n 
1 142 GLU n 
1 143 VAL n 
1 144 LEU n 
1 145 ALA n 
1 146 GLU n 
1 147 VAL n 
# 
_entity_src_gen.entity_id                          1 
_entity_src_gen.pdbx_src_id                        1 
_entity_src_gen.pdbx_alt_source_flag               sample 
_entity_src_gen.pdbx_seq_type                      'Biological sequence' 
_entity_src_gen.pdbx_beg_seq_num                   1 
_entity_src_gen.pdbx_end_seq_num                   147 
_entity_src_gen.gene_src_common_name               'Cotton bollworm, Heliothis armigera' 
_entity_src_gen.gene_src_genus                     ? 
_entity_src_gen.pdbx_gene_src_gene                 'HaOG200775, B5X24_HaOG200775' 
_entity_src_gen.gene_src_species                   ? 
_entity_src_gen.gene_src_strain                    ? 
_entity_src_gen.gene_src_tissue                    ? 
_entity_src_gen.gene_src_tissue_fraction           ? 
_entity_src_gen.gene_src_details                   ? 
_entity_src_gen.pdbx_gene_src_fragment             ? 
_entity_src_gen.pdbx_gene_src_scientific_name      'Helicoverpa armigera' 
_entity_src_gen.pdbx_gene_src_ncbi_taxonomy_id     29058 
_entity_src_gen.pdbx_gene_src_variant              ? 
_entity_src_gen.pdbx_gene_src_cell_line            ? 
_entity_src_gen.pdbx_gene_src_atcc                 ? 
_entity_src_gen.pdbx_gene_src_organ                ? 
_entity_src_gen.pdbx_gene_src_organelle            ? 
_entity_src_gen.pdbx_gene_src_cell                 ? 
_entity_src_gen.pdbx_gene_src_cellular_location    ? 
_entity_src_gen.host_org_common_name               ? 
_entity_src_gen.pdbx_host_org_scientific_name      'Escherichia coli' 
_entity_src_gen.pdbx_host_org_ncbi_taxonomy_id     562 
_entity_src_gen.host_org_genus                     ? 
_entity_src_gen.pdbx_host_org_gene                 ? 
_entity_src_gen.pdbx_host_org_organ                ? 
_entity_src_gen.host_org_species                   ? 
_entity_src_gen.pdbx_host_org_tissue               ? 
_entity_src_gen.pdbx_host_org_tissue_fraction      ? 
_entity_src_gen.pdbx_host_org_strain               ? 
_entity_src_gen.pdbx_host_org_variant              ? 
_entity_src_gen.pdbx_host_org_cell_line            ? 
_entity_src_gen.pdbx_host_org_atcc                 ? 
_entity_src_gen.pdbx_host_org_culture_collection   ? 
_entity_src_gen.pdbx_host_org_cell                 ? 
_entity_src_gen.pdbx_host_org_organelle            ? 
_entity_src_gen.pdbx_host_org_cellular_location    ? 
_entity_src_gen.pdbx_host_org_vector_type          ? 
_entity_src_gen.pdbx_host_org_vector               ? 
_entity_src_gen.host_org_details                   ? 
_entity_src_gen.expression_system_id               ? 
_entity_src_gen.plasmid_name                       ? 
_entity_src_gen.plasmid_details                    ? 
_entity_src_gen.pdbx_description                   ? 
# 
loop_
_chem_comp.id 
_chem_comp.type 
_chem_comp.mon_nstd_flag 
_chem_comp.name 
_chem_comp.pdbx_synonyms 
_chem_comp.formula 
_chem_comp.formula_weight 
ALA 'L-peptide linking' y ALANINE         ? 'C3 H7 N O2'     89.093  
ARG 'L-peptide linking' y ARGININE        ? 'C6 H15 N4 O2 1' 175.209 
ASN 'L-peptide linking' y ASPARAGINE      ? 'C4 H8 N2 O3'    132.118 
ASP 'L-peptide linking' y 'ASPARTIC ACID' ? 'C4 H7 N O4'     133.103 
CYS 'L-peptide linking' y CYSTEINE        ? 'C3 H7 N O2 S'   121.158 
GLN 'L-peptide linking' y GLUTAMINE       ? 'C5 H10 N2 O3'   146.144 
GLU 'L-peptide linking' y 'GLUTAMIC ACID' ? 'C5 H9 N O4'     147.129 
GLY 'peptide linking'   y GLYCINE         ? 'C2 H5 N O2'     75.067  
HIS 'L-peptide linking' y HISTIDINE       ? 'C6 H10 N3 O2 1' 156.162 
HOH non-polymer         . WATER           ? 'H2 O'           18.015  
ILE 'L-peptide linking' y ISOLEUCINE      ? 'C6 H13 N O2'    131.173 
LEU 'L-peptide linking' y LEUCINE         ? 'C6 H13 N O2'    131.173 
LYS 'L-peptide linking' y LYSINE          ? 'C6 H15 N2 O2 1' 147.195 
MET 'L-peptide linking' y METHIONINE      ? 'C5 H11 N O2 S'  149.211 
PHE 'L-peptide linking' y PHENYLALANINE   ? 'C9 H11 N O2'    165.189 
PRO 'L-peptide linking' y PROLINE         ? 'C5 H9 N O2'     115.130 
SER 'L-peptide linking' y SERINE          ? 'C3 H7 N O3'     105.093 
THR 'L-peptide linking' y THREONINE       ? 'C4 H9 N O3'     119.119 
TRP 'L-peptide linking' y TRYPTOPHAN      ? 'C11 H12 N2 O2'  204.225 
TYR 'L-peptide linking' y TYROSINE        ? 'C9 H11 N O3'    181.189 
VAL 'L-peptide linking' y VALINE          ? 'C5 H11 N O2'    117.146 
# 
loop_
_pdbx_poly_seq_scheme.asym_id 
_pdbx_poly_seq_scheme.entity_id 
_pdbx_poly_seq_scheme.seq_id 
_pdbx_poly_seq_scheme.mon_id 
_pdbx_poly_seq_scheme.ndb_seq_num 
_pdbx_poly_seq_scheme.pdb_seq_num 
_pdbx_poly_seq_scheme.auth_seq_num 
_pdbx_poly_seq_scheme.pdb_mon_id 
_pdbx_poly_seq_scheme.auth_mon_id 
_pdbx_poly_seq_scheme.pdb_strand_id 
_pdbx_poly_seq_scheme.pdb_ins_code 
_pdbx_poly_seq_scheme.hetero 
A 1 1   GLY 1   24  24  GLY GLY A . n 
A 1 2   SER 2   25  25  SER SER A . n 
A 1 3   MET 3   26  26  MET MET A . n 
A 1 4   ALA 4   27  27  ALA ALA A . n 
A 1 5   SER 5   28  28  SER SER A . n 
A 1 6   GLN 6   29  29  GLN GLN A . n 
A 1 7   ASP 7   30  30  ASP ASP A . n 
A 1 8   VAL 8   31  31  VAL VAL A . n 
A 1 9   ILE 9   32  32  ILE ILE A . n 
A 1 10  LYS 10  33  33  LYS LYS A . n 
A 1 11  ASN 11  34  34  ASN ASN A . n 
A 1 12  LEU 12  35  35  LEU LEU A . n 
A 1 13  SER 13  36  36  SER SER A . n 
A 1 14  MET 14  37  37  MET MET A . n 
A 1 15  ASN 15  38  38  ASN ASN A . n 
A 1 16  PHE 16  39  39  PHE PHE A . n 
A 1 17  ALA 17  40  40  ALA ALA A . n 
A 1 18  LYS 18  41  41  LYS LYS A . n 
A 1 19  PRO 19  42  42  PRO PRO A . n 
A 1 20  LEU 20  43  43  LEU LEU A . n 
A 1 21  GLU 21  44  44  GLU GLU A . n 
A 1 22  ASP 22  45  45  ASP ASP A . n 
A 1 23  CYS 23  46  46  CYS CYS A . n 
A 1 24  LYS 24  47  47  LYS LYS A . n 
A 1 25  LYS 25  48  48  LYS LYS A . n 
A 1 26  GLU 26  49  49  GLU GLU A . n 
A 1 27  MET 27  50  50  MET MET A . n 
A 1 28  ASP 28  51  51  ASP ASP A . n 
A 1 29  LEU 29  52  52  LEU LEU A . n 
A 1 30  PRO 30  53  53  PRO PRO A . n 
A 1 31  ASP 31  54  54  ASP ASP A . n 
A 1 32  SER 32  55  55  SER SER A . n 
A 1 33  VAL 33  56  56  VAL VAL A . n 
A 1 34  THR 34  57  57  THR THR A . n 
A 1 35  THR 35  58  58  THR THR A . n 
A 1 36  ASP 36  59  59  ASP ASP A . n 
A 1 37  PHE 37  60  60  PHE PHE A . n 
A 1 38  TYR 38  61  61  TYR TYR A . n 
A 1 39  ASN 39  62  62  ASN ASN A . n 
A 1 40  PHE 40  63  63  PHE PHE A . n 
A 1 41  TRP 41  64  64  TRP TRP A . n 
A 1 42  LYS 42  65  65  LYS LYS A . n 
A 1 43  GLU 43  66  66  GLU GLU A . n 
A 1 44  GLY 44  67  67  GLY GLY A . n 
A 1 45  TYR 45  68  68  TYR TYR A . n 
A 1 46  GLU 46  69  69  GLU GLU A . n 
A 1 47  PHE 47  70  70  PHE PHE A . n 
A 1 48  THR 48  71  71  THR THR A . n 
A 1 49  ASN 49  72  72  ASN ASN A . n 
A 1 50  ARG 50  73  73  ARG ARG A . n 
A 1 51  GLN 51  74  74  GLN GLN A . n 
A 1 52  THR 52  75  75  THR THR A . n 
A 1 53  GLY 53  76  76  GLY GLY A . n 
A 1 54  CYS 54  77  77  CYS CYS A . n 
A 1 55  ALA 55  78  78  ALA ALA A . n 
A 1 56  ILE 56  79  79  ILE ILE A . n 
A 1 57  LEU 57  80  80  LEU LEU A . n 
A 1 58  CYS 58  81  81  CYS CYS A . n 
A 1 59  LEU 59  82  82  LEU LEU A . n 
A 1 60  SER 60  83  83  SER SER A . n 
A 1 61  SER 61  84  84  SER SER A . n 
A 1 62  LYS 62  85  85  LYS LYS A . n 
A 1 63  LEU 63  86  86  LEU LEU A . n 
A 1 64  GLU 64  87  87  GLU GLU A . n 
A 1 65  LEU 65  88  88  LEU LEU A . n 
A 1 66  LEU 66  89  89  LEU LEU A . n 
A 1 67  ASP 67  90  90  ASP ASP A . n 
A 1 68  GLN 68  91  91  GLN GLN A . n 
A 1 69  GLU 69  92  92  GLU GLU A . n 
A 1 70  LEU 70  93  93  LEU LEU A . n 
A 1 71  LYS 71  94  94  LYS LYS A . n 
A 1 72  LEU 72  95  95  LEU LEU A . n 
A 1 73  HIS 73  96  96  HIS HIS A . n 
A 1 74  HIS 74  97  97  HIS HIS A . n 
A 1 75  GLY 75  98  98  GLY GLY A . n 
A 1 76  LYS 76  99  99  LYS LYS A . n 
A 1 77  ALA 77  100 100 ALA ALA A . n 
A 1 78  GLN 78  101 101 GLN GLN A . n 
A 1 79  GLU 79  102 102 GLU GLU A . n 
A 1 80  PHE 80  103 103 PHE PHE A . n 
A 1 81  ALA 81  104 104 ALA ALA A . n 
A 1 82  LYS 82  105 105 LYS LYS A . n 
A 1 83  LYS 83  106 106 LYS LYS A . n 
A 1 84  HIS 84  107 107 HIS HIS A . n 
A 1 85  GLY 85  108 108 GLY GLY A . n 
A 1 86  ALA 86  109 109 ALA ALA A . n 
A 1 87  ASP 87  110 110 ASP ASP A . n 
A 1 88  ASP 88  111 111 ASP ASP A . n 
A 1 89  ALA 89  112 112 ALA ALA A . n 
A 1 90  MET 90  113 113 MET MET A . n 
A 1 91  ALA 91  114 114 ALA ALA A . n 
A 1 92  LYS 92  115 115 LYS LYS A . n 
A 1 93  GLN 93  116 116 GLN GLN A . n 
A 1 94  LEU 94  117 117 LEU LEU A . n 
A 1 95  VAL 95  118 118 VAL VAL A . n 
A 1 96  ASP 96  119 119 ASP ASP A . n 
A 1 97  LEU 97  120 120 LEU LEU A . n 
A 1 98  ILE 98  121 121 ILE ILE A . n 
A 1 99  HIS 99  122 122 HIS HIS A . n 
A 1 100 GLY 100 123 123 GLY GLY A . n 
A 1 101 CYS 101 124 124 CYS CYS A . n 
A 1 102 ALA 102 125 125 ALA ALA A . n 
A 1 103 GLN 103 126 126 GLN GLN A . n 
A 1 104 SER 104 127 127 SER SER A . n 
A 1 105 THR 105 128 128 THR THR A . n 
A 1 106 PRO 106 129 129 PRO PRO A . n 
A 1 107 ASP 107 130 130 ASP ASP A . n 
A 1 108 VAL 108 131 131 VAL VAL A . n 
A 1 109 ALA 109 132 132 ALA ALA A . n 
A 1 110 ASP 110 133 133 ASP ASP A . n 
A 1 111 ASP 111 134 134 ASP ASP A . n 
A 1 112 PRO 112 135 135 PRO PRO A . n 
A 1 113 CYS 113 136 136 CYS CYS A . n 
A 1 114 MET 114 137 137 MET MET A . n 
A 1 115 LYS 115 138 138 LYS LYS A . n 
A 1 116 THR 116 139 139 THR THR A . n 
A 1 117 LEU 117 140 140 LEU LEU A . n 
A 1 118 ASN 118 141 141 ASN ASN A . n 
A 1 119 VAL 119 142 142 VAL VAL A . n 
A 1 120 ALA 120 143 143 ALA ALA A . n 
A 1 121 LYS 121 144 144 LYS LYS A . n 
A 1 122 CYS 122 145 145 CYS CYS A . n 
A 1 123 PHE 123 146 146 PHE PHE A . n 
A 1 124 LYS 124 147 147 LYS LYS A . n 
A 1 125 ALA 125 148 148 ALA ALA A . n 
A 1 126 LYS 126 149 149 LYS LYS A . n 
A 1 127 ILE 127 150 150 ILE ILE A . n 
A 1 128 HIS 128 151 151 HIS HIS A . n 
A 1 129 GLU 129 152 152 GLU GLU A . n 
A 1 130 LEU 130 153 153 LEU LEU A . n 
A 1 131 ASN 131 154 154 ASN ASN A . n 
A 1 132 TRP 132 155 155 TRP TRP A . n 
A 1 133 ALA 133 156 156 ALA ALA A . n 
A 1 134 PRO 134 157 157 PRO PRO A . n 
A 1 135 SER 135 158 158 SER SER A . n 
A 1 136 MET 136 159 ?   ?   ?   A . n 
A 1 137 GLU 137 160 ?   ?   ?   A . n 
A 1 138 LEU 138 161 ?   ?   ?   A . n 
A 1 139 VAL 139 162 ?   ?   ?   A . n 
A 1 140 VAL 140 163 ?   ?   ?   A . n 
A 1 141 GLY 141 164 ?   ?   ?   A . n 
A 1 142 GLU 142 165 ?   ?   ?   A . n 
A 1 143 VAL 143 166 ?   ?   ?   A . n 
A 1 144 LEU 144 167 ?   ?   ?   A . n 
A 1 145 ALA 145 168 ?   ?   ?   A . n 
A 1 146 GLU 146 169 ?   ?   ?   A . n 
A 1 147 VAL 147 170 ?   ?   ?   A . n 
# 
loop_
_pdbx_nonpoly_scheme.asym_id 
_pdbx_nonpoly_scheme.entity_id 
_pdbx_nonpoly_scheme.mon_id 
_pdbx_nonpoly_scheme.ndb_seq_num 
_pdbx_nonpoly_scheme.pdb_seq_num 
_pdbx_nonpoly_scheme.auth_seq_num 
_pdbx_nonpoly_scheme.pdb_mon_id 
_pdbx_nonpoly_scheme.auth_mon_id 
_pdbx_nonpoly_scheme.pdb_strand_id 
_pdbx_nonpoly_scheme.pdb_ins_code 
B 2 HOH 1  201 46 HOH HOH A . 
B 2 HOH 2  202 40 HOH HOH A . 
B 2 HOH 3  203 25 HOH HOH A . 
B 2 HOH 4  204 58 HOH HOH A . 
B 2 HOH 5  205 10 HOH HOH A . 
B 2 HOH 6  206 36 HOH HOH A . 
B 2 HOH 7  207 4  HOH HOH A . 
B 2 HOH 8  208 20 HOH HOH A . 
B 2 HOH 9  209 16 HOH HOH A . 
B 2 HOH 10 210 1  HOH HOH A . 
B 2 HOH 11 211 45 HOH HOH A . 
B 2 HOH 12 212 18 HOH HOH A . 
B 2 HOH 13 213 9  HOH HOH A . 
B 2 HOH 14 214 26 HOH HOH A . 
B 2 HOH 15 215 15 HOH HOH A . 
B 2 HOH 16 216 38 HOH HOH A . 
B 2 HOH 17 217 29 HOH HOH A . 
B 2 HOH 18 218 33 HOH HOH A . 
B 2 HOH 19 219 5  HOH HOH A . 
B 2 HOH 20 220 57 HOH HOH A . 
B 2 HOH 21 221 41 HOH HOH A . 
B 2 HOH 22 222 14 HOH HOH A . 
B 2 HOH 23 223 44 HOH HOH A . 
B 2 HOH 24 224 39 HOH HOH A . 
B 2 HOH 25 225 22 HOH HOH A . 
B 2 HOH 26 226 21 HOH HOH A . 
B 2 HOH 27 227 7  HOH HOH A . 
B 2 HOH 28 228 23 HOH HOH A . 
B 2 HOH 29 229 6  HOH HOH A . 
B 2 HOH 30 230 31 HOH HOH A . 
B 2 HOH 31 231 11 HOH HOH A . 
B 2 HOH 32 232 2  HOH HOH A . 
B 2 HOH 33 233 17 HOH HOH A . 
B 2 HOH 34 234 32 HOH HOH A . 
B 2 HOH 35 235 48 HOH HOH A . 
B 2 HOH 36 236 59 HOH HOH A . 
B 2 HOH 37 237 54 HOH HOH A . 
B 2 HOH 38 238 52 HOH HOH A . 
B 2 HOH 39 239 8  HOH HOH A . 
B 2 HOH 40 240 37 HOH HOH A . 
B 2 HOH 41 241 35 HOH HOH A . 
B 2 HOH 42 242 3  HOH HOH A . 
B 2 HOH 43 243 43 HOH HOH A . 
B 2 HOH 44 244 56 HOH HOH A . 
B 2 HOH 45 245 60 HOH HOH A . 
B 2 HOH 46 246 55 HOH HOH A . 
B 2 HOH 47 247 53 HOH HOH A . 
B 2 HOH 48 248 24 HOH HOH A . 
B 2 HOH 49 249 50 HOH HOH A . 
B 2 HOH 50 250 49 HOH HOH A . 
B 2 HOH 51 251 30 HOH HOH A . 
B 2 HOH 52 252 47 HOH HOH A . 
B 2 HOH 53 253 12 HOH HOH A . 
B 2 HOH 54 254 51 HOH HOH A . 
B 2 HOH 55 255 13 HOH HOH A . 
B 2 HOH 56 256 34 HOH HOH A . 
# 
loop_
_pdbx_unobs_or_zero_occ_atoms.id 
_pdbx_unobs_or_zero_occ_atoms.PDB_model_num 
_pdbx_unobs_or_zero_occ_atoms.polymer_flag 
_pdbx_unobs_or_zero_occ_atoms.occupancy_flag 
_pdbx_unobs_or_zero_occ_atoms.auth_asym_id 
_pdbx_unobs_or_zero_occ_atoms.auth_comp_id 
_pdbx_unobs_or_zero_occ_atoms.auth_seq_id 
_pdbx_unobs_or_zero_occ_atoms.PDB_ins_code 
_pdbx_unobs_or_zero_occ_atoms.auth_atom_id 
_pdbx_unobs_or_zero_occ_atoms.label_alt_id 
_pdbx_unobs_or_zero_occ_atoms.label_asym_id 
_pdbx_unobs_or_zero_occ_atoms.label_comp_id 
_pdbx_unobs_or_zero_occ_atoms.label_seq_id 
_pdbx_unobs_or_zero_occ_atoms.label_atom_id 
1  1 Y 1 A SER 25  ? OG  ? A SER 2   OG  
2  1 Y 1 A LYS 33  ? NZ  ? A LYS 10  NZ  
3  1 Y 1 A LYS 41  ? NZ  ? A LYS 18  NZ  
4  1 Y 1 A GLU 44  ? CG  ? A GLU 21  CG  
5  1 Y 1 A GLU 44  ? CD  ? A GLU 21  CD  
6  1 Y 1 A GLU 44  ? OE1 ? A GLU 21  OE1 
7  1 Y 1 A GLU 44  ? OE2 ? A GLU 21  OE2 
8  1 Y 1 A LYS 47  ? CG  ? A LYS 24  CG  
9  1 Y 1 A LYS 47  ? CD  ? A LYS 24  CD  
10 1 Y 1 A LYS 47  ? CE  ? A LYS 24  CE  
11 1 Y 1 A LYS 47  ? NZ  ? A LYS 24  NZ  
12 1 Y 1 A LYS 48  ? CG  ? A LYS 25  CG  
13 1 Y 1 A LYS 48  ? CD  ? A LYS 25  CD  
14 1 Y 1 A LYS 48  ? CE  ? A LYS 25  CE  
15 1 Y 1 A LYS 48  ? NZ  ? A LYS 25  NZ  
16 1 Y 1 A MET 50  ? CG  ? A MET 27  CG  
17 1 Y 1 A MET 50  ? SD  ? A MET 27  SD  
18 1 Y 1 A MET 50  ? CE  ? A MET 27  CE  
19 1 Y 1 A ASP 51  ? CG  ? A ASP 28  CG  
20 1 Y 1 A ASP 51  ? OD1 ? A ASP 28  OD1 
21 1 Y 1 A ASP 51  ? OD2 ? A ASP 28  OD2 
22 1 Y 1 A LYS 65  ? CD  ? A LYS 42  CD  
23 1 Y 1 A LYS 65  ? CE  ? A LYS 42  CE  
24 1 Y 1 A LYS 65  ? NZ  ? A LYS 42  NZ  
25 1 Y 1 A GLU 66  ? CG  ? A GLU 43  CG  
26 1 Y 1 A GLU 66  ? CD  ? A GLU 43  CD  
27 1 Y 1 A GLU 66  ? OE1 ? A GLU 43  OE1 
28 1 Y 1 A GLU 66  ? OE2 ? A GLU 43  OE2 
29 1 Y 1 A GLN 91  ? CD  ? A GLN 68  CD  
30 1 Y 1 A GLN 91  ? OE1 ? A GLN 68  OE1 
31 1 Y 1 A GLN 91  ? NE2 ? A GLN 68  NE2 
32 1 Y 1 A GLU 92  ? OE1 ? A GLU 69  OE1 
33 1 Y 1 A LYS 115 ? CE  ? A LYS 92  CE  
34 1 Y 1 A LYS 115 ? NZ  ? A LYS 92  NZ  
35 1 Y 1 A LYS 138 ? CE  ? A LYS 115 CE  
36 1 Y 1 A LYS 138 ? NZ  ? A LYS 115 NZ  
37 1 Y 1 A LYS 144 ? CE  ? A LYS 121 CE  
38 1 Y 1 A LYS 144 ? NZ  ? A LYS 121 NZ  
# 
loop_
_software.citation_id 
_software.classification 
_software.compiler_name 
_software.compiler_version 
_software.contact_author 
_software.contact_author_email 
_software.date 
_software.description 
_software.dependencies 
_software.hardware 
_software.language 
_software.location 
_software.mods 
_software.name 
_software.os 
_software.os_version 
_software.type 
_software.version 
_software.pdbx_ordinal 
? refinement       ? ? ? ? ? ? ? ? ? ? ? REFMAC   ? ? ? 5.6.0117 1 
? 'data reduction' ? ? ? ? ? ? ? ? ? ? ? HKL-2000 ? ? ? .        2 
? 'data scaling'   ? ? ? ? ? ? ? ? ? ? ? HKL-2000 ? ? ? .        3 
? phasing          ? ? ? ? ? ? ? ? ? ? ? BALBES   ? ? ? .        4 
# 
_cell.angle_alpha                  90.00 
_cell.angle_alpha_esd              ? 
_cell.angle_beta                   99.66 
_cell.angle_beta_esd               ? 
_cell.angle_gamma                  90.00 
_cell.angle_gamma_esd              ? 
_cell.entry_id                     7VW9 
_cell.details                      ? 
_cell.formula_units_Z              ? 
_cell.length_a                     32.431 
_cell.length_a_esd                 ? 
_cell.length_b                     33.376 
_cell.length_b_esd                 ? 
_cell.length_c                     55.380 
_cell.length_c_esd                 ? 
_cell.volume                       ? 
_cell.volume_esd                   ? 
_cell.Z_PDB                        2 
_cell.reciprocal_angle_alpha       ? 
_cell.reciprocal_angle_beta        ? 
_cell.reciprocal_angle_gamma       ? 
_cell.reciprocal_angle_alpha_esd   ? 
_cell.reciprocal_angle_beta_esd    ? 
_cell.reciprocal_angle_gamma_esd   ? 
_cell.reciprocal_length_a          ? 
_cell.reciprocal_length_b          ? 
_cell.reciprocal_length_c          ? 
_cell.reciprocal_length_a_esd      ? 
_cell.reciprocal_length_b_esd      ? 
_cell.reciprocal_length_c_esd      ? 
_cell.pdbx_unique_axis             ? 
# 
_symmetry.entry_id                         7VW9 
_symmetry.cell_setting                     ? 
_symmetry.Int_Tables_number                4 
_symmetry.space_group_name_Hall            ? 
_symmetry.space_group_name_H-M             'P 1 21 1' 
_symmetry.pdbx_full_space_group_name_H-M   ? 
# 
_exptl.absorpt_coefficient_mu     ? 
_exptl.absorpt_correction_T_max   ? 
_exptl.absorpt_correction_T_min   ? 
_exptl.absorpt_correction_type    ? 
_exptl.absorpt_process_details    ? 
_exptl.entry_id                   7VW9 
_exptl.crystals_number            1 
_exptl.details                    ? 
_exptl.method                     'X-RAY DIFFRACTION' 
_exptl.method_details             ? 
# 
_exptl_crystal.colour                      ? 
_exptl_crystal.density_diffrn              ? 
_exptl_crystal.density_Matthews            1.80 
_exptl_crystal.density_method              ? 
_exptl_crystal.density_percent_sol         31.79 
_exptl_crystal.description                 ? 
_exptl_crystal.F_000                       ? 
_exptl_crystal.id                          1 
_exptl_crystal.preparation                 ? 
_exptl_crystal.size_max                    ? 
_exptl_crystal.size_mid                    ? 
_exptl_crystal.size_min                    ? 
_exptl_crystal.size_rad                    ? 
_exptl_crystal.colour_lustre               ? 
_exptl_crystal.colour_modifier             ? 
_exptl_crystal.colour_primary              ? 
_exptl_crystal.density_meas                ? 
_exptl_crystal.density_meas_esd            ? 
_exptl_crystal.density_meas_gt             ? 
_exptl_crystal.density_meas_lt             ? 
_exptl_crystal.density_meas_temp           ? 
_exptl_crystal.density_meas_temp_esd       ? 
_exptl_crystal.density_meas_temp_gt        ? 
_exptl_crystal.density_meas_temp_lt        ? 
_exptl_crystal.pdbx_crystal_image_url      ? 
_exptl_crystal.pdbx_crystal_image_format   ? 
_exptl_crystal.pdbx_mosaicity              ? 
_exptl_crystal.pdbx_mosaicity_esd          ? 
# 
_exptl_crystal_grow.apparatus       ? 
_exptl_crystal_grow.atmosphere      ? 
_exptl_crystal_grow.crystal_id      1 
_exptl_crystal_grow.details         ? 
_exptl_crystal_grow.method          'VAPOR DIFFUSION, HANGING DROP' 
_exptl_crystal_grow.method_ref      ? 
_exptl_crystal_grow.pH              5.5 
_exptl_crystal_grow.pressure        ? 
_exptl_crystal_grow.pressure_esd    ? 
_exptl_crystal_grow.seeding         ? 
_exptl_crystal_grow.seeding_ref     ? 
_exptl_crystal_grow.temp            298 
_exptl_crystal_grow.temp_details    ? 
_exptl_crystal_grow.temp_esd        ? 
_exptl_crystal_grow.time            ? 
_exptl_crystal_grow.pdbx_details    peg 
_exptl_crystal_grow.pdbx_pH_range   ? 
# 
_diffrn.ambient_environment              ? 
_diffrn.ambient_temp                     100 
_diffrn.ambient_temp_details             ? 
_diffrn.ambient_temp_esd                 ? 
_diffrn.crystal_id                       1 
_diffrn.crystal_support                  ? 
_diffrn.crystal_treatment                ? 
_diffrn.details                          ? 
_diffrn.id                               1 
_diffrn.ambient_pressure                 ? 
_diffrn.ambient_pressure_esd             ? 
_diffrn.ambient_pressure_gt              ? 
_diffrn.ambient_pressure_lt              ? 
_diffrn.ambient_temp_gt                  ? 
_diffrn.ambient_temp_lt                  ? 
_diffrn.pdbx_serial_crystal_experiment   N 
# 
_diffrn_detector.details                      ? 
_diffrn_detector.detector                     CCD 
_diffrn_detector.diffrn_id                    1 
_diffrn_detector.type                         'ADSC QUANTUM 315' 
_diffrn_detector.area_resol_mean              ? 
_diffrn_detector.dtime                        ? 
_diffrn_detector.pdbx_frames_total            ? 
_diffrn_detector.pdbx_collection_time_total   ? 
_diffrn_detector.pdbx_collection_date         2014-10-08 
_diffrn_detector.pdbx_frequency               ? 
# 
_diffrn_radiation.collimation                      ? 
_diffrn_radiation.diffrn_id                        1 
_diffrn_radiation.filter_edge                      ? 
_diffrn_radiation.inhomogeneity                    ? 
_diffrn_radiation.monochromator                    ? 
_diffrn_radiation.polarisn_norm                    ? 
_diffrn_radiation.polarisn_ratio                   ? 
_diffrn_radiation.probe                            ? 
_diffrn_radiation.type                             ? 
_diffrn_radiation.xray_symbol                      ? 
_diffrn_radiation.wavelength_id                    1 
_diffrn_radiation.pdbx_monochromatic_or_laue_m_l   M 
_diffrn_radiation.pdbx_wavelength_list             ? 
_diffrn_radiation.pdbx_wavelength                  ? 
_diffrn_radiation.pdbx_diffrn_protocol             'SINGLE WAVELENGTH' 
_diffrn_radiation.pdbx_analyzer                    ? 
_diffrn_radiation.pdbx_scattering_type             x-ray 
# 
_diffrn_radiation_wavelength.id           1 
_diffrn_radiation_wavelength.wavelength   0.9792 
_diffrn_radiation_wavelength.wt           1.0 
# 
_diffrn_source.current                     ? 
_diffrn_source.details                     ? 
_diffrn_source.diffrn_id                   1 
_diffrn_source.power                       ? 
_diffrn_source.size                        ? 
_diffrn_source.source                      SYNCHROTRON 
_diffrn_source.target                      ? 
_diffrn_source.type                        'SSRF BEAMLINE BL17U' 
_diffrn_source.voltage                     ? 
_diffrn_source.take-off_angle              ? 
_diffrn_source.pdbx_wavelength_list        0.9792 
_diffrn_source.pdbx_wavelength             ? 
_diffrn_source.pdbx_synchrotron_beamline   BL17U 
_diffrn_source.pdbx_synchrotron_site       SSRF 
# 
_reflns.B_iso_Wilson_estimate                          ? 
_reflns.entry_id                                       7VW9 
_reflns.data_reduction_details                         ? 
_reflns.data_reduction_method                          ? 
_reflns.d_resolution_high                              2.05 
_reflns.d_resolution_low                               50 
_reflns.details                                        ? 
_reflns.limit_h_max                                    ? 
_reflns.limit_h_min                                    ? 
_reflns.limit_k_max                                    ? 
_reflns.limit_k_min                                    ? 
_reflns.limit_l_max                                    ? 
_reflns.limit_l_min                                    ? 
_reflns.number_all                                     ? 
_reflns.number_obs                                     7557 
_reflns.observed_criterion                             ? 
_reflns.observed_criterion_F_max                       ? 
_reflns.observed_criterion_F_min                       ? 
_reflns.observed_criterion_I_max                       ? 
_reflns.observed_criterion_I_min                       ? 
_reflns.observed_criterion_sigma_F                     ? 
_reflns.observed_criterion_sigma_I                     ? 
_reflns.percent_possible_obs                           95.6 
_reflns.R_free_details                                 ? 
_reflns.Rmerge_F_all                                   ? 
_reflns.Rmerge_F_obs                                   ? 
_reflns.Friedel_coverage                               ? 
_reflns.number_gt                                      ? 
_reflns.threshold_expression                           ? 
_reflns.pdbx_redundancy                                3.5 
_reflns.pdbx_Rmerge_I_obs                              0.050 
_reflns.pdbx_Rmerge_I_all                              ? 
_reflns.pdbx_Rsym_value                                ? 
_reflns.pdbx_netI_over_av_sigmaI                       ? 
_reflns.pdbx_netI_over_sigmaI                          41.2 
_reflns.pdbx_res_netI_over_av_sigmaI_2                 ? 
_reflns.pdbx_res_netI_over_sigmaI_2                    ? 
_reflns.pdbx_chi_squared                               ? 
_reflns.pdbx_scaling_rejects                           ? 
_reflns.pdbx_d_res_high_opt                            ? 
_reflns.pdbx_d_res_low_opt                             ? 
_reflns.pdbx_d_res_opt_method                          ? 
_reflns.phase_calculation_details                      ? 
_reflns.pdbx_Rrim_I_all                                ? 
_reflns.pdbx_Rpim_I_all                                ? 
_reflns.pdbx_d_opt                                     ? 
_reflns.pdbx_number_measured_all                       ? 
_reflns.pdbx_diffrn_id                                 1 
_reflns.pdbx_ordinal                                   1 
_reflns.pdbx_CC_half                                   0.992 
_reflns.pdbx_CC_star                                   ? 
_reflns.pdbx_R_split                                   ? 
_reflns.pdbx_aniso_diffraction_limit_axis_1_ortho[1]   ? 
_reflns.pdbx_aniso_diffraction_limit_axis_1_ortho[2]   ? 
_reflns.pdbx_aniso_diffraction_limit_axis_1_ortho[3]   ? 
_reflns.pdbx_aniso_diffraction_limit_axis_2_ortho[1]   ? 
_reflns.pdbx_aniso_diffraction_limit_axis_2_ortho[2]   ? 
_reflns.pdbx_aniso_diffraction_limit_axis_2_ortho[3]   ? 
_reflns.pdbx_aniso_diffraction_limit_axis_3_ortho[1]   ? 
_reflns.pdbx_aniso_diffraction_limit_axis_3_ortho[2]   ? 
_reflns.pdbx_aniso_diffraction_limit_axis_3_ortho[3]   ? 
_reflns.pdbx_aniso_diffraction_limit_1                 ? 
_reflns.pdbx_aniso_diffraction_limit_2                 ? 
_reflns.pdbx_aniso_diffraction_limit_3                 ? 
_reflns.pdbx_aniso_B_tensor_eigenvector_1_ortho[1]     ? 
_reflns.pdbx_aniso_B_tensor_eigenvector_1_ortho[2]     ? 
_reflns.pdbx_aniso_B_tensor_eigenvector_1_ortho[3]     ? 
_reflns.pdbx_aniso_B_tensor_eigenvector_2_ortho[1]     ? 
_reflns.pdbx_aniso_B_tensor_eigenvector_2_ortho[2]     ? 
_reflns.pdbx_aniso_B_tensor_eigenvector_2_ortho[3]     ? 
_reflns.pdbx_aniso_B_tensor_eigenvector_3_ortho[1]     ? 
_reflns.pdbx_aniso_B_tensor_eigenvector_3_ortho[2]     ? 
_reflns.pdbx_aniso_B_tensor_eigenvector_3_ortho[3]     ? 
_reflns.pdbx_aniso_B_tensor_eigenvalue_1               ? 
_reflns.pdbx_aniso_B_tensor_eigenvalue_2               ? 
_reflns.pdbx_aniso_B_tensor_eigenvalue_3               ? 
_reflns.pdbx_orthogonalization_convention              ? 
_reflns.pdbx_percent_possible_ellipsoidal              ? 
_reflns.pdbx_percent_possible_spherical                ? 
_reflns.pdbx_percent_possible_ellipsoidal_anomalous    ? 
_reflns.pdbx_percent_possible_spherical_anomalous      ? 
_reflns.pdbx_redundancy_anomalous                      ? 
_reflns.pdbx_CC_half_anomalous                         ? 
_reflns.pdbx_absDiff_over_sigma_anomalous              ? 
_reflns.pdbx_percent_possible_anomalous                ? 
_reflns.pdbx_observed_signal_threshold                 ? 
_reflns.pdbx_signal_type                               ? 
_reflns.pdbx_signal_details                            ? 
_reflns.pdbx_signal_software_id                        ? 
# 
_reflns_shell.d_res_high                                    2.05 
_reflns_shell.d_res_low                                     2.09 
_reflns_shell.meanI_over_sigI_all                           ? 
_reflns_shell.meanI_over_sigI_obs                           ? 
_reflns_shell.number_measured_all                           ? 
_reflns_shell.number_measured_obs                           ? 
_reflns_shell.number_possible                               ? 
_reflns_shell.number_unique_all                             ? 
_reflns_shell.number_unique_obs                             344 
_reflns_shell.percent_possible_all                          ? 
_reflns_shell.percent_possible_obs                          ? 
_reflns_shell.Rmerge_F_all                                  ? 
_reflns_shell.Rmerge_F_obs                                  ? 
_reflns_shell.Rmerge_I_all                                  ? 
_reflns_shell.Rmerge_I_obs                                  ? 
_reflns_shell.meanI_over_sigI_gt                            ? 
_reflns_shell.meanI_over_uI_all                             ? 
_reflns_shell.meanI_over_uI_gt                              ? 
_reflns_shell.number_measured_gt                            ? 
_reflns_shell.number_unique_gt                              ? 
_reflns_shell.percent_possible_gt                           ? 
_reflns_shell.Rmerge_F_gt                                   ? 
_reflns_shell.Rmerge_I_gt                                   ? 
_reflns_shell.pdbx_redundancy                               ? 
_reflns_shell.pdbx_Rsym_value                               0.214 
_reflns_shell.pdbx_chi_squared                              ? 
_reflns_shell.pdbx_netI_over_sigmaI_all                     ? 
_reflns_shell.pdbx_netI_over_sigmaI_obs                     ? 
_reflns_shell.pdbx_Rrim_I_all                               ? 
_reflns_shell.pdbx_Rpim_I_all                               ? 
_reflns_shell.pdbx_rejects                                  ? 
_reflns_shell.pdbx_ordinal                                  1 
_reflns_shell.pdbx_diffrn_id                                1 
_reflns_shell.pdbx_CC_half                                  0.977 
_reflns_shell.pdbx_CC_star                                  ? 
_reflns_shell.pdbx_R_split                                  ? 
_reflns_shell.pdbx_percent_possible_ellipsoidal             ? 
_reflns_shell.pdbx_percent_possible_spherical               ? 
_reflns_shell.pdbx_percent_possible_ellipsoidal_anomalous   ? 
_reflns_shell.pdbx_percent_possible_spherical_anomalous     ? 
_reflns_shell.pdbx_redundancy_anomalous                     ? 
_reflns_shell.pdbx_CC_half_anomalous                        ? 
_reflns_shell.pdbx_absDiff_over_sigma_anomalous             ? 
_reflns_shell.pdbx_percent_possible_anomalous               ? 
# 
_refine.aniso_B[1][1]                            2.09 
_refine.aniso_B[1][2]                            0.00 
_refine.aniso_B[1][3]                            0.57 
_refine.aniso_B[2][2]                            -0.67 
_refine.aniso_B[2][3]                            0.00 
_refine.aniso_B[3][3]                            -1.23 
_refine.B_iso_max                                ? 
_refine.B_iso_mean                               42.406 
_refine.B_iso_min                                ? 
_refine.correlation_coeff_Fo_to_Fc               0.940 
_refine.correlation_coeff_Fo_to_Fc_free          0.908 
_refine.details                                  'HYDROGENS HAVE BEEN USED IF PRESENT IN THE INPUT' 
_refine.diff_density_max                         ? 
_refine.diff_density_max_esd                     ? 
_refine.diff_density_min                         ? 
_refine.diff_density_min_esd                     ? 
_refine.diff_density_rms                         ? 
_refine.diff_density_rms_esd                     ? 
_refine.entry_id                                 7VW9 
_refine.pdbx_refine_id                           'X-RAY DIFFRACTION' 
_refine.ls_abs_structure_details                 ? 
_refine.ls_abs_structure_Flack                   ? 
_refine.ls_abs_structure_Flack_esd               ? 
_refine.ls_abs_structure_Rogers                  ? 
_refine.ls_abs_structure_Rogers_esd              ? 
_refine.ls_d_res_high                            2.05 
_refine.ls_d_res_low                             50.00 
_refine.ls_extinction_coef                       ? 
_refine.ls_extinction_coef_esd                   ? 
_refine.ls_extinction_expression                 ? 
_refine.ls_extinction_method                     ? 
_refine.ls_goodness_of_fit_all                   ? 
_refine.ls_goodness_of_fit_all_esd               ? 
_refine.ls_goodness_of_fit_obs                   ? 
_refine.ls_goodness_of_fit_obs_esd               ? 
_refine.ls_hydrogen_treatment                    ? 
_refine.ls_matrix_type                           ? 
_refine.ls_number_constraints                    ? 
_refine.ls_number_parameters                     ? 
_refine.ls_number_reflns_all                     ? 
_refine.ls_number_reflns_obs                     6834 
_refine.ls_number_reflns_R_free                  353 
_refine.ls_number_reflns_R_work                  ? 
_refine.ls_number_restraints                     ? 
_refine.ls_percent_reflns_obs                    95.60 
_refine.ls_percent_reflns_R_free                 4.9 
_refine.ls_R_factor_all                          ? 
_refine.ls_R_factor_obs                          0.22390 
_refine.ls_R_factor_R_free                       0.26546 
_refine.ls_R_factor_R_free_error                 ? 
_refine.ls_R_factor_R_free_error_details         ? 
_refine.ls_R_factor_R_work                       0.22171 
_refine.ls_R_Fsqd_factor_obs                     ? 
_refine.ls_R_I_factor_obs                        ? 
_refine.ls_redundancy_reflns_all                 ? 
_refine.ls_redundancy_reflns_obs                 ? 
_refine.ls_restrained_S_all                      ? 
_refine.ls_restrained_S_obs                      ? 
_refine.ls_shift_over_esd_max                    ? 
_refine.ls_shift_over_esd_mean                   ? 
_refine.ls_structure_factor_coef                 ? 
_refine.ls_weighting_details                     ? 
_refine.ls_weighting_scheme                      ? 
_refine.ls_wR_factor_all                         ? 
_refine.ls_wR_factor_obs                         ? 
_refine.ls_wR_factor_R_free                      ? 
_refine.ls_wR_factor_R_work                      ? 
_refine.occupancy_max                            ? 
_refine.occupancy_min                            ? 
_refine.solvent_model_details                    MASK 
_refine.solvent_model_param_bsol                 ? 
_refine.solvent_model_param_ksol                 ? 
_refine.pdbx_R_complete                          ? 
_refine.ls_R_factor_gt                           ? 
_refine.ls_goodness_of_fit_gt                    ? 
_refine.ls_goodness_of_fit_ref                   ? 
_refine.ls_shift_over_su_max                     ? 
_refine.ls_shift_over_su_max_lt                  ? 
_refine.ls_shift_over_su_mean                    ? 
_refine.ls_shift_over_su_mean_lt                 ? 
_refine.pdbx_ls_sigma_I                          ? 
_refine.pdbx_ls_sigma_F                          ? 
_refine.pdbx_ls_sigma_Fsqd                       ? 
_refine.pdbx_data_cutoff_high_absF               ? 
_refine.pdbx_data_cutoff_high_rms_absF           ? 
_refine.pdbx_data_cutoff_low_absF                ? 
_refine.pdbx_isotropic_thermal_model             ? 
_refine.pdbx_ls_cross_valid_method               THROUGHOUT 
_refine.pdbx_method_to_determine_struct          'MOLECULAR REPLACEMENT' 
_refine.pdbx_starting_model                      7VW8 
_refine.pdbx_stereochemistry_target_values       'MAXIMUM LIKELIHOOD' 
_refine.pdbx_R_Free_selection_details            RANDOM 
_refine.pdbx_stereochem_target_val_spec_case     ? 
_refine.pdbx_overall_ESU_R                       0.304 
_refine.pdbx_overall_ESU_R_Free                  0.222 
_refine.pdbx_solvent_vdw_probe_radii             1.20 
_refine.pdbx_solvent_ion_probe_radii             0.80 
_refine.pdbx_solvent_shrinkage_radii             0.80 
_refine.pdbx_real_space_R                        ? 
_refine.pdbx_density_correlation                 ? 
_refine.pdbx_pd_number_of_powder_patterns        ? 
_refine.pdbx_pd_number_of_points                 ? 
_refine.pdbx_pd_meas_number_of_points            ? 
_refine.pdbx_pd_proc_ls_prof_R_factor            ? 
_refine.pdbx_pd_proc_ls_prof_wR_factor           ? 
_refine.pdbx_pd_Marquardt_correlation_coeff      ? 
_refine.pdbx_pd_Fsqrd_R_factor                   ? 
_refine.pdbx_pd_ls_matrix_band_width             ? 
_refine.pdbx_overall_phase_error                 ? 
_refine.pdbx_overall_SU_R_free_Cruickshank_DPI   ? 
_refine.pdbx_overall_SU_R_free_Blow_DPI          ? 
_refine.pdbx_overall_SU_R_Blow_DPI               ? 
_refine.pdbx_TLS_residual_ADP_flag               ? 
_refine.pdbx_diffrn_id                           1 
_refine.overall_SU_B                             6.025 
_refine.overall_SU_ML                            0.159 
_refine.overall_SU_R_Cruickshank_DPI             ? 
_refine.overall_SU_R_free                        ? 
_refine.overall_FOM_free_R_set                   ? 
_refine.overall_FOM_work_R_set                   ? 
_refine.pdbx_average_fsc_overall                 ? 
_refine.pdbx_average_fsc_work                    ? 
_refine.pdbx_average_fsc_free                    ? 
# 
_refine_hist.pdbx_refine_id                   'X-RAY DIFFRACTION' 
_refine_hist.cycle_id                         1 
_refine_hist.details                          ? 
_refine_hist.d_res_high                       2.05 
_refine_hist.d_res_low                        50.00 
_refine_hist.number_atoms_solvent             56 
_refine_hist.number_atoms_total               1071 
_refine_hist.number_reflns_all                ? 
_refine_hist.number_reflns_obs                ? 
_refine_hist.number_reflns_R_free             ? 
_refine_hist.number_reflns_R_work             ? 
_refine_hist.R_factor_all                     ? 
_refine_hist.R_factor_obs                     ? 
_refine_hist.R_factor_R_free                  ? 
_refine_hist.R_factor_R_work                  ? 
_refine_hist.pdbx_number_residues_total       ? 
_refine_hist.pdbx_B_iso_mean_ligand           ? 
_refine_hist.pdbx_B_iso_mean_solvent          ? 
_refine_hist.pdbx_number_atoms_protein        1015 
_refine_hist.pdbx_number_atoms_nucleic_acid   0 
_refine_hist.pdbx_number_atoms_ligand         0 
_refine_hist.pdbx_number_atoms_lipid          ? 
_refine_hist.pdbx_number_atoms_carb           ? 
_refine_hist.pdbx_pseudo_atom_details         ? 
# 
loop_
_refine_ls_restr.pdbx_refine_id 
_refine_ls_restr.criterion 
_refine_ls_restr.dev_ideal 
_refine_ls_restr.dev_ideal_target 
_refine_ls_restr.number 
_refine_ls_restr.rejects 
_refine_ls_restr.type 
_refine_ls_restr.weight 
_refine_ls_restr.pdbx_restraint_function 
'X-RAY DIFFRACTION' ? 0.007  0.020  1040 ? r_bond_refined_d             ? ? 
'X-RAY DIFFRACTION' ? ?      ?      ?    ? r_bond_other_d               ? ? 
'X-RAY DIFFRACTION' ? 0.994  1.945  1411 ? r_angle_refined_deg          ? ? 
'X-RAY DIFFRACTION' ? ?      ?      ?    ? r_angle_other_deg            ? ? 
'X-RAY DIFFRACTION' ? 4.970  5.000  134  ? r_dihedral_angle_1_deg       ? ? 
'X-RAY DIFFRACTION' ? 43.821 26.136 44   ? r_dihedral_angle_2_deg       ? ? 
'X-RAY DIFFRACTION' ? 13.719 15.000 171  ? r_dihedral_angle_3_deg       ? ? 
'X-RAY DIFFRACTION' ? 5.347  15.000 1    ? r_dihedral_angle_4_deg       ? ? 
'X-RAY DIFFRACTION' ? 0.064  0.200  159  ? r_chiral_restr               ? ? 
'X-RAY DIFFRACTION' ? 0.005  0.021  777  ? r_gen_planes_refined         ? ? 
'X-RAY DIFFRACTION' ? ?      ?      ?    ? r_gen_planes_other           ? ? 
'X-RAY DIFFRACTION' ? ?      ?      ?    ? r_nbd_refined                ? ? 
'X-RAY DIFFRACTION' ? ?      ?      ?    ? r_nbd_other                  ? ? 
'X-RAY DIFFRACTION' ? ?      ?      ?    ? r_nbtor_refined              ? ? 
'X-RAY DIFFRACTION' ? ?      ?      ?    ? r_nbtor_other                ? ? 
'X-RAY DIFFRACTION' ? ?      ?      ?    ? r_xyhbond_nbd_refined        ? ? 
'X-RAY DIFFRACTION' ? ?      ?      ?    ? r_xyhbond_nbd_other          ? ? 
'X-RAY DIFFRACTION' ? ?      ?      ?    ? r_metal_ion_refined          ? ? 
'X-RAY DIFFRACTION' ? ?      ?      ?    ? r_metal_ion_other            ? ? 
'X-RAY DIFFRACTION' ? ?      ?      ?    ? r_symmetry_vdw_refined       ? ? 
'X-RAY DIFFRACTION' ? ?      ?      ?    ? r_symmetry_vdw_other         ? ? 
'X-RAY DIFFRACTION' ? ?      ?      ?    ? r_symmetry_hbond_refined     ? ? 
'X-RAY DIFFRACTION' ? ?      ?      ?    ? r_symmetry_hbond_other       ? ? 
'X-RAY DIFFRACTION' ? ?      ?      ?    ? r_symmetry_metal_ion_refined ? ? 
'X-RAY DIFFRACTION' ? ?      ?      ?    ? r_symmetry_metal_ion_other   ? ? 
'X-RAY DIFFRACTION' ? ?      ?      ?    ? r_mcbond_it                  ? ? 
'X-RAY DIFFRACTION' ? ?      ?      ?    ? r_mcbond_other               ? ? 
'X-RAY DIFFRACTION' ? ?      ?      ?    ? r_mcangle_it                 ? ? 
'X-RAY DIFFRACTION' ? ?      ?      ?    ? r_mcangle_other              ? ? 
'X-RAY DIFFRACTION' ? ?      ?      ?    ? r_scbond_it                  ? ? 
'X-RAY DIFFRACTION' ? ?      ?      ?    ? r_scbond_other               ? ? 
'X-RAY DIFFRACTION' ? ?      ?      ?    ? r_scangle_it                 ? ? 
'X-RAY DIFFRACTION' ? ?      ?      ?    ? r_scangle_other              ? ? 
'X-RAY DIFFRACTION' ? ?      ?      ?    ? r_long_range_B_refined       ? ? 
'X-RAY DIFFRACTION' ? ?      ?      ?    ? r_long_range_B_other         ? ? 
'X-RAY DIFFRACTION' ? ?      ?      ?    ? r_rigid_bond_restr           ? ? 
'X-RAY DIFFRACTION' ? ?      ?      ?    ? r_sphericity_free            ? ? 
'X-RAY DIFFRACTION' ? ?      ?      ?    ? r_sphericity_bonded          ? ? 
# 
_refine_ls_shell.pdbx_refine_id                   'X-RAY DIFFRACTION' 
_refine_ls_shell.d_res_high                       2.050 
_refine_ls_shell.d_res_low                        2.103 
_refine_ls_shell.number_reflns_all                ? 
_refine_ls_shell.number_reflns_obs                ? 
_refine_ls_shell.number_reflns_R_free             22 
_refine_ls_shell.number_reflns_R_work             465 
_refine_ls_shell.percent_reflns_obs               94.93 
_refine_ls_shell.percent_reflns_R_free            ? 
_refine_ls_shell.R_factor_all                     ? 
_refine_ls_shell.R_factor_obs                     ? 
_refine_ls_shell.R_factor_R_free                  0.367 
_refine_ls_shell.R_factor_R_free_error            ? 
_refine_ls_shell.R_factor_R_work                  0.284 
_refine_ls_shell.redundancy_reflns_all            ? 
_refine_ls_shell.redundancy_reflns_obs            ? 
_refine_ls_shell.wR_factor_all                    ? 
_refine_ls_shell.wR_factor_obs                    ? 
_refine_ls_shell.wR_factor_R_free                 ? 
_refine_ls_shell.wR_factor_R_work                 ? 
_refine_ls_shell.pdbx_R_complete                  ? 
_refine_ls_shell.pdbx_total_number_of_bins_used   20 
_refine_ls_shell.pdbx_phase_error                 ? 
_refine_ls_shell.pdbx_fsc_work                    ? 
_refine_ls_shell.pdbx_fsc_free                    ? 
# 
_struct.entry_id                     7VW9 
_struct.title                        'Helicoverpa armigera pheromone-binding protein PBP1 at pH 5.5' 
_struct.pdbx_model_details           ? 
_struct.pdbx_formula_weight          ? 
_struct.pdbx_formula_weight_method   ? 
_struct.pdbx_model_type_details      ? 
_struct.pdbx_CASP_flag               N 
# 
_struct_keywords.entry_id        7VW9 
_struct_keywords.text            'Helicoverpa armigera, Pheromone binding protein, Ligand binding mechanism, TRANSPORT PROTEIN' 
_struct_keywords.pdbx_keywords   'TRANSPORT PROTEIN' 
# 
loop_
_struct_asym.id 
_struct_asym.pdbx_blank_PDB_chainid_flag 
_struct_asym.pdbx_modified 
_struct_asym.entity_id 
_struct_asym.details 
A N N 1 ? 
B N N 2 ? 
# 
_struct_ref.id                         1 
_struct_ref.db_name                    UNP 
_struct_ref.db_code                    F5ANH9_HELAM 
_struct_ref.pdbx_db_accession          F5ANH9 
_struct_ref.pdbx_db_isoform            ? 
_struct_ref.entity_id                  1 
_struct_ref.pdbx_seq_one_letter_code   
;ASQDVIKNLSMNFAKPLEDCKKEMDLPDSVTTDFYNFWKEGYEFTNRQTGCAILCLSSKLELLDQELKLHHGKAQEFAKK
HGADDAMAKQLVDLIHGCAQSTPDVADDPCMKTLNVAKCFKAKIHELNWAPSMELVVGEVLAEV
;
_struct_ref.pdbx_align_begin           27 
# 
_struct_ref_seq.align_id                      1 
_struct_ref_seq.ref_id                        1 
_struct_ref_seq.pdbx_PDB_id_code              7VW9 
_struct_ref_seq.pdbx_strand_id                A 
_struct_ref_seq.seq_align_beg                 4 
_struct_ref_seq.pdbx_seq_align_beg_ins_code   ? 
_struct_ref_seq.seq_align_end                 147 
_struct_ref_seq.pdbx_seq_align_end_ins_code   ? 
_struct_ref_seq.pdbx_db_accession             F5ANH9 
_struct_ref_seq.db_align_beg                  27 
_struct_ref_seq.pdbx_db_align_beg_ins_code    ? 
_struct_ref_seq.db_align_end                  170 
_struct_ref_seq.pdbx_db_align_end_ins_code    ? 
_struct_ref_seq.pdbx_auth_seq_align_beg       27 
_struct_ref_seq.pdbx_auth_seq_align_end       170 
# 
loop_
_struct_ref_seq_dif.align_id 
_struct_ref_seq_dif.pdbx_pdb_id_code 
_struct_ref_seq_dif.mon_id 
_struct_ref_seq_dif.pdbx_pdb_strand_id 
_struct_ref_seq_dif.seq_num 
_struct_ref_seq_dif.pdbx_pdb_ins_code 
_struct_ref_seq_dif.pdbx_seq_db_name 
_struct_ref_seq_dif.pdbx_seq_db_accession_code 
_struct_ref_seq_dif.db_mon_id 
_struct_ref_seq_dif.pdbx_seq_db_seq_num 
_struct_ref_seq_dif.details 
_struct_ref_seq_dif.pdbx_auth_seq_num 
_struct_ref_seq_dif.pdbx_ordinal 
1 7VW9 GLY A 1 ? UNP F5ANH9 ? ? 'expression tag' 24 1 
1 7VW9 SER A 2 ? UNP F5ANH9 ? ? 'expression tag' 25 2 
1 7VW9 MET A 3 ? UNP F5ANH9 ? ? 'expression tag' 26 3 
# 
_pdbx_struct_assembly.id                   1 
_pdbx_struct_assembly.details              author_defined_assembly 
_pdbx_struct_assembly.method_details       ? 
_pdbx_struct_assembly.oligomeric_details   monomeric 
_pdbx_struct_assembly.oligomeric_count     1 
# 
loop_
_pdbx_struct_assembly_prop.biol_id 
_pdbx_struct_assembly_prop.type 
_pdbx_struct_assembly_prop.value 
_pdbx_struct_assembly_prop.details 
1 'ABSA (A^2)' 0    ? 
1 MORE         0    ? 
1 'SSA (A^2)'  7520 ? 
# 
_pdbx_struct_assembly_gen.assembly_id       1 
_pdbx_struct_assembly_gen.oper_expression   1 
_pdbx_struct_assembly_gen.asym_id_list      A,B 
# 
_pdbx_struct_assembly_auth_evidence.id                     1 
_pdbx_struct_assembly_auth_evidence.assembly_id            1 
_pdbx_struct_assembly_auth_evidence.experimental_support   'gel filtration' 
_pdbx_struct_assembly_auth_evidence.details                ? 
# 
_pdbx_struct_oper_list.id                   1 
_pdbx_struct_oper_list.type                 'identity operation' 
_pdbx_struct_oper_list.name                 1_555 
_pdbx_struct_oper_list.symmetry_operation   x,y,z 
_pdbx_struct_oper_list.matrix[1][1]         1.0000000000 
_pdbx_struct_oper_list.matrix[1][2]         0.0000000000 
_pdbx_struct_oper_list.matrix[1][3]         0.0000000000 
_pdbx_struct_oper_list.vector[1]            0.0000000000 
_pdbx_struct_oper_list.matrix[2][1]         0.0000000000 
_pdbx_struct_oper_list.matrix[2][2]         1.0000000000 
_pdbx_struct_oper_list.matrix[2][3]         0.0000000000 
_pdbx_struct_oper_list.vector[2]            0.0000000000 
_pdbx_struct_oper_list.matrix[3][1]         0.0000000000 
_pdbx_struct_oper_list.matrix[3][2]         0.0000000000 
_pdbx_struct_oper_list.matrix[3][3]         1.0000000000 
_pdbx_struct_oper_list.vector[3]            0.0000000000 
# 
loop_
_struct_conf.conf_type_id 
_struct_conf.id 
_struct_conf.pdbx_PDB_helix_id 
_struct_conf.beg_label_comp_id 
_struct_conf.beg_label_asym_id 
_struct_conf.beg_label_seq_id 
_struct_conf.pdbx_beg_PDB_ins_code 
_struct_conf.end_label_comp_id 
_struct_conf.end_label_asym_id 
_struct_conf.end_label_seq_id 
_struct_conf.pdbx_end_PDB_ins_code 
_struct_conf.beg_auth_comp_id 
_struct_conf.beg_auth_asym_id 
_struct_conf.beg_auth_seq_id 
_struct_conf.end_auth_comp_id 
_struct_conf.end_auth_asym_id 
_struct_conf.end_auth_seq_id 
_struct_conf.pdbx_PDB_helix_class 
_struct_conf.details 
_struct_conf.pdbx_PDB_helix_length 
HELX_P HELX_P1 AA1 GLY A 1   ? ALA A 17  ? GLY A 24  ALA A 40  1 ? 17 
HELX_P HELX_P2 AA2 PRO A 19  ? ASP A 28  ? PRO A 42  ASP A 51  1 ? 10 
HELX_P HELX_P3 AA3 ASP A 31  ? ASN A 39  ? ASP A 54  ASN A 62  1 ? 9  
HELX_P HELX_P4 AA4 ARG A 50  ? LEU A 63  ? ARG A 73  LEU A 86  1 ? 14 
HELX_P HELX_P5 AA5 HIS A 73  ? HIS A 84  ? HIS A 96  HIS A 107 1 ? 12 
HELX_P HELX_P6 AA6 ASP A 87  ? THR A 105 ? ASP A 110 THR A 128 1 ? 19 
HELX_P HELX_P7 AA7 ASP A 111 ? LEU A 130 ? ASP A 134 LEU A 153 1 ? 20 
# 
_struct_conf_type.id          HELX_P 
_struct_conf_type.criteria    ? 
_struct_conf_type.reference   ? 
# 
loop_
_struct_conn.id 
_struct_conn.conn_type_id 
_struct_conn.pdbx_leaving_atom_flag 
_struct_conn.pdbx_PDB_id 
_struct_conn.ptnr1_label_asym_id 
_struct_conn.ptnr1_label_comp_id 
_struct_conn.ptnr1_label_seq_id 
_struct_conn.ptnr1_label_atom_id 
_struct_conn.pdbx_ptnr1_label_alt_id 
_struct_conn.pdbx_ptnr1_PDB_ins_code 
_struct_conn.pdbx_ptnr1_standard_comp_id 
_struct_conn.ptnr1_symmetry 
_struct_conn.ptnr2_label_asym_id 
_struct_conn.ptnr2_label_comp_id 
_struct_conn.ptnr2_label_seq_id 
_struct_conn.ptnr2_label_atom_id 
_struct_conn.pdbx_ptnr2_label_alt_id 
_struct_conn.pdbx_ptnr2_PDB_ins_code 
_struct_conn.ptnr1_auth_asym_id 
_struct_conn.ptnr1_auth_comp_id 
_struct_conn.ptnr1_auth_seq_id 
_struct_conn.ptnr2_auth_asym_id 
_struct_conn.ptnr2_auth_comp_id 
_struct_conn.ptnr2_auth_seq_id 
_struct_conn.ptnr2_symmetry 
_struct_conn.pdbx_ptnr3_label_atom_id 
_struct_conn.pdbx_ptnr3_label_seq_id 
_struct_conn.pdbx_ptnr3_label_comp_id 
_struct_conn.pdbx_ptnr3_label_asym_id 
_struct_conn.pdbx_ptnr3_label_alt_id 
_struct_conn.pdbx_ptnr3_PDB_ins_code 
_struct_conn.details 
_struct_conn.pdbx_dist_value 
_struct_conn.pdbx_value_order 
_struct_conn.pdbx_role 
disulf1 disulf ? ? A CYS 23  SG ? ? ? 1_555 A CYS 58  SG ? ? A CYS 46  A CYS 81  1_555 ? ? ? ? ? ? ? 2.035 ? ? 
disulf2 disulf ? ? A CYS 54  SG ? ? ? 1_555 A CYS 113 SG ? ? A CYS 77  A CYS 136 1_555 ? ? ? ? ? ? ? 2.049 ? ? 
disulf3 disulf ? ? A CYS 101 SG ? ? ? 1_555 A CYS 122 SG ? ? A CYS 124 A CYS 145 1_555 ? ? ? ? ? ? ? 2.054 ? ? 
# 
_struct_conn_type.id          disulf 
_struct_conn_type.criteria    ? 
_struct_conn_type.reference   ? 
# 
loop_
_pdbx_modification_feature.ordinal 
_pdbx_modification_feature.label_comp_id 
_pdbx_modification_feature.label_asym_id 
_pdbx_modification_feature.label_seq_id 
_pdbx_modification_feature.label_alt_id 
_pdbx_modification_feature.modified_residue_label_comp_id 
_pdbx_modification_feature.modified_residue_label_asym_id 
_pdbx_modification_feature.modified_residue_label_seq_id 
_pdbx_modification_feature.modified_residue_label_alt_id 
_pdbx_modification_feature.auth_comp_id 
_pdbx_modification_feature.auth_asym_id 
_pdbx_modification_feature.auth_seq_id 
_pdbx_modification_feature.PDB_ins_code 
_pdbx_modification_feature.symmetry 
_pdbx_modification_feature.modified_residue_auth_comp_id 
_pdbx_modification_feature.modified_residue_auth_asym_id 
_pdbx_modification_feature.modified_residue_auth_seq_id 
_pdbx_modification_feature.modified_residue_PDB_ins_code 
_pdbx_modification_feature.modified_residue_symmetry 
_pdbx_modification_feature.comp_id_linking_atom 
_pdbx_modification_feature.modified_residue_id_linking_atom 
_pdbx_modification_feature.modified_residue_id 
_pdbx_modification_feature.ref_pcm_id 
_pdbx_modification_feature.ref_comp_id 
_pdbx_modification_feature.type 
_pdbx_modification_feature.category 
1 CYS A 23  ? CYS A 58  ? CYS A 46  ? 1_555 CYS A 81  ? 1_555 SG SG . . . None 'Disulfide bridge' 
2 CYS A 54  ? CYS A 113 ? CYS A 77  ? 1_555 CYS A 136 ? 1_555 SG SG . . . None 'Disulfide bridge' 
3 CYS A 101 ? CYS A 122 ? CYS A 124 ? 1_555 CYS A 145 ? 1_555 SG SG . . . None 'Disulfide bridge' 
# 
_pdbx_entry_details.entry_id                   7VW9 
_pdbx_entry_details.compound_details           ? 
_pdbx_entry_details.source_details             ? 
_pdbx_entry_details.nonpolymer_details         ? 
_pdbx_entry_details.sequence_details           ? 
_pdbx_entry_details.has_ligand_of_interest     ? 
_pdbx_entry_details.has_protein_modification   Y 
# 
loop_
_pdbx_validate_close_contact.id 
_pdbx_validate_close_contact.PDB_model_num 
_pdbx_validate_close_contact.auth_atom_id_1 
_pdbx_validate_close_contact.auth_asym_id_1 
_pdbx_validate_close_contact.auth_comp_id_1 
_pdbx_validate_close_contact.auth_seq_id_1 
_pdbx_validate_close_contact.PDB_ins_code_1 
_pdbx_validate_close_contact.label_alt_id_1 
_pdbx_validate_close_contact.auth_atom_id_2 
_pdbx_validate_close_contact.auth_asym_id_2 
_pdbx_validate_close_contact.auth_comp_id_2 
_pdbx_validate_close_contact.auth_seq_id_2 
_pdbx_validate_close_contact.PDB_ins_code_2 
_pdbx_validate_close_contact.label_alt_id_2 
_pdbx_validate_close_contact.dist 
1 1 O A HOH 211 ? ? O A HOH 226 ? ? 1.80 
2 1 O A HOH 245 ? ? O A HOH 246 ? ? 2.13 
# 
loop_
_pdbx_validate_torsion.id 
_pdbx_validate_torsion.PDB_model_num 
_pdbx_validate_torsion.auth_comp_id 
_pdbx_validate_torsion.auth_asym_id 
_pdbx_validate_torsion.auth_seq_id 
_pdbx_validate_torsion.PDB_ins_code 
_pdbx_validate_torsion.label_alt_id 
_pdbx_validate_torsion.phi 
_pdbx_validate_torsion.psi 
1 1 PRO A 42 ? ? -67.16 14.43 
2 1 ASP A 51 ? ? 52.70  73.51 
3 1 ASP A 54 ? ? -67.65 11.00 
# 
loop_
_pdbx_unobs_or_zero_occ_residues.id 
_pdbx_unobs_or_zero_occ_residues.PDB_model_num 
_pdbx_unobs_or_zero_occ_residues.polymer_flag 
_pdbx_unobs_or_zero_occ_residues.occupancy_flag 
_pdbx_unobs_or_zero_occ_residues.auth_asym_id 
_pdbx_unobs_or_zero_occ_residues.auth_comp_id 
_pdbx_unobs_or_zero_occ_residues.auth_seq_id 
_pdbx_unobs_or_zero_occ_residues.PDB_ins_code 
_pdbx_unobs_or_zero_occ_residues.label_asym_id 
_pdbx_unobs_or_zero_occ_residues.label_comp_id 
_pdbx_unobs_or_zero_occ_residues.label_seq_id 
1  1 Y 1 A MET 159 ? A MET 136 
2  1 Y 1 A GLU 160 ? A GLU 137 
3  1 Y 1 A LEU 161 ? A LEU 138 
4  1 Y 1 A VAL 162 ? A VAL 139 
5  1 Y 1 A VAL 163 ? A VAL 140 
6  1 Y 1 A GLY 164 ? A GLY 141 
7  1 Y 1 A GLU 165 ? A GLU 142 
8  1 Y 1 A VAL 166 ? A VAL 143 
9  1 Y 1 A LEU 167 ? A LEU 144 
10 1 Y 1 A ALA 168 ? A ALA 145 
11 1 Y 1 A GLU 169 ? A GLU 146 
12 1 Y 1 A VAL 170 ? A VAL 147 
# 
loop_
_chem_comp_atom.comp_id 
_chem_comp_atom.atom_id 
_chem_comp_atom.type_symbol 
_chem_comp_atom.pdbx_aromatic_flag 
_chem_comp_atom.pdbx_stereo_config 
_chem_comp_atom.pdbx_ordinal 
ALA N    N N N 1   
ALA CA   C N S 2   
ALA C    C N N 3   
ALA O    O N N 4   
ALA CB   C N N 5   
ALA OXT  O N N 6   
ALA H    H N N 7   
ALA H2   H N N 8   
ALA HA   H N N 9   
ALA HB1  H N N 10  
ALA HB2  H N N 11  
ALA HB3  H N N 12  
ALA HXT  H N N 13  
ARG N    N N N 14  
ARG CA   C N S 15  
ARG C    C N N 16  
ARG O    O N N 17  
ARG CB   C N N 18  
ARG CG   C N N 19  
ARG CD   C N N 20  
ARG NE   N N N 21  
ARG CZ   C N N 22  
ARG NH1  N N N 23  
ARG NH2  N N N 24  
ARG OXT  O N N 25  
ARG H    H N N 26  
ARG H2   H N N 27  
ARG HA   H N N 28  
ARG HB2  H N N 29  
ARG HB3  H N N 30  
ARG HG2  H N N 31  
ARG HG3  H N N 32  
ARG HD2  H N N 33  
ARG HD3  H N N 34  
ARG HE   H N N 35  
ARG HH11 H N N 36  
ARG HH12 H N N 37  
ARG HH21 H N N 38  
ARG HH22 H N N 39  
ARG HXT  H N N 40  
ASN N    N N N 41  
ASN CA   C N S 42  
ASN C    C N N 43  
ASN O    O N N 44  
ASN CB   C N N 45  
ASN CG   C N N 46  
ASN OD1  O N N 47  
ASN ND2  N N N 48  
ASN OXT  O N N 49  
ASN H    H N N 50  
ASN H2   H N N 51  
ASN HA   H N N 52  
ASN HB2  H N N 53  
ASN HB3  H N N 54  
ASN HD21 H N N 55  
ASN HD22 H N N 56  
ASN HXT  H N N 57  
ASP N    N N N 58  
ASP CA   C N S 59  
ASP C    C N N 60  
ASP O    O N N 61  
ASP CB   C N N 62  
ASP CG   C N N 63  
ASP OD1  O N N 64  
ASP OD2  O N N 65  
ASP OXT  O N N 66  
ASP H    H N N 67  
ASP H2   H N N 68  
ASP HA   H N N 69  
ASP HB2  H N N 70  
ASP HB3  H N N 71  
ASP HD2  H N N 72  
ASP HXT  H N N 73  
CYS N    N N N 74  
CYS CA   C N R 75  
CYS C    C N N 76  
CYS O    O N N 77  
CYS CB   C N N 78  
CYS SG   S N N 79  
CYS OXT  O N N 80  
CYS H    H N N 81  
CYS H2   H N N 82  
CYS HA   H N N 83  
CYS HB2  H N N 84  
CYS HB3  H N N 85  
CYS HG   H N N 86  
CYS HXT  H N N 87  
GLN N    N N N 88  
GLN CA   C N S 89  
GLN C    C N N 90  
GLN O    O N N 91  
GLN CB   C N N 92  
GLN CG   C N N 93  
GLN CD   C N N 94  
GLN OE1  O N N 95  
GLN NE2  N N N 96  
GLN OXT  O N N 97  
GLN H    H N N 98  
GLN H2   H N N 99  
GLN HA   H N N 100 
GLN HB2  H N N 101 
GLN HB3  H N N 102 
GLN HG2  H N N 103 
GLN HG3  H N N 104 
GLN HE21 H N N 105 
GLN HE22 H N N 106 
GLN HXT  H N N 107 
GLU N    N N N 108 
GLU CA   C N S 109 
GLU C    C N N 110 
GLU O    O N N 111 
GLU CB   C N N 112 
GLU CG   C N N 113 
GLU CD   C N N 114 
GLU OE1  O N N 115 
GLU OE2  O N N 116 
GLU OXT  O N N 117 
GLU H    H N N 118 
GLU H2   H N N 119 
GLU HA   H N N 120 
GLU HB2  H N N 121 
GLU HB3  H N N 122 
GLU HG2  H N N 123 
GLU HG3  H N N 124 
GLU HE2  H N N 125 
GLU HXT  H N N 126 
GLY N    N N N 127 
GLY CA   C N N 128 
GLY C    C N N 129 
GLY O    O N N 130 
GLY OXT  O N N 131 
GLY H    H N N 132 
GLY H2   H N N 133 
GLY HA2  H N N 134 
GLY HA3  H N N 135 
GLY HXT  H N N 136 
HIS N    N N N 137 
HIS CA   C N S 138 
HIS C    C N N 139 
HIS O    O N N 140 
HIS CB   C N N 141 
HIS CG   C Y N 142 
HIS ND1  N Y N 143 
HIS CD2  C Y N 144 
HIS CE1  C Y N 145 
HIS NE2  N Y N 146 
HIS OXT  O N N 147 
HIS H    H N N 148 
HIS H2   H N N 149 
HIS HA   H N N 150 
HIS HB2  H N N 151 
HIS HB3  H N N 152 
HIS HD1  H N N 153 
HIS HD2  H N N 154 
HIS HE1  H N N 155 
HIS HE2  H N N 156 
HIS HXT  H N N 157 
HOH O    O N N 158 
HOH H1   H N N 159 
HOH H2   H N N 160 
ILE N    N N N 161 
ILE CA   C N S 162 
ILE C    C N N 163 
ILE O    O N N 164 
ILE CB   C N S 165 
ILE CG1  C N N 166 
ILE CG2  C N N 167 
ILE CD1  C N N 168 
ILE OXT  O N N 169 
ILE H    H N N 170 
ILE H2   H N N 171 
ILE HA   H N N 172 
ILE HB   H N N 173 
ILE HG12 H N N 174 
ILE HG13 H N N 175 
ILE HG21 H N N 176 
ILE HG22 H N N 177 
ILE HG23 H N N 178 
ILE HD11 H N N 179 
ILE HD12 H N N 180 
ILE HD13 H N N 181 
ILE HXT  H N N 182 
LEU N    N N N 183 
LEU CA   C N S 184 
LEU C    C N N 185 
LEU O    O N N 186 
LEU CB   C N N 187 
LEU CG   C N N 188 
LEU CD1  C N N 189 
LEU CD2  C N N 190 
LEU OXT  O N N 191 
LEU H    H N N 192 
LEU H2   H N N 193 
LEU HA   H N N 194 
LEU HB2  H N N 195 
LEU HB3  H N N 196 
LEU HG   H N N 197 
LEU HD11 H N N 198 
LEU HD12 H N N 199 
LEU HD13 H N N 200 
LEU HD21 H N N 201 
LEU HD22 H N N 202 
LEU HD23 H N N 203 
LEU HXT  H N N 204 
LYS N    N N N 205 
LYS CA   C N S 206 
LYS C    C N N 207 
LYS O    O N N 208 
LYS CB   C N N 209 
LYS CG   C N N 210 
LYS CD   C N N 211 
LYS CE   C N N 212 
LYS NZ   N N N 213 
LYS OXT  O N N 214 
LYS H    H N N 215 
LYS H2   H N N 216 
LYS HA   H N N 217 
LYS HB2  H N N 218 
LYS HB3  H N N 219 
LYS HG2  H N N 220 
LYS HG3  H N N 221 
LYS HD2  H N N 222 
LYS HD3  H N N 223 
LYS HE2  H N N 224 
LYS HE3  H N N 225 
LYS HZ1  H N N 226 
LYS HZ2  H N N 227 
LYS HZ3  H N N 228 
LYS HXT  H N N 229 
MET N    N N N 230 
MET CA   C N S 231 
MET C    C N N 232 
MET O    O N N 233 
MET CB   C N N 234 
MET CG   C N N 235 
MET SD   S N N 236 
MET CE   C N N 237 
MET OXT  O N N 238 
MET H    H N N 239 
MET H2   H N N 240 
MET HA   H N N 241 
MET HB2  H N N 242 
MET HB3  H N N 243 
MET HG2  H N N 244 
MET HG3  H N N 245 
MET HE1  H N N 246 
MET HE2  H N N 247 
MET HE3  H N N 248 
MET HXT  H N N 249 
PHE N    N N N 250 
PHE CA   C N S 251 
PHE C    C N N 252 
PHE O    O N N 253 
PHE CB   C N N 254 
PHE CG   C Y N 255 
PHE CD1  C Y N 256 
PHE CD2  C Y N 257 
PHE CE1  C Y N 258 
PHE CE2  C Y N 259 
PHE CZ   C Y N 260 
PHE OXT  O N N 261 
PHE H    H N N 262 
PHE H2   H N N 263 
PHE HA   H N N 264 
PHE HB2  H N N 265 
PHE HB3  H N N 266 
PHE HD1  H N N 267 
PHE HD2  H N N 268 
PHE HE1  H N N 269 
PHE HE2  H N N 270 
PHE HZ   H N N 271 
PHE HXT  H N N 272 
PRO N    N N N 273 
PRO CA   C N S 274 
PRO C    C N N 275 
PRO O    O N N 276 
PRO CB   C N N 277 
PRO CG   C N N 278 
PRO CD   C N N 279 
PRO OXT  O N N 280 
PRO H    H N N 281 
PRO HA   H N N 282 
PRO HB2  H N N 283 
PRO HB3  H N N 284 
PRO HG2  H N N 285 
PRO HG3  H N N 286 
PRO HD2  H N N 287 
PRO HD3  H N N 288 
PRO HXT  H N N 289 
SER N    N N N 290 
SER CA   C N S 291 
SER C    C N N 292 
SER O    O N N 293 
SER CB   C N N 294 
SER OG   O N N 295 
SER OXT  O N N 296 
SER H    H N N 297 
SER H2   H N N 298 
SER HA   H N N 299 
SER HB2  H N N 300 
SER HB3  H N N 301 
SER HG   H N N 302 
SER HXT  H N N 303 
THR N    N N N 304 
THR CA   C N S 305 
THR C    C N N 306 
THR O    O N N 307 
THR CB   C N R 308 
THR OG1  O N N 309 
THR CG2  C N N 310 
THR OXT  O N N 311 
THR H    H N N 312 
THR H2   H N N 313 
THR HA   H N N 314 
THR HB   H N N 315 
THR HG1  H N N 316 
THR HG21 H N N 317 
THR HG22 H N N 318 
THR HG23 H N N 319 
THR HXT  H N N 320 
TRP N    N N N 321 
TRP CA   C N S 322 
TRP C    C N N 323 
TRP O    O N N 324 
TRP CB   C N N 325 
TRP CG   C Y N 326 
TRP CD1  C Y N 327 
TRP CD2  C Y N 328 
TRP NE1  N Y N 329 
TRP CE2  C Y N 330 
TRP CE3  C Y N 331 
TRP CZ2  C Y N 332 
TRP CZ3  C Y N 333 
TRP CH2  C Y N 334 
TRP OXT  O N N 335 
TRP H    H N N 336 
TRP H2   H N N 337 
TRP HA   H N N 338 
TRP HB2  H N N 339 
TRP HB3  H N N 340 
TRP HD1  H N N 341 
TRP HE1  H N N 342 
TRP HE3  H N N 343 
TRP HZ2  H N N 344 
TRP HZ3  H N N 345 
TRP HH2  H N N 346 
TRP HXT  H N N 347 
TYR N    N N N 348 
TYR CA   C N S 349 
TYR C    C N N 350 
TYR O    O N N 351 
TYR CB   C N N 352 
TYR CG   C Y N 353 
TYR CD1  C Y N 354 
TYR CD2  C Y N 355 
TYR CE1  C Y N 356 
TYR CE2  C Y N 357 
TYR CZ   C Y N 358 
TYR OH   O N N 359 
TYR OXT  O N N 360 
TYR H    H N N 361 
TYR H2   H N N 362 
TYR HA   H N N 363 
TYR HB2  H N N 364 
TYR HB3  H N N 365 
TYR HD1  H N N 366 
TYR HD2  H N N 367 
TYR HE1  H N N 368 
TYR HE2  H N N 369 
TYR HH   H N N 370 
TYR HXT  H N N 371 
VAL N    N N N 372 
VAL CA   C N S 373 
VAL C    C N N 374 
VAL O    O N N 375 
VAL CB   C N N 376 
VAL CG1  C N N 377 
VAL CG2  C N N 378 
VAL OXT  O N N 379 
VAL H    H N N 380 
VAL H2   H N N 381 
VAL HA   H N N 382 
VAL HB   H N N 383 
VAL HG11 H N N 384 
VAL HG12 H N N 385 
VAL HG13 H N N 386 
VAL HG21 H N N 387 
VAL HG22 H N N 388 
VAL HG23 H N N 389 
VAL HXT  H N N 390 
# 
loop_
_chem_comp_bond.comp_id 
_chem_comp_bond.atom_id_1 
_chem_comp_bond.atom_id_2 
_chem_comp_bond.value_order 
_chem_comp_bond.pdbx_aromatic_flag 
_chem_comp_bond.pdbx_stereo_config 
_chem_comp_bond.pdbx_ordinal 
ALA N   CA   sing N N 1   
ALA N   H    sing N N 2   
ALA N   H2   sing N N 3   
ALA CA  C    sing N N 4   
ALA CA  CB   sing N N 5   
ALA CA  HA   sing N N 6   
ALA C   O    doub N N 7   
ALA C   OXT  sing N N 8   
ALA CB  HB1  sing N N 9   
ALA CB  HB2  sing N N 10  
ALA CB  HB3  sing N N 11  
ALA OXT HXT  sing N N 12  
ARG N   CA   sing N N 13  
ARG N   H    sing N N 14  
ARG N   H2   sing N N 15  
ARG CA  C    sing N N 16  
ARG CA  CB   sing N N 17  
ARG CA  HA   sing N N 18  
ARG C   O    doub N N 19  
ARG C   OXT  sing N N 20  
ARG CB  CG   sing N N 21  
ARG CB  HB2  sing N N 22  
ARG CB  HB3  sing N N 23  
ARG CG  CD   sing N N 24  
ARG CG  HG2  sing N N 25  
ARG CG  HG3  sing N N 26  
ARG CD  NE   sing N N 27  
ARG CD  HD2  sing N N 28  
ARG CD  HD3  sing N N 29  
ARG NE  CZ   sing N N 30  
ARG NE  HE   sing N N 31  
ARG CZ  NH1  sing N N 32  
ARG CZ  NH2  doub N N 33  
ARG NH1 HH11 sing N N 34  
ARG NH1 HH12 sing N N 35  
ARG NH2 HH21 sing N N 36  
ARG NH2 HH22 sing N N 37  
ARG OXT HXT  sing N N 38  
ASN N   CA   sing N N 39  
ASN N   H    sing N N 40  
ASN N   H2   sing N N 41  
ASN CA  C    sing N N 42  
ASN CA  CB   sing N N 43  
ASN CA  HA   sing N N 44  
ASN C   O    doub N N 45  
ASN C   OXT  sing N N 46  
ASN CB  CG   sing N N 47  
ASN CB  HB2  sing N N 48  
ASN CB  HB3  sing N N 49  
ASN CG  OD1  doub N N 50  
ASN CG  ND2  sing N N 51  
ASN ND2 HD21 sing N N 52  
ASN ND2 HD22 sing N N 53  
ASN OXT HXT  sing N N 54  
ASP N   CA   sing N N 55  
ASP N   H    sing N N 56  
ASP N   H2   sing N N 57  
ASP CA  C    sing N N 58  
ASP CA  CB   sing N N 59  
ASP CA  HA   sing N N 60  
ASP C   O    doub N N 61  
ASP C   OXT  sing N N 62  
ASP CB  CG   sing N N 63  
ASP CB  HB2  sing N N 64  
ASP CB  HB3  sing N N 65  
ASP CG  OD1  doub N N 66  
ASP CG  OD2  sing N N 67  
ASP OD2 HD2  sing N N 68  
ASP OXT HXT  sing N N 69  
CYS N   CA   sing N N 70  
CYS N   H    sing N N 71  
CYS N   H2   sing N N 72  
CYS CA  C    sing N N 73  
CYS CA  CB   sing N N 74  
CYS CA  HA   sing N N 75  
CYS C   O    doub N N 76  
CYS C   OXT  sing N N 77  
CYS CB  SG   sing N N 78  
CYS CB  HB2  sing N N 79  
CYS CB  HB3  sing N N 80  
CYS SG  HG   sing N N 81  
CYS OXT HXT  sing N N 82  
GLN N   CA   sing N N 83  
GLN N   H    sing N N 84  
GLN N   H2   sing N N 85  
GLN CA  C    sing N N 86  
GLN CA  CB   sing N N 87  
GLN CA  HA   sing N N 88  
GLN C   O    doub N N 89  
GLN C   OXT  sing N N 90  
GLN CB  CG   sing N N 91  
GLN CB  HB2  sing N N 92  
GLN CB  HB3  sing N N 93  
GLN CG  CD   sing N N 94  
GLN CG  HG2  sing N N 95  
GLN CG  HG3  sing N N 96  
GLN CD  OE1  doub N N 97  
GLN CD  NE2  sing N N 98  
GLN NE2 HE21 sing N N 99  
GLN NE2 HE22 sing N N 100 
GLN OXT HXT  sing N N 101 
GLU N   CA   sing N N 102 
GLU N   H    sing N N 103 
GLU N   H2   sing N N 104 
GLU CA  C    sing N N 105 
GLU CA  CB   sing N N 106 
GLU CA  HA   sing N N 107 
GLU C   O    doub N N 108 
GLU C   OXT  sing N N 109 
GLU CB  CG   sing N N 110 
GLU CB  HB2  sing N N 111 
GLU CB  HB3  sing N N 112 
GLU CG  CD   sing N N 113 
GLU CG  HG2  sing N N 114 
GLU CG  HG3  sing N N 115 
GLU CD  OE1  doub N N 116 
GLU CD  OE2  sing N N 117 
GLU OE2 HE2  sing N N 118 
GLU OXT HXT  sing N N 119 
GLY N   CA   sing N N 120 
GLY N   H    sing N N 121 
GLY N   H2   sing N N 122 
GLY CA  C    sing N N 123 
GLY CA  HA2  sing N N 124 
GLY CA  HA3  sing N N 125 
GLY C   O    doub N N 126 
GLY C   OXT  sing N N 127 
GLY OXT HXT  sing N N 128 
HIS N   CA   sing N N 129 
HIS N   H    sing N N 130 
HIS N   H2   sing N N 131 
HIS CA  C    sing N N 132 
HIS CA  CB   sing N N 133 
HIS CA  HA   sing N N 134 
HIS C   O    doub N N 135 
HIS C   OXT  sing N N 136 
HIS CB  CG   sing N N 137 
HIS CB  HB2  sing N N 138 
HIS CB  HB3  sing N N 139 
HIS CG  ND1  sing Y N 140 
HIS CG  CD2  doub Y N 141 
HIS ND1 CE1  doub Y N 142 
HIS ND1 HD1  sing N N 143 
HIS CD2 NE2  sing Y N 144 
HIS CD2 HD2  sing N N 145 
HIS CE1 NE2  sing Y N 146 
HIS CE1 HE1  sing N N 147 
HIS NE2 HE2  sing N N 148 
HIS OXT HXT  sing N N 149 
HOH O   H1   sing N N 150 
HOH O   H2   sing N N 151 
ILE N   CA   sing N N 152 
ILE N   H    sing N N 153 
ILE N   H2   sing N N 154 
ILE CA  C    sing N N 155 
ILE CA  CB   sing N N 156 
ILE CA  HA   sing N N 157 
ILE C   O    doub N N 158 
ILE C   OXT  sing N N 159 
ILE CB  CG1  sing N N 160 
ILE CB  CG2  sing N N 161 
ILE CB  HB   sing N N 162 
ILE CG1 CD1  sing N N 163 
ILE CG1 HG12 sing N N 164 
ILE CG1 HG13 sing N N 165 
ILE CG2 HG21 sing N N 166 
ILE CG2 HG22 sing N N 167 
ILE CG2 HG23 sing N N 168 
ILE CD1 HD11 sing N N 169 
ILE CD1 HD12 sing N N 170 
ILE CD1 HD13 sing N N 171 
ILE OXT HXT  sing N N 172 
LEU N   CA   sing N N 173 
LEU N   H    sing N N 174 
LEU N   H2   sing N N 175 
LEU CA  C    sing N N 176 
LEU CA  CB   sing N N 177 
LEU CA  HA   sing N N 178 
LEU C   O    doub N N 179 
LEU C   OXT  sing N N 180 
LEU CB  CG   sing N N 181 
LEU CB  HB2  sing N N 182 
LEU CB  HB3  sing N N 183 
LEU CG  CD1  sing N N 184 
LEU CG  CD2  sing N N 185 
LEU CG  HG   sing N N 186 
LEU CD1 HD11 sing N N 187 
LEU CD1 HD12 sing N N 188 
LEU CD1 HD13 sing N N 189 
LEU CD2 HD21 sing N N 190 
LEU CD2 HD22 sing N N 191 
LEU CD2 HD23 sing N N 192 
LEU OXT HXT  sing N N 193 
LYS N   CA   sing N N 194 
LYS N   H    sing N N 195 
LYS N   H2   sing N N 196 
LYS CA  C    sing N N 197 
LYS CA  CB   sing N N 198 
LYS CA  HA   sing N N 199 
LYS C   O    doub N N 200 
LYS C   OXT  sing N N 201 
LYS CB  CG   sing N N 202 
LYS CB  HB2  sing N N 203 
LYS CB  HB3  sing N N 204 
LYS CG  CD   sing N N 205 
LYS CG  HG2  sing N N 206 
LYS CG  HG3  sing N N 207 
LYS CD  CE   sing N N 208 
LYS CD  HD2  sing N N 209 
LYS CD  HD3  sing N N 210 
LYS CE  NZ   sing N N 211 
LYS CE  HE2  sing N N 212 
LYS CE  HE3  sing N N 213 
LYS NZ  HZ1  sing N N 214 
LYS NZ  HZ2  sing N N 215 
LYS NZ  HZ3  sing N N 216 
LYS OXT HXT  sing N N 217 
MET N   CA   sing N N 218 
MET N   H    sing N N 219 
MET N   H2   sing N N 220 
MET CA  C    sing N N 221 
MET CA  CB   sing N N 222 
MET CA  HA   sing N N 223 
MET C   O    doub N N 224 
MET C   OXT  sing N N 225 
MET CB  CG   sing N N 226 
MET CB  HB2  sing N N 227 
MET CB  HB3  sing N N 228 
MET CG  SD   sing N N 229 
MET CG  HG2  sing N N 230 
MET CG  HG3  sing N N 231 
MET SD  CE   sing N N 232 
MET CE  HE1  sing N N 233 
MET CE  HE2  sing N N 234 
MET CE  HE3  sing N N 235 
MET OXT HXT  sing N N 236 
PHE N   CA   sing N N 237 
PHE N   H    sing N N 238 
PHE N   H2   sing N N 239 
PHE CA  C    sing N N 240 
PHE CA  CB   sing N N 241 
PHE CA  HA   sing N N 242 
PHE C   O    doub N N 243 
PHE C   OXT  sing N N 244 
PHE CB  CG   sing N N 245 
PHE CB  HB2  sing N N 246 
PHE CB  HB3  sing N N 247 
PHE CG  CD1  doub Y N 248 
PHE CG  CD2  sing Y N 249 
PHE CD1 CE1  sing Y N 250 
PHE CD1 HD1  sing N N 251 
PHE CD2 CE2  doub Y N 252 
PHE CD2 HD2  sing N N 253 
PHE CE1 CZ   doub Y N 254 
PHE CE1 HE1  sing N N 255 
PHE CE2 CZ   sing Y N 256 
PHE CE2 HE2  sing N N 257 
PHE CZ  HZ   sing N N 258 
PHE OXT HXT  sing N N 259 
PRO N   CA   sing N N 260 
PRO N   CD   sing N N 261 
PRO N   H    sing N N 262 
PRO CA  C    sing N N 263 
PRO CA  CB   sing N N 264 
PRO CA  HA   sing N N 265 
PRO C   O    doub N N 266 
PRO C   OXT  sing N N 267 
PRO CB  CG   sing N N 268 
PRO CB  HB2  sing N N 269 
PRO CB  HB3  sing N N 270 
PRO CG  CD   sing N N 271 
PRO CG  HG2  sing N N 272 
PRO CG  HG3  sing N N 273 
PRO CD  HD2  sing N N 274 
PRO CD  HD3  sing N N 275 
PRO OXT HXT  sing N N 276 
SER N   CA   sing N N 277 
SER N   H    sing N N 278 
SER N   H2   sing N N 279 
SER CA  C    sing N N 280 
SER CA  CB   sing N N 281 
SER CA  HA   sing N N 282 
SER C   O    doub N N 283 
SER C   OXT  sing N N 284 
SER CB  OG   sing N N 285 
SER CB  HB2  sing N N 286 
SER CB  HB3  sing N N 287 
SER OG  HG   sing N N 288 
SER OXT HXT  sing N N 289 
THR N   CA   sing N N 290 
THR N   H    sing N N 291 
THR N   H2   sing N N 292 
THR CA  C    sing N N 293 
THR CA  CB   sing N N 294 
THR CA  HA   sing N N 295 
THR C   O    doub N N 296 
THR C   OXT  sing N N 297 
THR CB  OG1  sing N N 298 
THR CB  CG2  sing N N 299 
THR CB  HB   sing N N 300 
THR OG1 HG1  sing N N 301 
THR CG2 HG21 sing N N 302 
THR CG2 HG22 sing N N 303 
THR CG2 HG23 sing N N 304 
THR OXT HXT  sing N N 305 
TRP N   CA   sing N N 306 
TRP N   H    sing N N 307 
TRP N   H2   sing N N 308 
TRP CA  C    sing N N 309 
TRP CA  CB   sing N N 310 
TRP CA  HA   sing N N 311 
TRP C   O    doub N N 312 
TRP C   OXT  sing N N 313 
TRP CB  CG   sing N N 314 
TRP CB  HB2  sing N N 315 
TRP CB  HB3  sing N N 316 
TRP CG  CD1  doub Y N 317 
TRP CG  CD2  sing Y N 318 
TRP CD1 NE1  sing Y N 319 
TRP CD1 HD1  sing N N 320 
TRP CD2 CE2  doub Y N 321 
TRP CD2 CE3  sing Y N 322 
TRP NE1 CE2  sing Y N 323 
TRP NE1 HE1  sing N N 324 
TRP CE2 CZ2  sing Y N 325 
TRP CE3 CZ3  doub Y N 326 
TRP CE3 HE3  sing N N 327 
TRP CZ2 CH2  doub Y N 328 
TRP CZ2 HZ2  sing N N 329 
TRP CZ3 CH2  sing Y N 330 
TRP CZ3 HZ3  sing N N 331 
TRP CH2 HH2  sing N N 332 
TRP OXT HXT  sing N N 333 
TYR N   CA   sing N N 334 
TYR N   H    sing N N 335 
TYR N   H2   sing N N 336 
TYR CA  C    sing N N 337 
TYR CA  CB   sing N N 338 
TYR CA  HA   sing N N 339 
TYR C   O    doub N N 340 
TYR C   OXT  sing N N 341 
TYR CB  CG   sing N N 342 
TYR CB  HB2  sing N N 343 
TYR CB  HB3  sing N N 344 
TYR CG  CD1  doub Y N 345 
TYR CG  CD2  sing Y N 346 
TYR CD1 CE1  sing Y N 347 
TYR CD1 HD1  sing N N 348 
TYR CD2 CE2  doub Y N 349 
TYR CD2 HD2  sing N N 350 
TYR CE1 CZ   doub Y N 351 
TYR CE1 HE1  sing N N 352 
TYR CE2 CZ   sing Y N 353 
TYR CE2 HE2  sing N N 354 
TYR CZ  OH   sing N N 355 
TYR OH  HH   sing N N 356 
TYR OXT HXT  sing N N 357 
VAL N   CA   sing N N 358 
VAL N   H    sing N N 359 
VAL N   H2   sing N N 360 
VAL CA  C    sing N N 361 
VAL CA  CB   sing N N 362 
VAL CA  HA   sing N N 363 
VAL C   O    doub N N 364 
VAL C   OXT  sing N N 365 
VAL CB  CG1  sing N N 366 
VAL CB  CG2  sing N N 367 
VAL CB  HB   sing N N 368 
VAL CG1 HG11 sing N N 369 
VAL CG1 HG12 sing N N 370 
VAL CG1 HG13 sing N N 371 
VAL CG2 HG21 sing N N 372 
VAL CG2 HG22 sing N N 373 
VAL CG2 HG23 sing N N 374 
VAL OXT HXT  sing N N 375 
# 
_pdbx_audit_support.funding_organization   'National Natural Science Foundation of China (NSFC)' 
_pdbx_audit_support.country                China 
_pdbx_audit_support.grant_number           31872713 
_pdbx_audit_support.ordinal                1 
# 
_pdbx_initial_refinement_model.id               1 
_pdbx_initial_refinement_model.entity_id_list   ? 
_pdbx_initial_refinement_model.type             'experimental model' 
_pdbx_initial_refinement_model.source_name      PDB 
_pdbx_initial_refinement_model.accession_code   7VW8 
_pdbx_initial_refinement_model.details          ? 
# 
_atom_sites.entry_id                    7VW9 
_atom_sites.Cartn_transf_matrix[1][1]   ? 
_atom_sites.Cartn_transf_matrix[1][2]   ? 
_atom_sites.Cartn_transf_matrix[1][3]   ? 
_atom_sites.Cartn_transf_matrix[2][1]   ? 
_atom_sites.Cartn_transf_matrix[2][2]   ? 
_atom_sites.Cartn_transf_matrix[2][3]   ? 
_atom_sites.Cartn_transf_matrix[3][1]   ? 
_atom_sites.Cartn_transf_matrix[3][2]   ? 
_atom_sites.Cartn_transf_matrix[3][3]   ? 
_atom_sites.Cartn_transf_vector[1]      ? 
_atom_sites.Cartn_transf_vector[2]      ? 
_atom_sites.Cartn_transf_vector[3]      ? 
_atom_sites.fract_transf_matrix[1][1]   0.00769952 
_atom_sites.fract_transf_matrix[1][2]   -0.00864485 
_atom_sites.fract_transf_matrix[1][3]   0.02905687 
_atom_sites.fract_transf_matrix[2][1]   -0.02195788 
_atom_sites.fract_transf_matrix[2][2]   0.01720352 
_atom_sites.fract_transf_matrix[2][3]   0.01093672 
_atom_sites.fract_transf_matrix[3][1]   -0.01069745 
_atom_sites.fract_transf_matrix[3][2]   -0.01476547 
_atom_sites.fract_transf_matrix[3][3]   0.00174867 
_atom_sites.fract_transf_vector[1]      0.324190 
_atom_sites.fract_transf_vector[2]      0.009107 
_atom_sites.fract_transf_vector[3]      0.238436 
_atom_sites.solution_primary            ? 
_atom_sites.solution_secondary          ? 
_atom_sites.solution_hydrogens          ? 
_atom_sites.special_details             ? 
# 
loop_
_atom_type.symbol 
C 
N 
O 
S 
# 
loop_
_atom_site.group_PDB 
_atom_site.id 
_atom_site.type_symbol 
_atom_site.label_atom_id 
_atom_site.label_alt_id 
_atom_site.label_comp_id 
_atom_site.label_asym_id 
_atom_site.label_entity_id 
_atom_site.label_seq_id 
_atom_site.pdbx_PDB_ins_code 
_atom_site.Cartn_x 
_atom_site.Cartn_y 
_atom_site.Cartn_z 
_atom_site.occupancy 
_atom_site.B_iso_or_equiv 
_atom_site.pdbx_formal_charge 
_atom_site.auth_seq_id 
_atom_site.auth_comp_id 
_atom_site.auth_asym_id 
_atom_site.auth_atom_id 
_atom_site.pdbx_PDB_model_num 
ATOM   1    N N   . GLY A 1 1   ? 4.568   22.850  2.092   1.00 39.97 ? 24  GLY A N   1 
ATOM   2    C CA  . GLY A 1 1   ? 5.311   21.961  1.168   1.00 34.35 ? 24  GLY A CA  1 
ATOM   3    C C   . GLY A 1 1   ? 4.585   20.639  1.044   1.00 32.62 ? 24  GLY A C   1 
ATOM   4    O O   . GLY A 1 1   ? 5.202   19.577  1.106   1.00 30.73 ? 24  GLY A O   1 
ATOM   5    N N   . SER A 1 2   ? 3.270   20.724  0.870   1.00 32.94 ? 25  SER A N   1 
ATOM   6    C CA  . SER A 1 2   ? 2.419   19.556  0.611   1.00 34.38 ? 25  SER A CA  1 
ATOM   7    C C   . SER A 1 2   ? 2.845   18.823  -0.670  1.00 36.14 ? 25  SER A C   1 
ATOM   8    O O   . SER A 1 2   ? 2.771   17.593  -0.736  1.00 34.44 ? 25  SER A O   1 
ATOM   9    C CB  . SER A 1 2   ? 0.960   19.978  0.523   1.00 34.75 ? 25  SER A CB  1 
ATOM   10   N N   . MET A 1 3   ? 3.299   19.593  -1.666  1.00 37.57 ? 26  MET A N   1 
ATOM   11   C CA  . MET A 1 3   ? 3.800   19.056  -2.940  1.00 36.85 ? 26  MET A CA  1 
ATOM   12   C C   . MET A 1 3   ? 5.061   18.216  -2.745  1.00 34.54 ? 26  MET A C   1 
ATOM   13   O O   . MET A 1 3   ? 5.172   17.140  -3.317  1.00 35.11 ? 26  MET A O   1 
ATOM   14   C CB  . MET A 1 3   ? 4.039   20.181  -3.952  1.00 39.57 ? 26  MET A CB  1 
ATOM   15   C CG  . MET A 1 3   ? 4.102   19.730  -5.405  1.00 45.61 ? 26  MET A CG  1 
ATOM   16   S SD  . MET A 1 3   ? 4.408   21.078  -6.574  0.50 47.32 ? 26  MET A SD  1 
ATOM   17   C CE  . MET A 1 3   ? 2.898   22.046  -6.431  1.00 46.69 ? 26  MET A CE  1 
ATOM   18   N N   . ALA A 1 4   ? 6.000   18.691  -1.928  1.00 33.13 ? 27  ALA A N   1 
ATOM   19   C CA  . ALA A 1 4   ? 7.147   17.871  -1.527  1.00 31.45 ? 27  ALA A CA  1 
ATOM   20   C C   . ALA A 1 4   ? 6.754   16.543  -0.869  1.00 30.48 ? 27  ALA A C   1 
ATOM   21   O O   . ALA A 1 4   ? 7.359   15.521  -1.164  1.00 30.31 ? 27  ALA A O   1 
ATOM   22   C CB  . ALA A 1 4   ? 8.093   18.648  -0.628  1.00 33.03 ? 27  ALA A CB  1 
ATOM   23   N N   . SER A 1 5   ? 5.751   16.555  0.011   1.00 31.14 ? 28  SER A N   1 
ATOM   24   C CA  . SER A 1 5   ? 5.299   15.329  0.691   1.00 29.59 ? 28  SER A CA  1 
ATOM   25   C C   . SER A 1 5   ? 4.579   14.384  -0.269  1.00 29.39 ? 28  SER A C   1 
ATOM   26   O O   . SER A 1 5   ? 4.720   13.171  -0.172  1.00 26.51 ? 28  SER A O   1 
ATOM   27   C CB  . SER A 1 5   ? 4.399   15.643  1.884   1.00 29.53 ? 28  SER A CB  1 
ATOM   28   O OG  . SER A 1 5   ? 5.149   16.092  3.005   1.00 30.64 ? 28  SER A OG  1 
ATOM   29   N N   . GLN A 1 6   ? 3.804   14.956  -1.187  1.00 30.17 ? 29  GLN A N   1 
ATOM   30   C CA  . GLN A 1 6   ? 3.173   14.184  -2.257  1.00 31.49 ? 29  GLN A CA  1 
ATOM   31   C C   . GLN A 1 6   ? 4.210   13.481  -3.103  1.00 31.13 ? 29  GLN A C   1 
ATOM   32   O O   . GLN A 1 6   ? 4.015   12.327  -3.486  1.00 33.83 ? 29  GLN A O   1 
ATOM   33   C CB  . GLN A 1 6   ? 2.325   15.085  -3.140  1.00 32.53 ? 29  GLN A CB  1 
ATOM   34   C CG  . GLN A 1 6   ? 1.038   15.536  -2.478  1.00 35.19 ? 29  GLN A CG  1 
ATOM   35   C CD  . GLN A 1 6   ? 0.402   16.697  -3.205  1.00 37.69 ? 29  GLN A CD  1 
ATOM   36   O OE1 . GLN A 1 6   ? 0.596   16.873  -4.414  1.00 39.97 ? 29  GLN A OE1 1 
ATOM   37   N NE2 . GLN A 1 6   ? -0.352  17.505  -2.472  1.00 37.99 ? 29  GLN A NE2 1 
ATOM   38   N N   . ASP A 1 7   ? 5.304   14.183  -3.392  1.00 31.98 ? 30  ASP A N   1 
ATOM   39   C CA  . ASP A 1 7   ? 6.409   13.636  -4.174  1.00 32.52 ? 30  ASP A CA  1 
ATOM   40   C C   . ASP A 1 7   ? 7.097   12.450  -3.496  1.00 29.67 ? 30  ASP A C   1 
ATOM   41   O O   . ASP A 1 7   ? 7.545   11.520  -4.167  1.00 28.87 ? 30  ASP A O   1 
ATOM   42   C CB  . ASP A 1 7   ? 7.421   14.733  -4.504  1.00 35.62 ? 30  ASP A CB  1 
ATOM   43   C CG  . ASP A 1 7   ? 6.902   15.702  -5.550  1.00 41.35 ? 30  ASP A CG  1 
ATOM   44   O OD1 . ASP A 1 7   ? 5.990   15.325  -6.327  1.00 42.57 ? 30  ASP A OD1 1 
ATOM   45   O OD2 . ASP A 1 7   ? 7.413   16.844  -5.600  1.00 45.95 ? 30  ASP A OD2 1 
ATOM   46   N N   . VAL A 1 8   ? 7.183   12.491  -2.170  1.00 27.11 ? 31  VAL A N   1 
ATOM   47   C CA  . VAL A 1 8   ? 7.659   11.351  -1.382  1.00 26.92 ? 31  VAL A CA  1 
ATOM   48   C C   . VAL A 1 8   ? 6.721   10.143  -1.535  1.00 25.91 ? 31  VAL A C   1 
ATOM   49   O O   . VAL A 1 8   ? 7.186   9.014   -1.738  1.00 24.74 ? 31  VAL A O   1 
ATOM   50   C CB  . VAL A 1 8   ? 7.805   11.715  0.132   1.00 27.70 ? 31  VAL A CB  1 
ATOM   51   C CG1 . VAL A 1 8   ? 8.259   10.513  0.955   1.00 27.15 ? 31  VAL A CG1 1 
ATOM   52   C CG2 . VAL A 1 8   ? 8.760   12.875  0.316   1.00 26.98 ? 31  VAL A CG2 1 
ATOM   53   N N   . ILE A 1 9   ? 5.411   10.377  -1.440  1.00 25.78 ? 32  ILE A N   1 
ATOM   54   C CA  . ILE A 1 9   ? 4.424   9.285   -1.601  1.00 26.17 ? 32  ILE A CA  1 
ATOM   55   C C   . ILE A 1 9   ? 4.422   8.723   -3.024  1.00 27.00 ? 32  ILE A C   1 
ATOM   56   O O   . ILE A 1 9   ? 4.221   7.511   -3.219  1.00 26.92 ? 32  ILE A O   1 
ATOM   57   C CB  . ILE A 1 9   ? 2.984   9.718   -1.238  1.00 26.18 ? 32  ILE A CB  1 
ATOM   58   C CG1 . ILE A 1 9   ? 2.890   10.161  0.236   1.00 26.86 ? 32  ILE A CG1 1 
ATOM   59   C CG2 . ILE A 1 9   ? 1.987   8.594   -1.497  1.00 25.02 ? 32  ILE A CG2 1 
ATOM   60   C CD1 . ILE A 1 9   ? 3.363   9.139   1.253   1.00 26.21 ? 32  ILE A CD1 1 
ATOM   61   N N   . LYS A 1 10  ? 4.644   9.596   -4.006  1.00 27.45 ? 33  LYS A N   1 
ATOM   62   C CA  . LYS A 1 10  ? 4.776   9.170   -5.408  1.00 29.40 ? 33  LYS A CA  1 
ATOM   63   C C   . LYS A 1 10  ? 5.973   8.224   -5.573  1.00 28.83 ? 33  LYS A C   1 
ATOM   64   O O   . LYS A 1 10  ? 5.842   7.132   -6.129  1.00 26.49 ? 33  LYS A O   1 
ATOM   65   C CB  . LYS A 1 10  ? 4.911   10.389  -6.331  1.00 30.20 ? 33  LYS A CB  1 
ATOM   66   C CG  . LYS A 1 10  ? 4.942   10.053  -7.823  1.00 33.39 ? 33  LYS A CG  1 
ATOM   67   C CD  . LYS A 1 10  ? 5.394   11.265  -8.632  1.00 35.50 ? 33  LYS A CD  1 
ATOM   68   C CE  . LYS A 1 10  ? 5.597   10.936  -10.110 1.00 38.11 ? 33  LYS A CE  1 
ATOM   69   N N   . ASN A 1 11  ? 7.129   8.642   -5.059  1.00 29.99 ? 34  ASN A N   1 
ATOM   70   C CA  . ASN A 1 11  ? 8.346   7.821   -5.080  1.00 31.74 ? 34  ASN A CA  1 
ATOM   71   C C   . ASN A 1 11  ? 8.206   6.460   -4.395  1.00 31.13 ? 34  ASN A C   1 
ATOM   72   O O   . ASN A 1 11  ? 8.710   5.453   -4.898  1.00 28.54 ? 34  ASN A O   1 
ATOM   73   C CB  . ASN A 1 11  ? 9.515   8.583   -4.447  1.00 36.15 ? 34  ASN A CB  1 
ATOM   74   C CG  . ASN A 1 11  ? 10.857  7.978   -4.792  1.00 41.06 ? 34  ASN A CG  1 
ATOM   75   O OD1 . ASN A 1 11  ? 11.243  7.938   -5.963  1.00 45.90 ? 34  ASN A OD1 1 
ATOM   76   N ND2 . ASN A 1 11  ? 11.583  7.505   -3.777  1.00 42.94 ? 34  ASN A ND2 1 
ATOM   77   N N   . LEU A 1 12  ? 7.551   6.445   -3.234  1.00 29.89 ? 35  LEU A N   1 
ATOM   78   C CA  . LEU A 1 12  ? 7.264   5.209   -2.501  1.00 30.22 ? 35  LEU A CA  1 
ATOM   79   C C   . LEU A 1 12  ? 6.331   4.272   -3.274  1.00 28.57 ? 35  LEU A C   1 
ATOM   80   O O   . LEU A 1 12  ? 6.551   3.049   -3.315  1.00 27.21 ? 35  LEU A O   1 
ATOM   81   C CB  . LEU A 1 12  ? 6.655   5.534   -1.135  1.00 31.08 ? 35  LEU A CB  1 
ATOM   82   C CG  . LEU A 1 12  ? 7.588   5.745   0.069   1.00 33.33 ? 35  LEU A CG  1 
ATOM   83   C CD1 . LEU A 1 12  ? 8.780   6.632   -0.254  1.00 34.67 ? 35  LEU A CD1 1 
ATOM   84   C CD2 . LEU A 1 12  ? 6.794   6.320   1.237   1.00 32.67 ? 35  LEU A CD2 1 
ATOM   85   N N   . SER A 1 13  ? 5.296   4.855   -3.880  1.00 28.28 ? 36  SER A N   1 
ATOM   86   C CA  . SER A 1 13  ? 4.313   4.114   -4.679  1.00 27.67 ? 36  SER A CA  1 
ATOM   87   C C   . SER A 1 13  ? 4.963   3.424   -5.881  1.00 27.93 ? 36  SER A C   1 
ATOM   88   O O   . SER A 1 13  ? 4.718   2.236   -6.141  1.00 26.45 ? 36  SER A O   1 
ATOM   89   C CB  . SER A 1 13  ? 3.217   5.065   -5.170  1.00 28.49 ? 36  SER A CB  1 
ATOM   90   O OG  . SER A 1 13  ? 2.526   5.644   -4.079  1.00 27.97 ? 36  SER A OG  1 
ATOM   91   N N   . MET A 1 14  ? 5.785   4.179   -6.605  1.00 28.96 ? 37  MET A N   1 
ATOM   92   C CA  . MET A 1 14  ? 6.456   3.684   -7.815  1.00 32.15 ? 37  MET A CA  1 
ATOM   93   C C   . MET A 1 14  ? 7.455   2.595   -7.472  1.00 31.25 ? 37  MET A C   1 
ATOM   94   O O   . MET A 1 14  ? 7.543   1.586   -8.168  1.00 32.17 ? 37  MET A O   1 
ATOM   95   C CB  . MET A 1 14  ? 7.189   4.813   -8.531  1.00 33.08 ? 37  MET A CB  1 
ATOM   96   C CG  . MET A 1 14  ? 6.336   5.665   -9.452  1.00 37.44 ? 37  MET A CG  1 
ATOM   97   S SD  . MET A 1 14  ? 7.334   7.045   -10.046 0.50 40.71 ? 37  MET A SD  1 
ATOM   98   C CE  . MET A 1 14  ? 8.638   6.199   -10.957 1.00 41.64 ? 37  MET A CE  1 
ATOM   99   N N   . ASN A 1 15  ? 8.232   2.811   -6.413  1.00 31.50 ? 38  ASN A N   1 
ATOM   100  C CA  . ASN A 1 15  ? 9.144   1.772   -5.946  1.00 32.53 ? 38  ASN A CA  1 
ATOM   101  C C   . ASN A 1 15  ? 8.399   0.569   -5.380  1.00 31.33 ? 38  ASN A C   1 
ATOM   102  O O   . ASN A 1 15  ? 8.806   -0.571  -5.589  1.00 31.42 ? 38  ASN A O   1 
ATOM   103  C CB  . ASN A 1 15  ? 10.157  2.334   -4.947  1.00 32.82 ? 38  ASN A CB  1 
ATOM   104  C CG  . ASN A 1 15  ? 11.297  3.061   -5.636  1.00 35.17 ? 38  ASN A CG  1 
ATOM   105  O OD1 . ASN A 1 15  ? 11.309  4.291   -5.716  1.00 36.12 ? 38  ASN A OD1 1 
ATOM   106  N ND2 . ASN A 1 15  ? 12.248  2.304   -6.156  1.00 36.62 ? 38  ASN A ND2 1 
ATOM   107  N N   . PHE A 1 16  ? 7.309   0.827   -4.661  1.00 30.97 ? 39  PHE A N   1 
ATOM   108  C CA  . PHE A 1 16  ? 6.454   -0.254  -4.164  1.00 31.29 ? 39  PHE A CA  1 
ATOM   109  C C   . PHE A 1 16  ? 5.891   -1.075  -5.323  1.00 31.76 ? 39  PHE A C   1 
ATOM   110  O O   . PHE A 1 16  ? 5.850   -2.293  -5.251  1.00 32.17 ? 39  PHE A O   1 
ATOM   111  C CB  . PHE A 1 16  ? 5.313   0.296   -3.305  1.00 31.26 ? 39  PHE A CB  1 
ATOM   112  C CG  . PHE A 1 16  ? 4.458   -0.766  -2.673  1.00 32.23 ? 39  PHE A CG  1 
ATOM   113  C CD1 . PHE A 1 16  ? 4.916   -1.473  -1.558  1.00 33.64 ? 39  PHE A CD1 1 
ATOM   114  C CD2 . PHE A 1 16  ? 3.198   -1.071  -3.196  1.00 33.44 ? 39  PHE A CD2 1 
ATOM   115  C CE1 . PHE A 1 16  ? 4.130   -2.460  -0.975  1.00 33.88 ? 39  PHE A CE1 1 
ATOM   116  C CE2 . PHE A 1 16  ? 2.403   -2.051  -2.613  1.00 33.79 ? 39  PHE A CE2 1 
ATOM   117  C CZ  . PHE A 1 16  ? 2.875   -2.747  -1.501  1.00 34.76 ? 39  PHE A CZ  1 
ATOM   118  N N   . ALA A 1 17  ? 5.484   -0.402  -6.398  1.00 33.10 ? 40  ALA A N   1 
ATOM   119  C CA  . ALA A 1 17  ? 4.841   -1.081  -7.526  1.00 34.61 ? 40  ALA A CA  1 
ATOM   120  C C   . ALA A 1 17  ? 5.781   -1.657  -8.588  1.00 36.57 ? 40  ALA A C   1 
ATOM   121  O O   . ALA A 1 17  ? 5.309   -2.143  -9.615  1.00 37.35 ? 40  ALA A O   1 
ATOM   122  C CB  . ALA A 1 17  ? 3.812   -0.157  -8.174  1.00 33.90 ? 40  ALA A CB  1 
ATOM   123  N N   . LYS A 1 18  ? 7.092   -1.612  -8.357  1.00 39.55 ? 41  LYS A N   1 
ATOM   124  C CA  . LYS A 1 18  ? 8.045   -2.152  -9.343  1.00 42.91 ? 41  LYS A CA  1 
ATOM   125  C C   . LYS A 1 18  ? 7.860   -3.650  -9.638  1.00 42.79 ? 41  LYS A C   1 
ATOM   126  O O   . LYS A 1 18  ? 7.756   -4.023  -10.800 1.00 45.13 ? 41  LYS A O   1 
ATOM   127  C CB  . LYS A 1 18  ? 9.498   -1.847  -8.976  1.00 44.46 ? 41  LYS A CB  1 
ATOM   128  C CG  . LYS A 1 18  ? 9.953   -0.439  -9.328  1.00 47.88 ? 41  LYS A CG  1 
ATOM   129  C CD  . LYS A 1 18  ? 11.430  -0.216  -9.020  1.00 49.32 ? 41  LYS A CD  1 
ATOM   130  C CE  . LYS A 1 18  ? 11.761  -0.467  -7.556  1.00 51.16 ? 41  LYS A CE  1 
ATOM   131  N N   . PRO A 1 19  ? 7.809   -4.511  -8.599  1.00 42.00 ? 42  PRO A N   1 
ATOM   132  C CA  . PRO A 1 19  ? 7.590   -5.943  -8.871  1.00 41.62 ? 42  PRO A CA  1 
ATOM   133  C C   . PRO A 1 19  ? 6.220   -6.354  -9.439  1.00 41.42 ? 42  PRO A C   1 
ATOM   134  O O   . PRO A 1 19  ? 5.910   -7.541  -9.443  1.00 42.02 ? 42  PRO A O   1 
ATOM   135  C CB  . PRO A 1 19  ? 7.781   -6.583  -7.489  1.00 40.95 ? 42  PRO A CB  1 
ATOM   136  C CG  . PRO A 1 19  ? 8.721   -5.662  -6.793  1.00 41.44 ? 42  PRO A CG  1 
ATOM   137  C CD  . PRO A 1 19  ? 8.263   -4.296  -7.215  1.00 41.01 ? 42  PRO A CD  1 
ATOM   138  N N   . LEU A 1 20  ? 5.421   -5.409  -9.925  1.00 42.12 ? 43  LEU A N   1 
ATOM   139  C CA  . LEU A 1 20  ? 4.032   -5.695  -10.299 1.00 44.73 ? 43  LEU A CA  1 
ATOM   140  C C   . LEU A 1 20  ? 3.890   -6.643  -11.485 1.00 48.69 ? 43  LEU A C   1 
ATOM   141  O O   . LEU A 1 20  ? 3.032   -7.525  -11.475 1.00 50.42 ? 43  LEU A O   1 
ATOM   142  C CB  . LEU A 1 20  ? 3.238   -4.408  -10.561 1.00 44.47 ? 43  LEU A CB  1 
ATOM   143  C CG  . LEU A 1 20  ? 1.734   -4.568  -10.844 1.00 45.59 ? 43  LEU A CG  1 
ATOM   144  C CD1 . LEU A 1 20  ? 0.970   -5.086  -9.629  1.00 45.53 ? 43  LEU A CD1 1 
ATOM   145  C CD2 . LEU A 1 20  ? 1.121   -3.268  -11.339 1.00 48.45 ? 43  LEU A CD2 1 
ATOM   146  N N   . GLU A 1 21  ? 4.721   -6.449  -12.504 1.00 51.96 ? 44  GLU A N   1 
ATOM   147  C CA  . GLU A 1 21  ? 4.730   -7.336  -13.667 1.00 55.57 ? 44  GLU A CA  1 
ATOM   148  C C   . GLU A 1 21  ? 5.078   -8.757  -13.233 1.00 55.84 ? 44  GLU A C   1 
ATOM   149  O O   . GLU A 1 21  ? 4.404   -9.712  -13.626 1.00 59.54 ? 44  GLU A O   1 
ATOM   150  C CB  . GLU A 1 21  ? 5.718   -6.833  -14.724 1.00 55.91 ? 44  GLU A CB  1 
ATOM   151  N N   . ASP A 1 22  ? 6.119   -8.877  -12.405 1.00 55.27 ? 45  ASP A N   1 
ATOM   152  C CA  . ASP A 1 22  ? 6.522   -10.147 -11.804 1.00 54.27 ? 45  ASP A CA  1 
ATOM   153  C C   . ASP A 1 22  ? 5.375   -10.776 -11.008 1.00 53.28 ? 45  ASP A C   1 
ATOM   154  O O   . ASP A 1 22  ? 5.179   -11.985 -11.054 1.00 53.77 ? 45  ASP A O   1 
ATOM   155  C CB  . ASP A 1 22  ? 7.751   -9.965  -10.901 1.00 56.78 ? 45  ASP A CB  1 
ATOM   156  C CG  . ASP A 1 22  ? 8.895   -9.220  -11.590 1.00 61.25 ? 45  ASP A CG  1 
ATOM   157  O OD1 . ASP A 1 22  ? 8.708   -8.047  -11.998 1.00 62.08 ? 45  ASP A OD1 1 
ATOM   158  O OD2 . ASP A 1 22  ? 9.997   -9.803  -11.700 1.00 62.48 ? 45  ASP A OD2 1 
ATOM   159  N N   . CYS A 1 23  ? 4.618   -9.950  -10.292 1.00 50.54 ? 46  CYS A N   1 
ATOM   160  C CA  . CYS A 1 23  ? 3.461   -10.415 -9.521  1.00 49.15 ? 46  CYS A CA  1 
ATOM   161  C C   . CYS A 1 23  ? 2.274   -10.829 -10.395 1.00 51.07 ? 46  CYS A C   1 
ATOM   162  O O   . CYS A 1 23  ? 1.578   -11.804 -10.085 1.00 52.71 ? 46  CYS A O   1 
ATOM   163  C CB  . CYS A 1 23  ? 3.020   -9.349  -8.509  1.00 44.98 ? 46  CYS A CB  1 
ATOM   164  S SG  . CYS A 1 23  ? 4.054   -9.289  -7.031  1.00 40.97 ? 46  CYS A SG  1 
ATOM   165  N N   . LYS A 1 24  ? 2.040   -10.078 -11.469 1.00 54.68 ? 47  LYS A N   1 
ATOM   166  C CA  . LYS A 1 24  ? 0.914   -10.334 -12.367 1.00 59.41 ? 47  LYS A CA  1 
ATOM   167  C C   . LYS A 1 24  ? 1.095   -11.650 -13.117 1.00 62.98 ? 47  LYS A C   1 
ATOM   168  O O   . LYS A 1 24  ? 0.151   -12.428 -13.256 1.00 64.65 ? 47  LYS A O   1 
ATOM   169  C CB  . LYS A 1 24  ? 0.733   -9.177  -13.351 1.00 61.93 ? 47  LYS A CB  1 
ATOM   170  N N   . LYS A 1 25  ? 2.318   -11.893 -13.583 1.00 64.07 ? 48  LYS A N   1 
ATOM   171  C CA  . LYS A 1 25  ? 2.660   -13.129 -14.281 1.00 67.37 ? 48  LYS A CA  1 
ATOM   172  C C   . LYS A 1 25  ? 2.825   -14.301 -13.318 1.00 67.41 ? 48  LYS A C   1 
ATOM   173  O O   . LYS A 1 25  ? 2.684   -15.455 -13.713 1.00 70.42 ? 48  LYS A O   1 
ATOM   174  C CB  . LYS A 1 25  ? 3.945   -12.942 -15.096 1.00 66.19 ? 48  LYS A CB  1 
ATOM   175  N N   . GLU A 1 26  ? 3.115   -13.994 -12.054 1.00 70.23 ? 49  GLU A N   1 
ATOM   176  C CA  . GLU A 1 26  ? 3.440   -15.006 -11.048 1.00 72.57 ? 49  GLU A CA  1 
ATOM   177  C C   . GLU A 1 26  ? 2.204   -15.557 -10.336 1.00 75.21 ? 49  GLU A C   1 
ATOM   178  O O   . GLU A 1 26  ? 2.300   -16.534 -9.584  1.00 75.29 ? 49  GLU A O   1 
ATOM   179  C CB  . GLU A 1 26  ? 4.402   -14.419 -10.016 1.00 73.10 ? 49  GLU A CB  1 
ATOM   180  C CG  . GLU A 1 26  ? 5.614   -15.278 -9.713  1.00 74.21 ? 49  GLU A CG  1 
ATOM   181  C CD  . GLU A 1 26  ? 6.538   -14.641 -8.690  1.00 75.03 ? 49  GLU A CD  1 
ATOM   182  O OE1 . GLU A 1 26  ? 6.079   -14.336 -7.566  1.00 75.17 ? 49  GLU A OE1 1 
ATOM   183  O OE2 . GLU A 1 26  ? 7.731   -14.453 -9.008  1.00 74.16 ? 49  GLU A OE2 1 
ATOM   184  N N   . MET A 1 27  ? 1.051   -14.933 -10.573 1.00 76.14 ? 50  MET A N   1 
ATOM   185  C CA  . MET A 1 27  ? -0.186  -15.313 -9.895  1.00 78.18 ? 50  MET A CA  1 
ATOM   186  C C   . MET A 1 27  ? -1.400  -15.313 -10.823 1.00 79.92 ? 50  MET A C   1 
ATOM   187  O O   . MET A 1 27  ? -2.495  -15.712 -10.416 1.00 82.73 ? 50  MET A O   1 
ATOM   188  C CB  . MET A 1 27  ? -0.436  -14.390 -8.700  1.00 77.09 ? 50  MET A CB  1 
ATOM   189  N N   . ASP A 1 28  ? -1.195  -14.875 -12.066 1.00 81.17 ? 51  ASP A N   1 
ATOM   190  C CA  . ASP A 1 28  ? -2.267  -14.726 -13.059 1.00 83.10 ? 51  ASP A CA  1 
ATOM   191  C C   . ASP A 1 28  ? -3.427  -13.886 -12.519 1.00 84.55 ? 51  ASP A C   1 
ATOM   192  O O   . ASP A 1 28  ? -4.495  -14.411 -12.188 1.00 84.80 ? 51  ASP A O   1 
ATOM   193  C CB  . ASP A 1 28  ? -2.751  -16.090 -13.578 1.00 85.70 ? 51  ASP A CB  1 
ATOM   194  N N   . LEU A 1 29  ? -3.193  -12.580 -12.421 1.00 82.89 ? 52  LEU A N   1 
ATOM   195  C CA  . LEU A 1 29  ? -4.191  -11.637 -11.928 1.00 81.53 ? 52  LEU A CA  1 
ATOM   196  C C   . LEU A 1 29  ? -4.910  -10.979 -13.104 1.00 81.86 ? 52  LEU A C   1 
ATOM   197  O O   . LEU A 1 29  ? -4.266  -10.640 -14.098 1.00 83.79 ? 52  LEU A O   1 
ATOM   198  C CB  . LEU A 1 29  ? -3.527  -10.560 -11.058 1.00 80.79 ? 52  LEU A CB  1 
ATOM   199  C CG  . LEU A 1 29  ? -2.829  -10.950 -9.746  1.00 80.66 ? 52  LEU A CG  1 
ATOM   200  C CD1 . LEU A 1 29  ? -1.699  -9.983  -9.426  1.00 79.81 ? 52  LEU A CD1 1 
ATOM   201  C CD2 . LEU A 1 29  ? -3.810  -11.031 -8.586  1.00 79.45 ? 52  LEU A CD2 1 
ATOM   202  N N   . PRO A 1 30  ? -6.246  -10.799 -12.999 1.00 82.30 ? 53  PRO A N   1 
ATOM   203  C CA  . PRO A 1 30  ? -6.991  -10.041 -14.015 1.00 81.22 ? 53  PRO A CA  1 
ATOM   204  C C   . PRO A 1 30  ? -6.496  -8.602  -14.078 1.00 81.21 ? 53  PRO A C   1 
ATOM   205  O O   . PRO A 1 30  ? -6.195  -8.012  -13.039 1.00 82.44 ? 53  PRO A O   1 
ATOM   206  C CB  . PRO A 1 30  ? -8.436  -10.076 -13.501 1.00 81.13 ? 53  PRO A CB  1 
ATOM   207  C CG  . PRO A 1 30  ? -8.334  -10.390 -12.044 1.00 80.78 ? 53  PRO A CG  1 
ATOM   208  C CD  . PRO A 1 30  ? -7.129  -11.276 -11.916 1.00 81.76 ? 53  PRO A CD  1 
ATOM   209  N N   . ASP A 1 31  ? -6.414  -8.041  -15.280 1.00 82.41 ? 54  ASP A N   1 
ATOM   210  C CA  . ASP A 1 31  ? -5.867  -6.691  -15.456 1.00 81.83 ? 54  ASP A CA  1 
ATOM   211  C C   . ASP A 1 31  ? -6.751  -5.603  -14.847 1.00 78.55 ? 54  ASP A C   1 
ATOM   212  O O   . ASP A 1 31  ? -6.537  -4.410  -15.078 1.00 75.00 ? 54  ASP A O   1 
ATOM   213  C CB  . ASP A 1 31  ? -5.562  -6.412  -16.930 1.00 85.22 ? 54  ASP A CB  1 
ATOM   214  C CG  . ASP A 1 31  ? -4.403  -7.248  -17.456 1.00 87.54 ? 54  ASP A CG  1 
ATOM   215  O OD1 . ASP A 1 31  ? -4.434  -8.490  -17.301 1.00 85.76 ? 54  ASP A OD1 1 
ATOM   216  O OD2 . ASP A 1 31  ? -3.462  -6.662  -18.032 1.00 90.29 ? 54  ASP A OD2 1 
ATOM   217  N N   . SER A 1 32  ? -7.740  -6.033  -14.066 1.00 78.06 ? 55  SER A N   1 
ATOM   218  C CA  . SER A 1 32  ? -8.522  -5.143  -13.214 1.00 77.04 ? 55  SER A CA  1 
ATOM   219  C C   . SER A 1 32  ? -7.636  -4.591  -12.094 1.00 75.47 ? 55  SER A C   1 
ATOM   220  O O   . SER A 1 32  ? -7.798  -3.437  -11.679 1.00 74.32 ? 55  SER A O   1 
ATOM   221  C CB  . SER A 1 32  ? -9.729  -5.881  -12.624 1.00 76.91 ? 55  SER A CB  1 
ATOM   222  O OG  . SER A 1 32  ? -9.320  -6.974  -11.815 1.00 78.00 ? 55  SER A OG  1 
ATOM   223  N N   . VAL A 1 33  ? -6.704  -5.418  -11.617 1.00 69.95 ? 56  VAL A N   1 
ATOM   224  C CA  . VAL A 1 33  ? -5.717  -4.996  -10.619 1.00 67.43 ? 56  VAL A CA  1 
ATOM   225  C C   . VAL A 1 33  ? -4.761  -3.949  -11.191 1.00 65.11 ? 56  VAL A C   1 
ATOM   226  O O   . VAL A 1 33  ? -4.405  -2.993  -10.502 1.00 63.02 ? 56  VAL A O   1 
ATOM   227  C CB  . VAL A 1 33  ? -4.938  -6.186  -9.994  1.00 68.63 ? 56  VAL A CB  1 
ATOM   228  C CG1 . VAL A 1 33  ? -5.903  -7.273  -9.539  1.00 68.40 ? 56  VAL A CG1 1 
ATOM   229  C CG2 . VAL A 1 33  ? -3.899  -6.755  -10.954 1.00 69.82 ? 56  VAL A CG2 1 
ATOM   230  N N   . THR A 1 34  ? -4.370  -4.133  -12.454 1.00 62.19 ? 57  THR A N   1 
ATOM   231  C CA  . THR A 1 34  ? -3.553  -3.171  -13.196 1.00 59.99 ? 57  THR A CA  1 
ATOM   232  C C   . THR A 1 34  ? -4.246  -1.805  -13.239 1.00 57.45 ? 57  THR A C   1 
ATOM   233  O O   . THR A 1 34  ? -3.612  -0.764  -13.055 1.00 55.90 ? 57  THR A O   1 
ATOM   234  C CB  . THR A 1 34  ? -3.299  -3.672  -14.638 1.00 62.43 ? 57  THR A CB  1 
ATOM   235  O OG1 . THR A 1 34  ? -2.839  -5.030  -14.601 1.00 64.31 ? 57  THR A OG1 1 
ATOM   236  C CG2 . THR A 1 34  ? -2.268  -2.809  -15.357 1.00 61.30 ? 57  THR A CG2 1 
ATOM   237  N N   . THR A 1 35  ? -5.557  -1.835  -13.467 1.00 57.44 ? 58  THR A N   1 
ATOM   238  C CA  . THR A 1 35  ? -6.398  -0.641  -13.522 1.00 57.16 ? 58  THR A CA  1 
ATOM   239  C C   . THR A 1 35  ? -6.608  -0.032  -12.126 1.00 54.07 ? 58  THR A C   1 
ATOM   240  O O   . THR A 1 35  ? -6.644  1.199   -11.972 1.00 49.26 ? 58  THR A O   1 
ATOM   241  C CB  . THR A 1 35  ? -7.758  -0.971  -14.191 1.00 60.14 ? 58  THR A CB  1 
ATOM   242  O OG1 . THR A 1 35  ? -7.528  -1.487  -15.512 1.00 61.10 ? 58  THR A OG1 1 
ATOM   243  C CG2 . THR A 1 35  ? -8.665  0.264   -14.284 1.00 60.39 ? 58  THR A CG2 1 
ATOM   244  N N   . ASP A 1 36  ? -6.757  -0.897  -11.121 1.00 52.64 ? 59  ASP A N   1 
ATOM   245  C CA  . ASP A 1 36  ? -6.872  -0.451  -9.728  1.00 50.30 ? 59  ASP A CA  1 
ATOM   246  C C   . ASP A 1 36  ? -5.606  0.286   -9.318  1.00 46.98 ? 59  ASP A C   1 
ATOM   247  O O   . ASP A 1 36  ? -5.682  1.328   -8.672  1.00 48.80 ? 59  ASP A O   1 
ATOM   248  C CB  . ASP A 1 36  ? -7.153  -1.625  -8.784  1.00 50.80 ? 59  ASP A CB  1 
ATOM   249  C CG  . ASP A 1 36  ? -8.587  -2.132  -8.879  1.00 52.55 ? 59  ASP A CG  1 
ATOM   250  O OD1 . ASP A 1 36  ? -9.481  -1.377  -9.315  1.00 54.17 ? 59  ASP A OD1 1 
ATOM   251  O OD2 . ASP A 1 36  ? -8.831  -3.298  -8.503  1.00 54.39 ? 59  ASP A OD2 1 
ATOM   252  N N   . PHE A 1 37  ? -4.454  -0.247  -9.725  1.00 46.20 ? 60  PHE A N   1 
ATOM   253  C CA  . PHE A 1 37  ? -3.157  0.402   -9.505  1.00 43.21 ? 60  PHE A CA  1 
ATOM   254  C C   . PHE A 1 37  ? -2.945  1.682   -10.325 1.00 41.94 ? 60  PHE A C   1 
ATOM   255  O O   . PHE A 1 37  ? -2.416  2.667   -9.805  1.00 40.30 ? 60  PHE A O   1 
ATOM   256  C CB  . PHE A 1 37  ? -2.007  -0.595  -9.679  1.00 45.38 ? 60  PHE A CB  1 
ATOM   257  C CG  . PHE A 1 37  ? -1.809  -1.487  -8.486  1.00 46.53 ? 60  PHE A CG  1 
ATOM   258  C CD1 . PHE A 1 37  ? -1.153  -1.019  -7.352  1.00 48.09 ? 60  PHE A CD1 1 
ATOM   259  C CD2 . PHE A 1 37  ? -2.308  -2.783  -8.479  1.00 48.79 ? 60  PHE A CD2 1 
ATOM   260  C CE1 . PHE A 1 37  ? -0.995  -1.828  -6.239  1.00 46.64 ? 60  PHE A CE1 1 
ATOM   261  C CE2 . PHE A 1 37  ? -2.149  -3.599  -7.370  1.00 49.45 ? 60  PHE A CE2 1 
ATOM   262  C CZ  . PHE A 1 37  ? -1.489  -3.120  -6.251  1.00 46.58 ? 60  PHE A CZ  1 
ATOM   263  N N   . TYR A 1 38  ? -3.363  1.671   -11.594 1.00 40.94 ? 61  TYR A N   1 
ATOM   264  C CA  . TYR A 1 38  ? -3.357  2.898   -12.410 1.00 40.71 ? 61  TYR A CA  1 
ATOM   265  C C   . TYR A 1 38  ? -4.104  4.020   -11.672 1.00 38.63 ? 61  TYR A C   1 
ATOM   266  O O   . TYR A 1 38  ? -3.596  5.136   -11.537 1.00 35.96 ? 61  TYR A O   1 
ATOM   267  C CB  . TYR A 1 38  ? -3.971  2.643   -13.811 1.00 41.96 ? 61  TYR A CB  1 
ATOM   268  C CG  . TYR A 1 38  ? -3.946  3.847   -14.755 1.00 42.68 ? 61  TYR A CG  1 
ATOM   269  C CD1 . TYR A 1 38  ? -5.094  4.634   -14.960 1.00 42.31 ? 61  TYR A CD1 1 
ATOM   270  C CD2 . TYR A 1 38  ? -2.779  4.198   -15.439 1.00 43.18 ? 61  TYR A CD2 1 
ATOM   271  C CE1 . TYR A 1 38  ? -5.073  5.731   -15.818 1.00 42.73 ? 61  TYR A CE1 1 
ATOM   272  C CE2 . TYR A 1 38  ? -2.747  5.298   -16.295 1.00 44.24 ? 61  TYR A CE2 1 
ATOM   273  C CZ  . TYR A 1 38  ? -3.889  6.059   -16.484 1.00 43.82 ? 61  TYR A CZ  1 
ATOM   274  O OH  . TYR A 1 38  ? -3.838  7.152   -17.334 1.00 44.83 ? 61  TYR A OH  1 
ATOM   275  N N   . ASN A 1 39  ? -5.295  3.700   -11.172 1.00 39.73 ? 62  ASN A N   1 
ATOM   276  C CA  . ASN A 1 39  ? -6.178  4.692   -10.544 1.00 41.03 ? 62  ASN A CA  1 
ATOM   277  C C   . ASN A 1 39  ? -6.044  4.817   -9.018  1.00 39.96 ? 62  ASN A C   1 
ATOM   278  O O   . ASN A 1 39  ? -6.840  5.521   -8.380  1.00 39.95 ? 62  ASN A O   1 
ATOM   279  C CB  . ASN A 1 39  ? -7.637  4.399   -10.917 1.00 42.75 ? 62  ASN A CB  1 
ATOM   280  C CG  . ASN A 1 39  ? -7.885  4.483   -12.412 1.00 45.76 ? 62  ASN A CG  1 
ATOM   281  O OD1 . ASN A 1 39  ? -7.616  5.504   -13.036 1.00 45.54 ? 62  ASN A OD1 1 
ATOM   282  N ND2 . ASN A 1 39  ? -8.400  3.406   -12.990 1.00 45.60 ? 62  ASN A ND2 1 
ATOM   283  N N   . PHE A 1 40  ? -5.033  4.165   -8.442  1.00 39.33 ? 63  PHE A N   1 
ATOM   284  C CA  . PHE A 1 40  ? -4.915  4.052   -6.974  1.00 37.64 ? 63  PHE A CA  1 
ATOM   285  C C   . PHE A 1 40  ? -5.124  5.348   -6.184  1.00 35.00 ? 63  PHE A C   1 
ATOM   286  O O   . PHE A 1 40  ? -5.926  5.378   -5.265  1.00 34.84 ? 63  PHE A O   1 
ATOM   287  C CB  . PHE A 1 40  ? -3.596  3.390   -6.558  1.00 39.07 ? 63  PHE A CB  1 
ATOM   288  C CG  . PHE A 1 40  ? -3.555  3.018   -5.111  1.00 37.90 ? 63  PHE A CG  1 
ATOM   289  C CD1 . PHE A 1 40  ? -3.894  1.738   -4.707  1.00 38.17 ? 63  PHE A CD1 1 
ATOM   290  C CD2 . PHE A 1 40  ? -3.210  3.962   -4.142  1.00 39.62 ? 63  PHE A CD2 1 
ATOM   291  C CE1 . PHE A 1 40  ? -3.877  1.398   -3.362  1.00 40.83 ? 63  PHE A CE1 1 
ATOM   292  C CE2 . PHE A 1 40  ? -3.191  3.629   -2.795  1.00 38.58 ? 63  PHE A CE2 1 
ATOM   293  C CZ  . PHE A 1 40  ? -3.528  2.343   -2.406  1.00 40.13 ? 63  PHE A CZ  1 
ATOM   294  N N   . TRP A 1 41  ? -4.405  6.407   -6.541  1.00 34.12 ? 64  TRP A N   1 
ATOM   295  C CA  . TRP A 1 41  ? -4.490  7.688   -5.825  1.00 36.21 ? 64  TRP A CA  1 
ATOM   296  C C   . TRP A 1 41  ? -5.582  8.628   -6.286  1.00 38.73 ? 64  TRP A C   1 
ATOM   297  O O   . TRP A 1 41  ? -5.658  9.777   -5.827  1.00 39.63 ? 64  TRP A O   1 
ATOM   298  C CB  . TRP A 1 41  ? -3.140  8.390   -5.865  1.00 33.97 ? 64  TRP A CB  1 
ATOM   299  C CG  . TRP A 1 41  ? -2.129  7.657   -5.031  1.00 34.10 ? 64  TRP A CG  1 
ATOM   300  C CD1 . TRP A 1 41  ? -0.973  7.000   -5.462  1.00 33.96 ? 64  TRP A CD1 1 
ATOM   301  C CD2 . TRP A 1 41  ? -2.183  7.437   -3.586  1.00 33.35 ? 64  TRP A CD2 1 
ATOM   302  N NE1 . TRP A 1 41  ? -0.325  6.417   -4.403  1.00 34.13 ? 64  TRP A NE1 1 
ATOM   303  C CE2 . TRP A 1 41  ? -0.994  6.647   -3.246  1.00 32.71 ? 64  TRP A CE2 1 
ATOM   304  C CE3 . TRP A 1 41  ? -3.062  7.814   -2.569  1.00 33.76 ? 64  TRP A CE3 1 
ATOM   305  C CZ2 . TRP A 1 41  ? -0.718  6.260   -1.947  1.00 33.60 ? 64  TRP A CZ2 1 
ATOM   306  C CZ3 . TRP A 1 41  ? -2.769  7.419   -1.257  1.00 32.23 ? 64  TRP A CZ3 1 
ATOM   307  C CH2 . TRP A 1 41  ? -1.625  6.662   -0.955  1.00 32.47 ? 64  TRP A CH2 1 
ATOM   308  N N   . LYS A 1 42  ? -6.428  8.154   -7.196  1.00 40.43 ? 65  LYS A N   1 
ATOM   309  C CA  . LYS A 1 42  ? -7.530  8.962   -7.715  1.00 43.56 ? 65  LYS A CA  1 
ATOM   310  C C   . LYS A 1 42  ? -8.677  8.979   -6.709  1.00 44.14 ? 65  LYS A C   1 
ATOM   311  O O   . LYS A 1 42  ? -9.179  7.926   -6.310  1.00 43.99 ? 65  LYS A O   1 
ATOM   312  C CB  . LYS A 1 42  ? -8.006  8.425   -9.073  1.00 43.76 ? 65  LYS A CB  1 
ATOM   313  C CG  . LYS A 1 42  ? -8.856  9.405   -9.872  1.00 45.70 ? 65  LYS A CG  1 
ATOM   314  N N   . GLU A 1 43  ? -9.072  10.178  -6.293  1.00 48.60 ? 66  GLU A N   1 
ATOM   315  C CA  . GLU A 1 43  ? -10.173 10.351  -5.348  1.00 51.84 ? 66  GLU A CA  1 
ATOM   316  C C   . GLU A 1 43  ? -11.477 9.870   -5.965  1.00 55.54 ? 66  GLU A C   1 
ATOM   317  O O   . GLU A 1 43  ? -11.675 9.972   -7.185  1.00 54.51 ? 66  GLU A O   1 
ATOM   318  C CB  . GLU A 1 43  ? -10.304 11.816  -4.925  1.00 52.91 ? 66  GLU A CB  1 
ATOM   319  N N   . GLY A 1 44  ? -12.346 9.326   -5.118  1.00 57.93 ? 67  GLY A N   1 
ATOM   320  C CA  . GLY A 1 44  ? -13.644 8.815   -5.544  1.00 61.84 ? 67  GLY A CA  1 
ATOM   321  C C   . GLY A 1 44  ? -13.578 7.472   -6.244  1.00 66.98 ? 67  GLY A C   1 
ATOM   322  O O   . GLY A 1 44  ? -14.619 6.888   -6.569  1.00 68.36 ? 67  GLY A O   1 
ATOM   323  N N   . TYR A 1 45  ? -12.359 6.981   -6.484  1.00 69.95 ? 68  TYR A N   1 
ATOM   324  C CA  . TYR A 1 45  ? -12.166 5.682   -7.121  1.00 70.83 ? 68  TYR A CA  1 
ATOM   325  C C   . TYR A 1 45  ? -12.398 4.550   -6.131  1.00 74.55 ? 68  TYR A C   1 
ATOM   326  O O   . TYR A 1 45  ? -11.753 4.477   -5.079  1.00 75.64 ? 68  TYR A O   1 
ATOM   327  C CB  . TYR A 1 45  ? -10.776 5.563   -7.757  1.00 69.27 ? 68  TYR A CB  1 
ATOM   328  C CG  . TYR A 1 45  ? -10.566 4.279   -8.546  1.00 70.34 ? 68  TYR A CG  1 
ATOM   329  C CD1 . TYR A 1 45  ? -11.105 4.127   -9.826  1.00 70.82 ? 68  TYR A CD1 1 
ATOM   330  C CD2 . TYR A 1 45  ? -9.828  3.216   -8.013  1.00 70.56 ? 68  TYR A CD2 1 
ATOM   331  C CE1 . TYR A 1 45  ? -10.917 2.956   -10.553 1.00 69.25 ? 68  TYR A CE1 1 
ATOM   332  C CE2 . TYR A 1 45  ? -9.634  2.043   -8.733  1.00 69.01 ? 68  TYR A CE2 1 
ATOM   333  C CZ  . TYR A 1 45  ? -10.180 1.918   -10.001 1.00 68.28 ? 68  TYR A CZ  1 
ATOM   334  O OH  . TYR A 1 45  ? -9.992  0.764   -10.726 1.00 65.04 ? 68  TYR A OH  1 
ATOM   335  N N   . GLU A 1 46  ? -13.343 3.683   -6.477  1.00 77.99 ? 69  GLU A N   1 
ATOM   336  C CA  . GLU A 1 46  ? -13.609 2.475   -5.716  1.00 79.34 ? 69  GLU A CA  1 
ATOM   337  C C   . GLU A 1 46  ? -12.878 1.312   -6.376  1.00 77.56 ? 69  GLU A C   1 
ATOM   338  O O   . GLU A 1 46  ? -12.667 1.308   -7.592  1.00 76.25 ? 69  GLU A O   1 
ATOM   339  C CB  . GLU A 1 46  ? -15.115 2.220   -5.632  1.00 84.40 ? 69  GLU A CB  1 
ATOM   340  C CG  . GLU A 1 46  ? -15.845 3.230   -4.753  1.00 85.91 ? 69  GLU A CG  1 
ATOM   341  C CD  . GLU A 1 46  ? -17.341 3.271   -5.002  1.00 89.19 ? 69  GLU A CD  1 
ATOM   342  O OE1 . GLU A 1 46  ? -17.762 3.220   -6.179  1.00 93.49 ? 69  GLU A OE1 1 
ATOM   343  O OE2 . GLU A 1 46  ? -18.100 3.374   -4.015  1.00 90.09 ? 69  GLU A OE2 1 
ATOM   344  N N   . PHE A 1 47  ? -12.474 0.336   -5.571  1.00 74.77 ? 70  PHE A N   1 
ATOM   345  C CA  . PHE A 1 47  ? -11.663 -0.765  -6.069  1.00 75.73 ? 70  PHE A CA  1 
ATOM   346  C C   . PHE A 1 47  ? -12.507 -1.992  -6.411  1.00 79.79 ? 70  PHE A C   1 
ATOM   347  O O   . PHE A 1 47  ? -13.364 -2.408  -5.628  1.00 79.51 ? 70  PHE A O   1 
ATOM   348  C CB  . PHE A 1 47  ? -10.520 -1.070  -5.094  1.00 70.79 ? 70  PHE A CB  1 
ATOM   349  C CG  . PHE A 1 47  ? -9.515  0.049   -4.993  1.00 69.05 ? 70  PHE A CG  1 
ATOM   350  C CD1 . PHE A 1 47  ? -8.461  0.140   -5.901  1.00 65.13 ? 70  PHE A CD1 1 
ATOM   351  C CD2 . PHE A 1 47  ? -9.640  1.034   -4.015  1.00 69.00 ? 70  PHE A CD2 1 
ATOM   352  C CE1 . PHE A 1 47  ? -7.546  1.179   -5.827  1.00 64.59 ? 70  PHE A CE1 1 
ATOM   353  C CE2 . PHE A 1 47  ? -8.726  2.077   -3.936  1.00 67.53 ? 70  PHE A CE2 1 
ATOM   354  C CZ  . PHE A 1 47  ? -7.677  2.148   -4.843  1.00 66.02 ? 70  PHE A CZ  1 
ATOM   355  N N   . THR A 1 48  ? -12.260 -2.546  -7.597  1.00 83.63 ? 71  THR A N   1 
ATOM   356  C CA  . THR A 1 48  ? -13.124 -3.575  -8.187  1.00 86.05 ? 71  THR A CA  1 
ATOM   357  C C   . THR A 1 48  ? -13.241 -4.856  -7.356  1.00 84.55 ? 71  THR A C   1 
ATOM   358  O O   . THR A 1 48  ? -14.348 -5.345  -7.126  1.00 83.33 ? 71  THR A O   1 
ATOM   359  C CB  . THR A 1 48  ? -12.705 -3.944  -9.636  1.00 89.68 ? 71  THR A CB  1 
ATOM   360  O OG1 . THR A 1 48  ? -11.414 -4.569  -9.633  1.00 89.62 ? 71  THR A OG1 1 
ATOM   361  C CG2 . THR A 1 48  ? -12.681 -2.707  -10.542 1.00 89.85 ? 71  THR A CG2 1 
ATOM   362  N N   . ASN A 1 49  ? -12.104 -5.386  -6.906  1.00 80.65 ? 72  ASN A N   1 
ATOM   363  C CA  . ASN A 1 49  ? -12.086 -6.713  -6.297  1.00 77.04 ? 72  ASN A CA  1 
ATOM   364  C C   . ASN A 1 49  ? -10.932 -6.990  -5.332  1.00 73.93 ? 72  ASN A C   1 
ATOM   365  O O   . ASN A 1 49  ? -10.045 -6.151  -5.132  1.00 70.98 ? 72  ASN A O   1 
ATOM   366  C CB  . ASN A 1 49  ? -12.095 -7.786  -7.395  1.00 80.53 ? 72  ASN A CB  1 
ATOM   367  C CG  . ASN A 1 49  ? -10.770 -7.874  -8.139  1.00 80.25 ? 72  ASN A CG  1 
ATOM   368  O OD1 . ASN A 1 49  ? -10.108 -6.863  -8.395  1.00 77.74 ? 72  ASN A OD1 1 
ATOM   369  N ND2 . ASN A 1 49  ? -10.381 -9.095  -8.494  1.00 78.43 ? 72  ASN A ND2 1 
ATOM   370  N N   . ARG A 1 50  ? -10.966 -8.200  -4.771  1.00 67.08 ? 73  ARG A N   1 
ATOM   371  C CA  . ARG A 1 50  ? -10.002 -8.695  -3.791  1.00 61.58 ? 73  ARG A CA  1 
ATOM   372  C C   . ARG A 1 50  ? -8.605  -8.960  -4.344  1.00 58.71 ? 73  ARG A C   1 
ATOM   373  O O   . ARG A 1 50  ? -7.624  -8.885  -3.605  1.00 55.76 ? 73  ARG A O   1 
ATOM   374  C CB  . ARG A 1 50  ? -10.531 -9.989  -3.170  1.00 59.15 ? 73  ARG A CB  1 
ATOM   375  C CG  . ARG A 1 50  ? -10.760 -11.126 -4.157  1.00 60.12 ? 73  ARG A CG  1 
ATOM   376  C CD  . ARG A 1 50  ? -11.326 -12.366 -3.478  1.00 59.07 ? 73  ARG A CD  1 
ATOM   377  N NE  . ARG A 1 50  ? -10.541 -12.799 -2.318  1.00 59.35 ? 73  ARG A NE  1 
ATOM   378  C CZ  . ARG A 1 50  ? -9.461  -13.579 -2.367  1.00 58.14 ? 73  ARG A CZ  1 
ATOM   379  N NH1 . ARG A 1 50  ? -8.992  -14.025 -3.525  1.00 58.28 ? 73  ARG A NH1 1 
ATOM   380  N NH2 . ARG A 1 50  ? -8.840  -13.906 -1.245  1.00 58.53 ? 73  ARG A NH2 1 
ATOM   381  N N   . GLN A 1 51  ? -8.526  -9.297  -5.630  1.00 55.63 ? 74  GLN A N   1 
ATOM   382  C CA  . GLN A 1 51  ? -7.264  -9.709  -6.237  1.00 54.78 ? 74  GLN A CA  1 
ATOM   383  C C   . GLN A 1 51  ? -6.236  -8.592  -6.214  1.00 50.81 ? 74  GLN A C   1 
ATOM   384  O O   . GLN A 1 51  ? -5.033  -8.847  -6.256  1.00 52.57 ? 74  GLN A O   1 
ATOM   385  C CB  . GLN A 1 51  ? -7.477  -10.227 -7.661  1.00 58.21 ? 74  GLN A CB  1 
ATOM   386  C CG  . GLN A 1 51  ? -8.164  -11.583 -7.724  1.00 61.92 ? 74  GLN A CG  1 
ATOM   387  C CD  . GLN A 1 51  ? -7.498  -12.611 -6.824  1.00 65.02 ? 74  GLN A CD  1 
ATOM   388  O OE1 . GLN A 1 51  ? -7.999  -12.927 -5.743  1.00 64.71 ? 74  GLN A OE1 1 
ATOM   389  N NE2 . GLN A 1 51  ? -6.347  -13.121 -7.259  1.00 66.79 ? 74  GLN A NE2 1 
ATOM   390  N N   . THR A 1 52  ? -6.721  -7.357  -6.139  1.00 47.49 ? 75  THR A N   1 
ATOM   391  C CA  . THR A 1 52  ? -5.860  -6.197  -5.927  1.00 45.97 ? 75  THR A CA  1 
ATOM   392  C C   . THR A 1 52  ? -5.188  -6.301  -4.564  1.00 44.84 ? 75  THR A C   1 
ATOM   393  O O   . THR A 1 52  ? -4.007  -6.001  -4.425  1.00 44.60 ? 75  THR A O   1 
ATOM   394  C CB  . THR A 1 52  ? -6.652  -4.886  -6.052  1.00 45.55 ? 75  THR A CB  1 
ATOM   395  O OG1 . THR A 1 52  ? -7.253  -4.833  -7.355  1.00 46.46 ? 75  THR A OG1 1 
ATOM   396  C CG2 . THR A 1 52  ? -5.741  -3.664  -5.845  1.00 44.44 ? 75  THR A CG2 1 
ATOM   397  N N   . GLY A 1 53  ? -5.944  -6.758  -3.569  1.00 43.74 ? 76  GLY A N   1 
ATOM   398  C CA  . GLY A 1 53  ? -5.400  -7.004  -2.241  1.00 41.31 ? 76  GLY A CA  1 
ATOM   399  C C   . GLY A 1 53  ? -4.332  -8.078  -2.253  1.00 41.54 ? 76  GLY A C   1 
ATOM   400  O O   . GLY A 1 53  ? -3.316  -7.944  -1.572  1.00 40.16 ? 76  GLY A O   1 
ATOM   401  N N   . CYS A 1 54  ? -4.554  -9.140  -3.035  1.00 41.11 ? 77  CYS A N   1 
ATOM   402  C CA  . CYS A 1 54  ? -3.550  -10.192 -3.208  1.00 39.57 ? 77  CYS A CA  1 
ATOM   403  C C   . CYS A 1 54  ? -2.311  -9.623  -3.895  1.00 38.18 ? 77  CYS A C   1 
ATOM   404  O O   . CYS A 1 54  ? -1.190  -10.023 -3.587  1.00 39.39 ? 77  CYS A O   1 
ATOM   405  C CB  . CYS A 1 54  ? -4.098  -11.376 -4.018  1.00 41.57 ? 77  CYS A CB  1 
ATOM   406  S SG  . CYS A 1 54  ? -5.503  -12.312 -3.344  1.00 44.17 ? 77  CYS A SG  1 
ATOM   407  N N   . ALA A 1 55  ? -2.530  -8.689  -4.819  1.00 36.02 ? 78  ALA A N   1 
ATOM   408  C CA  . ALA A 1 55  ? -1.451  -8.015  -5.540  1.00 34.93 ? 78  ALA A CA  1 
ATOM   409  C C   . ALA A 1 55  ? -0.609  -7.150  -4.606  1.00 33.64 ? 78  ALA A C   1 
ATOM   410  O O   . ALA A 1 55  ? 0.626   -7.175  -4.672  1.00 35.00 ? 78  ALA A O   1 
ATOM   411  C CB  . ALA A 1 55  ? -2.010  -7.176  -6.676  1.00 35.64 ? 78  ALA A CB  1 
ATOM   412  N N   . ILE A 1 56  ? -1.274  -6.397  -3.731  1.00 31.15 ? 79  ILE A N   1 
ATOM   413  C CA  . ILE A 1 56  ? -0.576  -5.585  -2.717  1.00 30.76 ? 79  ILE A CA  1 
ATOM   414  C C   . ILE A 1 56  ? 0.275   -6.471  -1.805  1.00 31.01 ? 79  ILE A C   1 
ATOM   415  O O   . ILE A 1 56  ? 1.435   -6.145  -1.506  1.00 29.23 ? 79  ILE A O   1 
ATOM   416  C CB  . ILE A 1 56  ? -1.558  -4.728  -1.887  1.00 30.01 ? 79  ILE A CB  1 
ATOM   417  C CG1 . ILE A 1 56  ? -2.196  -3.645  -2.771  1.00 30.34 ? 79  ILE A CG1 1 
ATOM   418  C CG2 . ILE A 1 56  ? -0.858  -4.129  -0.669  1.00 29.11 ? 79  ILE A CG2 1 
ATOM   419  C CD1 . ILE A 1 56  ? -3.419  -2.965  -2.175  1.00 30.88 ? 79  ILE A CD1 1 
ATOM   420  N N   . LEU A 1 57  ? -0.296  -7.606  -1.394  1.00 29.68 ? 80  LEU A N   1 
ATOM   421  C CA  . LEU A 1 57  ? 0.447   -8.600  -0.616  1.00 31.52 ? 80  LEU A CA  1 
ATOM   422  C C   . LEU A 1 57  ? 1.637   -9.172  -1.377  1.00 31.00 ? 80  LEU A C   1 
ATOM   423  O O   . LEU A 1 57  ? 2.695   -9.408  -0.788  1.00 31.34 ? 80  LEU A O   1 
ATOM   424  C CB  . LEU A 1 57  ? -0.485  -9.719  -0.116  1.00 33.06 ? 80  LEU A CB  1 
ATOM   425  C CG  . LEU A 1 57  ? -1.411  -9.318  1.044   1.00 33.72 ? 80  LEU A CG  1 
ATOM   426  C CD1 . LEU A 1 57  ? -2.490  -10.366 1.318   1.00 35.73 ? 80  LEU A CD1 1 
ATOM   427  C CD2 . LEU A 1 57  ? -0.590  -9.055  2.302   1.00 33.61 ? 80  LEU A CD2 1 
ATOM   428  N N   . CYS A 1 58  ? 1.472   -9.392  -2.684  1.00 32.17 ? 81  CYS A N   1 
ATOM   429  C CA  . CYS A 1 58  ? 2.571   -9.883  -3.514  1.00 33.45 ? 81  CYS A CA  1 
ATOM   430  C C   . CYS A 1 58  ? 3.707   -8.854  -3.584  1.00 33.60 ? 81  CYS A C   1 
ATOM   431  O O   . CYS A 1 58  ? 4.881   -9.182  -3.357  1.00 34.80 ? 81  CYS A O   1 
ATOM   432  C CB  . CYS A 1 58  ? 2.091   -10.258 -4.919  1.00 36.55 ? 81  CYS A CB  1 
ATOM   433  S SG  . CYS A 1 58  ? 3.429   -10.902 -5.960  1.00 40.16 ? 81  CYS A SG  1 
ATOM   434  N N   . LEU A 1 59  ? 3.351   -7.604  -3.866  1.00 33.33 ? 82  LEU A N   1 
ATOM   435  C CA  . LEU A 1 59  ? 4.326   -6.511  -3.855  1.00 31.34 ? 82  LEU A CA  1 
ATOM   436  C C   . LEU A 1 59  ? 5.102   -6.419  -2.532  1.00 31.04 ? 82  LEU A C   1 
ATOM   437  O O   . LEU A 1 59  ? 6.339   -6.353  -2.540  1.00 30.83 ? 82  LEU A O   1 
ATOM   438  C CB  . LEU A 1 59  ? 3.653   -5.182  -4.213  1.00 31.86 ? 82  LEU A CB  1 
ATOM   439  C CG  . LEU A 1 59  ? 3.049   -5.112  -5.621  1.00 32.22 ? 82  LEU A CG  1 
ATOM   440  C CD1 . LEU A 1 59  ? 2.041   -3.981  -5.721  1.00 32.95 ? 82  LEU A CD1 1 
ATOM   441  C CD2 . LEU A 1 59  ? 4.135   -4.980  -6.686  1.00 31.91 ? 82  LEU A CD2 1 
ATOM   442  N N   . SER A 1 60  ? 4.376   -6.452  -1.412  1.00 29.49 ? 83  SER A N   1 
ATOM   443  C CA  . SER A 1 60  ? 4.972   -6.410  -0.070  1.00 29.55 ? 83  SER A CA  1 
ATOM   444  C C   . SER A 1 60  ? 5.914   -7.572  0.198   1.00 31.20 ? 83  SER A C   1 
ATOM   445  O O   . SER A 1 60  ? 6.941   -7.413  0.878   1.00 29.74 ? 83  SER A O   1 
ATOM   446  C CB  . SER A 1 60  ? 3.886   -6.415  0.997   1.00 29.05 ? 83  SER A CB  1 
ATOM   447  O OG  . SER A 1 60  ? 3.162   -5.211  0.979   1.00 30.00 ? 83  SER A OG  1 
ATOM   448  N N   . SER A 1 61  ? 5.556   -8.745  -0.323  1.00 32.31 ? 84  SER A N   1 
ATOM   449  C CA  . SER A 1 61  ? 6.391   -9.928  -0.145  1.00 32.67 ? 84  SER A CA  1 
ATOM   450  C C   . SER A 1 61  ? 7.697   -9.831  -0.938  1.00 32.35 ? 84  SER A C   1 
ATOM   451  O O   . SER A 1 61  ? 8.750   -10.187 -0.428  1.00 32.40 ? 84  SER A O   1 
ATOM   452  C CB  . SER A 1 61  ? 5.625   -11.191 -0.528  1.00 33.99 ? 84  SER A CB  1 
ATOM   453  O OG  . SER A 1 61  ? 6.526   -12.213 -0.900  1.00 37.94 ? 84  SER A OG  1 
ATOM   454  N N   . LYS A 1 62  ? 7.612   -9.357  -2.178  1.00 33.42 ? 85  LYS A N   1 
ATOM   455  C CA  . LYS A 1 62  ? 8.783   -9.151  -3.032  1.00 35.67 ? 85  LYS A CA  1 
ATOM   456  C C   . LYS A 1 62  ? 9.775   -8.163  -2.415  1.00 36.12 ? 85  LYS A C   1 
ATOM   457  O O   . LYS A 1 62  ? 10.971  -8.205  -2.717  1.00 36.18 ? 85  LYS A O   1 
ATOM   458  C CB  . LYS A 1 62  ? 8.366   -8.617  -4.407  1.00 37.88 ? 85  LYS A CB  1 
ATOM   459  C CG  . LYS A 1 62  ? 7.565   -9.577  -5.269  1.00 41.57 ? 85  LYS A CG  1 
ATOM   460  C CD  . LYS A 1 62  ? 8.459   -10.545 -6.016  1.00 43.34 ? 85  LYS A CD  1 
ATOM   461  C CE  . LYS A 1 62  ? 7.626   -11.533 -6.812  1.00 44.68 ? 85  LYS A CE  1 
ATOM   462  N NZ  . LYS A 1 62  ? 8.307   -12.857 -6.836  1.00 45.80 ? 85  LYS A NZ  1 
ATOM   463  N N   . LEU A 1 63  ? 9.264   -7.263  -1.576  1.00 34.56 ? 86  LEU A N   1 
ATOM   464  C CA  . LEU A 1 63  ? 10.091  -6.275  -0.893  1.00 37.04 ? 86  LEU A CA  1 
ATOM   465  C C   . LEU A 1 63  ? 10.447  -6.745  0.507   1.00 38.01 ? 86  LEU A C   1 
ATOM   466  O O   . LEU A 1 63  ? 11.011  -5.983  1.306   1.00 39.11 ? 86  LEU A O   1 
ATOM   467  C CB  . LEU A 1 63  ? 9.366   -4.933  -0.797  1.00 35.67 ? 86  LEU A CB  1 
ATOM   468  C CG  . LEU A 1 63  ? 9.049   -4.137  -2.048  1.00 35.42 ? 86  LEU A CG  1 
ATOM   469  C CD1 . LEU A 1 63  ? 8.122   -3.006  -1.640  1.00 35.78 ? 86  LEU A CD1 1 
ATOM   470  C CD2 . LEU A 1 63  ? 10.309  -3.599  -2.720  1.00 37.22 ? 86  LEU A CD2 1 
ATOM   471  N N   . GLU A 1 64  ? 10.094  -7.998  0.795   1.00 38.80 ? 87  GLU A N   1 
ATOM   472  C CA  . GLU A 1 64  ? 10.398  -8.655  2.072   1.00 40.44 ? 87  GLU A CA  1 
ATOM   473  C C   . GLU A 1 64  ? 9.803   -7.919  3.282   1.00 40.14 ? 87  GLU A C   1 
ATOM   474  O O   . GLU A 1 64  ? 10.418  -7.851  4.353   1.00 38.99 ? 87  GLU A O   1 
ATOM   475  C CB  . GLU A 1 64  ? 11.911  -8.885  2.218   1.00 45.57 ? 87  GLU A CB  1 
ATOM   476  C CG  . GLU A 1 64  ? 12.522  -9.687  1.068   1.00 49.66 ? 87  GLU A CG  1 
ATOM   477  C CD  . GLU A 1 64  ? 14.026  -9.873  1.194   1.00 54.98 ? 87  GLU A CD  1 
ATOM   478  O OE1 . GLU A 1 64  ? 14.716  -8.956  1.699   1.00 58.70 ? 87  GLU A OE1 1 
ATOM   479  O OE2 . GLU A 1 64  ? 14.525  -10.943 0.780   1.00 58.48 ? 87  GLU A OE2 1 
ATOM   480  N N   . LEU A 1 65  ? 8.591   -7.390  3.102   1.00 36.71 ? 88  LEU A N   1 
ATOM   481  C CA  . LEU A 1 65  ? 7.907   -6.625  4.149   1.00 37.27 ? 88  LEU A CA  1 
ATOM   482  C C   . LEU A 1 65  ? 6.893   -7.446  4.955   1.00 39.17 ? 88  LEU A C   1 
ATOM   483  O O   . LEU A 1 65  ? 6.276   -6.917  5.878   1.00 39.26 ? 88  LEU A O   1 
ATOM   484  C CB  . LEU A 1 65  ? 7.219   -5.368  3.567   1.00 34.74 ? 88  LEU A CB  1 
ATOM   485  C CG  . LEU A 1 65  ? 8.069   -4.338  2.802   1.00 33.82 ? 88  LEU A CG  1 
ATOM   486  C CD1 . LEU A 1 65  ? 7.237   -3.189  2.238   1.00 32.87 ? 88  LEU A CD1 1 
ATOM   487  C CD2 . LEU A 1 65  ? 9.219   -3.813  3.654   1.00 32.00 ? 88  LEU A CD2 1 
ATOM   488  N N   . LEU A 1 66  ? 6.717   -8.724  4.610   1.00 39.92 ? 89  LEU A N   1 
ATOM   489  C CA  . LEU A 1 66  ? 5.678   -9.559  5.239   1.00 41.89 ? 89  LEU A CA  1 
ATOM   490  C C   . LEU A 1 66  ? 6.242   -10.720 6.046   1.00 43.60 ? 89  LEU A C   1 
ATOM   491  O O   . LEU A 1 66  ? 7.232   -11.330 5.646   1.00 41.52 ? 89  LEU A O   1 
ATOM   492  C CB  . LEU A 1 66  ? 4.710   -10.126 4.186   1.00 41.18 ? 89  LEU A CB  1 
ATOM   493  C CG  . LEU A 1 66  ? 3.837   -9.183  3.352   1.00 39.41 ? 89  LEU A CG  1 
ATOM   494  C CD1 . LEU A 1 66  ? 2.960   -9.966  2.386   1.00 38.64 ? 89  LEU A CD1 1 
ATOM   495  C CD2 . LEU A 1 66  ? 2.993   -8.289  4.249   1.00 40.50 ? 89  LEU A CD2 1 
ATOM   496  N N   . ASP A 1 67  ? 5.596   -11.033 7.170   1.00 47.73 ? 90  ASP A N   1 
ATOM   497  C CA  . ASP A 1 67  ? 5.920   -12.252 7.917   1.00 54.31 ? 90  ASP A CA  1 
ATOM   498  C C   . ASP A 1 67  ? 5.261   -13.470 7.258   1.00 55.68 ? 90  ASP A C   1 
ATOM   499  O O   . ASP A 1 67  ? 4.632   -13.344 6.198   1.00 54.65 ? 90  ASP A O   1 
ATOM   500  C CB  . ASP A 1 67  ? 5.530   -12.135 9.398   1.00 56.09 ? 90  ASP A CB  1 
ATOM   501  C CG  . ASP A 1 67  ? 4.024   -12.032 9.613   1.00 59.91 ? 90  ASP A CG  1 
ATOM   502  O OD1 . ASP A 1 67  ? 3.270   -11.979 8.622   1.00 60.77 ? 90  ASP A OD1 1 
ATOM   503  O OD2 . ASP A 1 67  ? 3.590   -12.003 10.784  1.00 62.66 ? 90  ASP A OD2 1 
ATOM   504  N N   . GLN A 1 68  ? 5.407   -14.637 7.886   1.00 56.77 ? 91  GLN A N   1 
ATOM   505  C CA  . GLN A 1 68  ? 4.856   -15.883 7.348   1.00 58.18 ? 91  GLN A CA  1 
ATOM   506  C C   . GLN A 1 68  ? 3.331   -15.925 7.445   1.00 57.67 ? 91  GLN A C   1 
ATOM   507  O O   . GLN A 1 68  ? 2.671   -16.615 6.669   1.00 60.79 ? 91  GLN A O   1 
ATOM   508  C CB  . GLN A 1 68  ? 5.483   -17.099 8.037   1.00 60.17 ? 91  GLN A CB  1 
ATOM   509  C CG  . GLN A 1 68  ? 6.944   -17.327 7.681   1.00 60.16 ? 91  GLN A CG  1 
ATOM   510  N N   . GLU A 1 69  ? 2.785   -15.172 8.395   1.00 57.64 ? 92  GLU A N   1 
ATOM   511  C CA  . GLU A 1 69  ? 1.341   -15.001 8.545   1.00 55.32 ? 92  GLU A CA  1 
ATOM   512  C C   . GLU A 1 69  ? 0.833   -13.847 7.676   1.00 52.12 ? 92  GLU A C   1 
ATOM   513  O O   . GLU A 1 69  ? -0.309  -13.398 7.825   1.00 51.31 ? 92  GLU A O   1 
ATOM   514  C CB  . GLU A 1 69  ? 0.986   -14.775 10.019  1.00 57.58 ? 92  GLU A CB  1 
ATOM   515  C CG  . GLU A 1 69  ? 1.309   -15.966 10.913  1.00 59.44 ? 92  GLU A CG  1 
ATOM   516  C CD  . GLU A 1 69  ? 1.530   -15.576 12.363  1.00 63.73 ? 92  GLU A CD  1 
ATOM   517  O OE2 . GLU A 1 69  ? 0.613   -14.995 12.984  1.00 66.86 ? 92  GLU A OE2 1 
ATOM   518  N N   . LEU A 1 70  ? 1.699   -13.381 6.772   1.00 49.96 ? 93  LEU A N   1 
ATOM   519  C CA  . LEU A 1 70  ? 1.405   -12.301 5.817   1.00 47.03 ? 93  LEU A CA  1 
ATOM   520  C C   . LEU A 1 70  ? 1.032   -10.976 6.482   1.00 45.75 ? 93  LEU A C   1 
ATOM   521  O O   . LEU A 1 70  ? 0.284   -10.174 5.917   1.00 44.76 ? 93  LEU A O   1 
ATOM   522  C CB  . LEU A 1 70  ? 0.344   -12.727 4.785   1.00 45.28 ? 93  LEU A CB  1 
ATOM   523  C CG  . LEU A 1 70  ? 0.599   -13.999 3.973   1.00 44.98 ? 93  LEU A CG  1 
ATOM   524  C CD1 . LEU A 1 70  ? -0.621  -14.325 3.125   1.00 46.57 ? 93  LEU A CD1 1 
ATOM   525  C CD2 . LEU A 1 70  ? 1.846   -13.901 3.108   1.00 42.48 ? 93  LEU A CD2 1 
ATOM   526  N N   . LYS A 1 71  ? 1.560   -10.752 7.681   1.00 45.69 ? 94  LYS A N   1 
ATOM   527  C CA  . LYS A 1 71  ? 1.400   -9.473  8.359   1.00 46.08 ? 94  LYS A CA  1 
ATOM   528  C C   . LYS A 1 71  ? 2.626   -8.587  8.096   1.00 41.53 ? 94  LYS A C   1 
ATOM   529  O O   . LYS A 1 71  ? 3.730   -9.077  7.876   1.00 40.07 ? 94  LYS A O   1 
ATOM   530  C CB  . LYS A 1 71  ? 1.192   -9.672  9.866   1.00 49.44 ? 94  LYS A CB  1 
ATOM   531  C CG  . LYS A 1 71  ? -0.124  -10.323 10.261  1.00 53.67 ? 94  LYS A CG  1 
ATOM   532  C CD  . LYS A 1 71  ? -0.297  -10.288 11.776  1.00 56.57 ? 94  LYS A CD  1 
ATOM   533  C CE  . LYS A 1 71  ? -1.635  -10.868 12.217  1.00 60.30 ? 94  LYS A CE  1 
ATOM   534  N NZ  . LYS A 1 71  ? -1.663  -12.356 12.103  1.00 61.36 ? 94  LYS A NZ  1 
ATOM   535  N N   . LEU A 1 72  ? 2.406   -7.280  8.126   1.00 40.58 ? 95  LEU A N   1 
ATOM   536  C CA  . LEU A 1 72  ? 3.433   -6.294  7.818   1.00 39.45 ? 95  LEU A CA  1 
ATOM   537  C C   . LEU A 1 72  ? 4.536   -6.214  8.879   1.00 39.86 ? 95  LEU A C   1 
ATOM   538  O O   . LEU A 1 72  ? 4.253   -6.041  10.068  1.00 40.56 ? 95  LEU A O   1 
ATOM   539  C CB  . LEU A 1 72  ? 2.772   -4.923  7.647   1.00 39.21 ? 95  LEU A CB  1 
ATOM   540  C CG  . LEU A 1 72  ? 3.640   -3.718  7.299   1.00 39.56 ? 95  LEU A CG  1 
ATOM   541  C CD1 . LEU A 1 72  ? 4.105   -3.759  5.847   1.00 40.75 ? 95  LEU A CD1 1 
ATOM   542  C CD2 . LEU A 1 72  ? 2.839   -2.459  7.580   1.00 41.23 ? 95  LEU A CD2 1 
ATOM   543  N N   . HIS A 1 73  ? 5.786   -6.359  8.436   1.00 39.03 ? 96  HIS A N   1 
ATOM   544  C CA  . HIS A 1 73  ? 6.948   -5.993  9.245   1.00 41.33 ? 96  HIS A CA  1 
ATOM   545  C C   . HIS A 1 73  ? 6.973   -4.494  9.452   1.00 40.22 ? 96  HIS A C   1 
ATOM   546  O O   . HIS A 1 73  ? 7.336   -3.732  8.554   1.00 35.32 ? 96  HIS A O   1 
ATOM   547  C CB  . HIS A 1 73  ? 8.235   -6.446  8.570   1.00 42.74 ? 96  HIS A CB  1 
ATOM   548  C CG  . HIS A 1 73  ? 8.500   -7.929  8.677   1.00 46.05 ? 96  HIS A CG  1 
ATOM   549  N ND1 . HIS A 1 73  ? 8.903   -8.669  7.622   1.00 48.87 ? 96  HIS A ND1 1 
ATOM   550  C CD2 . HIS A 1 73  ? 8.422   -8.801  9.765   1.00 47.08 ? 96  HIS A CD2 1 
ATOM   551  C CE1 . HIS A 1 73  ? 9.067   -9.950  8.010   1.00 50.25 ? 96  HIS A CE1 1 
ATOM   552  N NE2 . HIS A 1 73  ? 8.772   -10.028 9.325   1.00 50.36 ? 96  HIS A NE2 1 
ATOM   553  N N   . HIS A 1 74  ? 6.563   -4.054  10.638  1.00 38.79 ? 97  HIS A N   1 
ATOM   554  C CA  . HIS A 1 74  ? 6.466   -2.628  10.927  1.00 37.82 ? 97  HIS A CA  1 
ATOM   555  C C   . HIS A 1 74  ? 7.764   -1.890  10.772  1.00 36.14 ? 97  HIS A C   1 
ATOM   556  O O   . HIS A 1 74  ? 7.813   -0.845  10.117  1.00 33.94 ? 97  HIS A O   1 
ATOM   557  C CB  . HIS A 1 74  ? 5.864   -2.399  12.309  1.00 41.02 ? 97  HIS A CB  1 
ATOM   558  C CG  . HIS A 1 74  ? 4.365   -2.529  12.330  1.00 44.12 ? 97  HIS A CG  1 
ATOM   559  N ND1 . HIS A 1 74  ? 3.733   -3.656  11.956  1.00 45.70 ? 97  HIS A ND1 1 
ATOM   560  C CD2 . HIS A 1 74  ? 3.370   -1.618  12.680  1.00 47.67 ? 97  HIS A CD2 1 
ATOM   561  C CE1 . HIS A 1 74  ? 2.401   -3.481  12.063  1.00 47.35 ? 97  HIS A CE1 1 
ATOM   562  N NE2 . HIS A 1 74  ? 2.178   -2.234  12.505  1.00 48.13 ? 97  HIS A NE2 1 
ATOM   563  N N   . GLY A 1 75  ? 8.829   -2.425  11.360  1.00 34.78 ? 98  GLY A N   1 
ATOM   564  C CA  . GLY A 1 75  ? 10.128  -1.771  11.302  1.00 33.63 ? 98  GLY A CA  1 
ATOM   565  C C   . GLY A 1 75  ? 10.685  -1.727  9.893   1.00 32.02 ? 98  GLY A C   1 
ATOM   566  O O   . GLY A 1 75  ? 11.281  -0.730  9.485   1.00 29.83 ? 98  GLY A O   1 
ATOM   567  N N   . LYS A 1 76  ? 10.484  -2.819  9.161   1.00 31.35 ? 99  LYS A N   1 
ATOM   568  C CA  . LYS A 1 76  ? 10.972  -2.961  7.794   1.00 30.72 ? 99  LYS A CA  1 
ATOM   569  C C   . LYS A 1 76  ? 10.245  -2.024  6.837   1.00 27.68 ? 99  LYS A C   1 
ATOM   570  O O   . LYS A 1 76  ? 10.850  -1.490  5.912   1.00 25.86 ? 99  LYS A O   1 
ATOM   571  C CB  . LYS A 1 76  ? 10.841  -4.413  7.323   1.00 33.59 ? 99  LYS A CB  1 
ATOM   572  C CG  . LYS A 1 76  ? 12.000  -5.304  7.744   1.00 38.22 ? 99  LYS A CG  1 
ATOM   573  C CD  . LYS A 1 76  ? 11.924  -6.666  7.077   1.00 41.39 ? 99  LYS A CD  1 
ATOM   574  C CE  . LYS A 1 76  ? 13.308  -7.266  6.843   1.00 46.51 ? 99  LYS A CE  1 
ATOM   575  N NZ  . LYS A 1 76  ? 13.914  -6.895  5.526   1.00 47.27 ? 99  LYS A NZ  1 
ATOM   576  N N   . ALA A 1 77  ? 8.953   -1.825  7.068   1.00 25.39 ? 100 ALA A N   1 
ATOM   577  C CA  . ALA A 1 77  ? 8.176   -0.839  6.316   1.00 25.70 ? 100 ALA A CA  1 
ATOM   578  C C   . ALA A 1 77  ? 8.720   0.571   6.539   1.00 25.90 ? 100 ALA A C   1 
ATOM   579  O O   . ALA A 1 77  ? 8.845   1.366   5.598   1.00 23.95 ? 100 ALA A O   1 
ATOM   580  C CB  . ALA A 1 77  ? 6.711   -0.917  6.726   1.00 27.72 ? 100 ALA A CB  1 
ATOM   581  N N   . GLN A 1 78  ? 9.046   0.888   7.793   1.00 25.99 ? 101 GLN A N   1 
ATOM   582  C CA  . GLN A 1 78  ? 9.579   2.208   8.128   1.00 26.40 ? 101 GLN A CA  1 
ATOM   583  C C   . GLN A 1 78  ? 10.917  2.420   7.414   1.00 24.29 ? 101 GLN A C   1 
ATOM   584  O O   . GLN A 1 78  ? 11.181  3.495   6.883   1.00 25.16 ? 101 GLN A O   1 
ATOM   585  C CB  . GLN A 1 78  ? 9.731   2.326   9.649   1.00 30.64 ? 101 GLN A CB  1 
ATOM   586  C CG  . GLN A 1 78  ? 10.449  3.568   10.155  1.00 35.87 ? 101 GLN A CG  1 
ATOM   587  C CD  . GLN A 1 78  ? 10.663  3.523   11.665  1.00 39.55 ? 101 GLN A CD  1 
ATOM   588  O OE1 . GLN A 1 78  ? 9.707   3.460   12.434  1.00 40.69 ? 101 GLN A OE1 1 
ATOM   589  N NE2 . GLN A 1 78  ? 11.924  3.542   12.089  1.00 43.26 ? 101 GLN A NE2 1 
ATOM   590  N N   . GLU A 1 79  ? 11.756  1.383   7.414   1.00 23.53 ? 102 GLU A N   1 
ATOM   591  C CA  . GLU A 1 79  ? 13.066  1.444   6.768   1.00 23.08 ? 102 GLU A CA  1 
ATOM   592  C C   . GLU A 1 79  ? 12.925  1.545   5.266   1.00 22.15 ? 102 GLU A C   1 
ATOM   593  O O   . GLU A 1 79  ? 13.682  2.253   4.634   1.00 22.53 ? 102 GLU A O   1 
ATOM   594  C CB  . GLU A 1 79  ? 13.953  0.260   7.147   1.00 22.41 ? 102 GLU A CB  1 
ATOM   595  C CG  . GLU A 1 79  ? 14.417  0.279   8.603   1.00 23.61 ? 102 GLU A CG  1 
ATOM   596  C CD  . GLU A 1 79  ? 15.012  1.615   9.034   1.00 24.47 ? 102 GLU A CD  1 
ATOM   597  O OE1 . GLU A 1 79  ? 16.044  2.051   8.463   1.00 24.92 ? 102 GLU A OE1 1 
ATOM   598  O OE2 . GLU A 1 79  ? 14.455  2.247   9.954   1.00 25.96 ? 102 GLU A OE2 1 
ATOM   599  N N   . PHE A 1 80  ? 11.956  0.846   4.698   1.00 22.73 ? 103 PHE A N   1 
ATOM   600  C CA  . PHE A 1 80  ? 11.675  0.977   3.265   1.00 24.20 ? 103 PHE A CA  1 
ATOM   601  C C   . PHE A 1 80  ? 11.461  2.441   2.892   1.00 23.70 ? 103 PHE A C   1 
ATOM   602  O O   . PHE A 1 80  ? 12.091  2.942   1.971   1.00 24.59 ? 103 PHE A O   1 
ATOM   603  C CB  . PHE A 1 80  ? 10.459  0.120   2.867   1.00 24.92 ? 103 PHE A CB  1 
ATOM   604  C CG  . PHE A 1 80  ? 10.004  0.325   1.439   1.00 24.91 ? 103 PHE A CG  1 
ATOM   605  C CD1 . PHE A 1 80  ? 10.637  -0.344  0.387   1.00 26.83 ? 103 PHE A CD1 1 
ATOM   606  C CD2 . PHE A 1 80  ? 8.946   1.190   1.147   1.00 26.07 ? 103 PHE A CD2 1 
ATOM   607  C CE1 . PHE A 1 80  ? 10.218  -0.151  -0.927  1.00 26.90 ? 103 PHE A CE1 1 
ATOM   608  C CE2 . PHE A 1 80  ? 8.536   1.392   -0.164  1.00 26.04 ? 103 PHE A CE2 1 
ATOM   609  C CZ  . PHE A 1 80  ? 9.170   0.713   -1.197  1.00 26.04 ? 103 PHE A CZ  1 
ATOM   610  N N   . ALA A 1 81  ? 10.586  3.122   3.628   1.00 24.03 ? 104 ALA A N   1 
ATOM   611  C CA  . ALA A 1 81  ? 10.208  4.502   3.329   1.00 23.04 ? 104 ALA A CA  1 
ATOM   612  C C   . ALA A 1 81  ? 11.379  5.498   3.430   1.00 23.81 ? 104 ALA A C   1 
ATOM   613  O O   . ALA A 1 81  ? 11.519  6.387   2.584   1.00 23.32 ? 104 ALA A O   1 
ATOM   614  C CB  . ALA A 1 81  ? 9.065   4.923   4.238   1.00 25.03 ? 104 ALA A CB  1 
ATOM   615  N N   . LYS A 1 82  ? 12.197  5.364   4.475   1.00 23.53 ? 105 LYS A N   1 
ATOM   616  C CA  . LYS A 1 82  ? 13.399  6.186   4.647   1.00 25.33 ? 105 LYS A CA  1 
ATOM   617  C C   . LYS A 1 82  ? 14.449  5.943   3.551   1.00 25.72 ? 105 LYS A C   1 
ATOM   618  O O   . LYS A 1 82  ? 15.080  6.894   3.069   1.00 25.91 ? 105 LYS A O   1 
ATOM   619  C CB  . LYS A 1 82  ? 14.031  5.924   6.017   1.00 25.63 ? 105 LYS A CB  1 
ATOM   620  C CG  . LYS A 1 82  ? 13.103  6.224   7.167   1.00 26.50 ? 105 LYS A CG  1 
ATOM   621  C CD  . LYS A 1 82  ? 13.440  5.360   8.375   1.00 27.81 ? 105 LYS A CD  1 
ATOM   622  C CE  . LYS A 1 82  ? 14.617  5.896   9.153   1.00 27.23 ? 105 LYS A CE  1 
ATOM   623  N NZ  . LYS A 1 82  ? 14.851  5.053   10.371  1.00 28.47 ? 105 LYS A NZ  1 
ATOM   624  N N   . LYS A 1 83  ? 14.636  4.682   3.149   1.00 26.17 ? 106 LYS A N   1 
ATOM   625  C CA  . LYS A 1 83  ? 15.609  4.361   2.084   1.00 26.73 ? 106 LYS A CA  1 
ATOM   626  C C   . LYS A 1 83  ? 15.143  4.949   0.750   1.00 28.37 ? 106 LYS A C   1 
ATOM   627  O O   . LYS A 1 83  ? 15.943  5.164   -0.161  1.00 28.17 ? 106 LYS A O   1 
ATOM   628  C CB  . LYS A 1 83  ? 15.813  2.851   1.961   1.00 27.11 ? 106 LYS A CB  1 
ATOM   629  C CG  . LYS A 1 83  ? 16.650  2.250   3.075   1.00 27.52 ? 106 LYS A CG  1 
ATOM   630  C CD  . LYS A 1 83  ? 16.626  0.734   3.006   1.00 27.95 ? 106 LYS A CD  1 
ATOM   631  C CE  . LYS A 1 83  ? 17.306  0.140   4.229   1.00 29.89 ? 106 LYS A CE  1 
ATOM   632  N NZ  . LYS A 1 83  ? 17.058  -1.329  4.325   1.00 31.51 ? 106 LYS A NZ  1 
ATOM   633  N N   . HIS A 1 84  ? 13.848  5.242   0.661   1.00 29.16 ? 107 HIS A N   1 
ATOM   634  C CA  . HIS A 1 84  ? 13.291  5.935   -0.509  1.00 31.60 ? 107 HIS A CA  1 
ATOM   635  C C   . HIS A 1 84  ? 12.931  7.382   -0.267  1.00 31.60 ? 107 HIS A C   1 
ATOM   636  O O   . HIS A 1 84  ? 12.126  7.951   -0.994  1.00 32.95 ? 107 HIS A O   1 
ATOM   637  C CB  . HIS A 1 84  ? 12.117  5.151   -1.089  1.00 31.30 ? 107 HIS A CB  1 
ATOM   638  C CG  . HIS A 1 84  ? 12.508  3.801   -1.604  1.00 32.09 ? 107 HIS A CG  1 
ATOM   639  N ND1 . HIS A 1 84  ? 13.132  3.635   -2.782  1.00 32.94 ? 107 HIS A ND1 1 
ATOM   640  C CD2 . HIS A 1 84  ? 12.388  2.538   -1.041  1.00 32.78 ? 107 HIS A CD2 1 
ATOM   641  C CE1 . HIS A 1 84  ? 13.385  2.330   -2.976  1.00 32.09 ? 107 HIS A CE1 1 
ATOM   642  N NE2 . HIS A 1 84  ? 12.936  1.658   -1.906  1.00 34.11 ? 107 HIS A NE2 1 
ATOM   643  N N   . GLY A 1 85  ? 13.530  7.984   0.754   1.00 33.05 ? 108 GLY A N   1 
ATOM   644  C CA  . GLY A 1 85  ? 13.544  9.444   0.881   1.00 33.92 ? 108 GLY A CA  1 
ATOM   645  C C   . GLY A 1 85  ? 12.603  10.111  1.866   1.00 33.65 ? 108 GLY A C   1 
ATOM   646  O O   . GLY A 1 85  ? 12.639  11.337  2.010   1.00 35.42 ? 108 GLY A O   1 
ATOM   647  N N   . ALA A 1 86  ? 11.749  9.329   2.525   1.00 30.88 ? 109 ALA A N   1 
ATOM   648  C CA  . ALA A 1 86  ? 10.947  9.855   3.622   1.00 30.78 ? 109 ALA A CA  1 
ATOM   649  C C   . ALA A 1 86  ? 11.911  10.140  4.757   1.00 31.43 ? 109 ALA A C   1 
ATOM   650  O O   . ALA A 1 86  ? 12.826  9.349   4.997   1.00 29.78 ? 109 ALA A O   1 
ATOM   651  C CB  . ALA A 1 86  ? 9.891   8.849   4.069   1.00 27.60 ? 109 ALA A CB  1 
ATOM   652  N N   . ASP A 1 87  ? 11.730  11.263  5.448   1.00 31.55 ? 110 ASP A N   1 
ATOM   653  C CA  . ASP A 1 87  ? 12.506  11.478  6.667   1.00 31.86 ? 110 ASP A CA  1 
ATOM   654  C C   . ASP A 1 87  ? 11.969  10.569  7.762   1.00 30.60 ? 110 ASP A C   1 
ATOM   655  O O   . ASP A 1 87  ? 10.888  9.997   7.618   1.00 29.73 ? 110 ASP A O   1 
ATOM   656  C CB  . ASP A 1 87  ? 12.589  12.965  7.071   1.00 34.32 ? 110 ASP A CB  1 
ATOM   657  C CG  . ASP A 1 87  ? 11.252  13.561  7.485   1.00 35.31 ? 110 ASP A CG  1 
ATOM   658  O OD1 . ASP A 1 87  ? 10.356  12.829  7.929   1.00 35.10 ? 110 ASP A OD1 1 
ATOM   659  O OD2 . ASP A 1 87  ? 11.121  14.798  7.392   1.00 39.77 ? 110 ASP A OD2 1 
ATOM   660  N N   . ASP A 1 88  ? 12.739  10.400  8.834   1.00 29.04 ? 111 ASP A N   1 
ATOM   661  C CA  . ASP A 1 88  ? 12.373  9.469   9.892   1.00 29.46 ? 111 ASP A CA  1 
ATOM   662  C C   . ASP A 1 88  ? 10.948  9.727   10.399  1.00 27.58 ? 111 ASP A C   1 
ATOM   663  O O   . ASP A 1 88  ? 10.168  8.793   10.579  1.00 27.44 ? 111 ASP A O   1 
ATOM   664  C CB  . ASP A 1 88  ? 13.381  9.564   11.049  1.00 31.10 ? 111 ASP A CB  1 
ATOM   665  C CG  . ASP A 1 88  ? 13.132  8.526   12.135  1.00 33.97 ? 111 ASP A CG  1 
ATOM   666  O OD1 . ASP A 1 88  ? 13.172  7.308   11.842  1.00 35.70 ? 111 ASP A OD1 1 
ATOM   667  O OD2 . ASP A 1 88  ? 12.907  8.930   13.295  1.00 37.02 ? 111 ASP A OD2 1 
ATOM   668  N N   . ALA A 1 89  ? 10.611  11.002  10.616  1.00 28.17 ? 112 ALA A N   1 
ATOM   669  C CA  . ALA A 1 89  ? 9.294   11.379  11.148  1.00 26.60 ? 112 ALA A CA  1 
ATOM   670  C C   . ALA A 1 89  ? 8.184   10.943  10.201  1.00 26.42 ? 112 ALA A C   1 
ATOM   671  O O   . ALA A 1 89  ? 7.225   10.304  10.627  1.00 27.42 ? 112 ALA A O   1 
ATOM   672  C CB  . ALA A 1 89  ? 9.229   12.876  11.399  1.00 25.96 ? 112 ALA A CB  1 
ATOM   673  N N   . MET A 1 90  ? 8.321   11.260  8.915   1.00 26.63 ? 113 MET A N   1 
ATOM   674  C CA  . MET A 1 90  ? 7.286   10.888  7.941   1.00 25.78 ? 113 MET A CA  1 
ATOM   675  C C   . MET A 1 90  ? 7.141   9.381   7.838   1.00 25.64 ? 113 MET A C   1 
ATOM   676  O O   . MET A 1 90  ? 6.035   8.846   7.839   1.00 24.02 ? 113 MET A O   1 
ATOM   677  C CB  . MET A 1 90  ? 7.574   11.483  6.570   1.00 26.75 ? 113 MET A CB  1 
ATOM   678  C CG  . MET A 1 90  ? 6.329   11.540  5.689   1.00 30.18 ? 113 MET A CG  1 
ATOM   679  S SD  . MET A 1 90  ? 6.774   12.125  4.050   1.00 38.06 ? 113 MET A SD  1 
ATOM   680  C CE  . MET A 1 90  ? 5.213   12.036  3.179   1.00 33.60 ? 113 MET A CE  1 
ATOM   681  N N   . ALA A 1 91  ? 8.273   8.693   7.784   1.00 25.50 ? 114 ALA A N   1 
ATOM   682  C CA  . ALA A 1 91  ? 8.277   7.257   7.690   1.00 25.61 ? 114 ALA A CA  1 
ATOM   683  C C   . ALA A 1 91  ? 7.519   6.654   8.864   1.00 26.39 ? 114 ALA A C   1 
ATOM   684  O O   . ALA A 1 91  ? 6.695   5.773   8.677   1.00 25.89 ? 114 ALA A O   1 
ATOM   685  C CB  . ALA A 1 91  ? 9.703   6.749   7.646   1.00 25.59 ? 114 ALA A CB  1 
ATOM   686  N N   . LYS A 1 92  ? 7.782   7.149   10.070  1.00 28.37 ? 115 LYS A N   1 
ATOM   687  C CA  . LYS A 1 92  ? 7.049   6.705   11.263  1.00 28.96 ? 115 LYS A CA  1 
ATOM   688  C C   . LYS A 1 92  ? 5.562   7.001   11.160  1.00 26.77 ? 115 LYS A C   1 
ATOM   689  O O   . LYS A 1 92  ? 4.741   6.148   11.465  1.00 25.12 ? 115 LYS A O   1 
ATOM   690  C CB  . LYS A 1 92  ? 7.616   7.343   12.541  1.00 30.43 ? 115 LYS A CB  1 
ATOM   691  C CG  . LYS A 1 92  ? 8.913   6.704   13.018  1.00 34.85 ? 115 LYS A CG  1 
ATOM   692  C CD  . LYS A 1 92  ? 9.416   7.347   14.307  1.00 37.98 ? 115 LYS A CD  1 
ATOM   693  N N   . GLN A 1 93  ? 5.225   8.213   10.725  1.00 28.68 ? 116 GLN A N   1 
ATOM   694  C CA  . GLN A 1 93  ? 3.837   8.606   10.539  1.00 28.83 ? 116 GLN A CA  1 
ATOM   695  C C   . GLN A 1 93  ? 3.114   7.660   9.557   1.00 28.74 ? 116 GLN A C   1 
ATOM   696  O O   . GLN A 1 93  ? 2.001   7.182   9.832   1.00 27.79 ? 116 GLN A O   1 
ATOM   697  C CB  . GLN A 1 93  ? 3.754   10.079  10.095  1.00 30.65 ? 116 GLN A CB  1 
ATOM   698  C CG  . GLN A 1 93  ? 2.334   10.644  10.006  1.00 33.78 ? 116 GLN A CG  1 
ATOM   699  C CD  . GLN A 1 93  ? 1.551   10.501  11.309  1.00 36.94 ? 116 GLN A CD  1 
ATOM   700  O OE1 . GLN A 1 93  ? 1.998   10.963  12.361  1.00 39.79 ? 116 GLN A OE1 1 
ATOM   701  N NE2 . GLN A 1 93  ? 0.380   9.850   11.243  1.00 34.52 ? 116 GLN A NE2 1 
ATOM   702  N N   . LEU A 1 94  ? 3.757   7.361   8.431   1.00 27.02 ? 117 LEU A N   1 
ATOM   703  C CA  . LEU A 1 94  ? 3.176   6.465   7.434   1.00 25.33 ? 117 LEU A CA  1 
ATOM   704  C C   . LEU A 1 94  ? 2.865   5.077   8.001   1.00 26.04 ? 117 LEU A C   1 
ATOM   705  O O   . LEU A 1 94  ? 1.777   4.552   7.807   1.00 24.94 ? 117 LEU A O   1 
ATOM   706  C CB  . LEU A 1 94  ? 4.104   6.350   6.210   1.00 25.09 ? 117 LEU A CB  1 
ATOM   707  C CG  . LEU A 1 94  ? 4.304   7.623   5.379   1.00 25.24 ? 117 LEU A CG  1 
ATOM   708  C CD1 . LEU A 1 94  ? 5.305   7.395   4.244   1.00 23.89 ? 117 LEU A CD1 1 
ATOM   709  C CD2 . LEU A 1 94  ? 2.982   8.182   4.840   1.00 24.67 ? 117 LEU A CD2 1 
ATOM   710  N N   . VAL A 1 95  ? 3.826   4.485   8.709   1.00 27.50 ? 118 VAL A N   1 
ATOM   711  C CA  . VAL A 1 95  ? 3.633   3.169   9.324   1.00 29.51 ? 118 VAL A CA  1 
ATOM   712  C C   . VAL A 1 95  ? 2.514   3.186   10.382  1.00 30.58 ? 118 VAL A C   1 
ATOM   713  O O   . VAL A 1 95  ? 1.740   2.221   10.512  1.00 31.02 ? 118 VAL A O   1 
ATOM   714  C CB  . VAL A 1 95  ? 4.957   2.655   9.931   1.00 30.00 ? 118 VAL A CB  1 
ATOM   715  C CG1 . VAL A 1 95  ? 4.737   1.381   10.729  1.00 29.45 ? 118 VAL A CG1 1 
ATOM   716  C CG2 . VAL A 1 95  ? 5.964   2.410   8.824   1.00 30.90 ? 118 VAL A CG2 1 
ATOM   717  N N   . ASP A 1 96  ? 2.439   4.287   11.126  1.00 32.20 ? 119 ASP A N   1 
ATOM   718  C CA  . ASP A 1 96  ? 1.394   4.488   12.128  1.00 33.35 ? 119 ASP A CA  1 
ATOM   719  C C   . ASP A 1 96  ? 0.018   4.490   11.465  1.00 33.98 ? 119 ASP A C   1 
ATOM   720  O O   . ASP A 1 96  ? -0.882  3.788   11.919  1.00 34.71 ? 119 ASP A O   1 
ATOM   721  C CB  . ASP A 1 96  ? 1.629   5.790   12.900  1.00 36.19 ? 119 ASP A CB  1 
ATOM   722  C CG  . ASP A 1 96  ? 2.771   5.675   13.924  1.00 37.56 ? 119 ASP A CG  1 
ATOM   723  O OD1 . ASP A 1 96  ? 3.031   4.558   14.414  1.00 42.19 ? 119 ASP A OD1 1 
ATOM   724  O OD2 . ASP A 1 96  ? 3.411   6.701   14.238  1.00 41.65 ? 119 ASP A OD2 1 
ATOM   725  N N   . LEU A 1 97  ? -0.122  5.235   10.365  1.00 32.62 ? 120 LEU A N   1 
ATOM   726  C CA  . LEU A 1 97  ? -1.371  5.280   9.599   1.00 32.00 ? 120 LEU A CA  1 
ATOM   727  C C   . LEU A 1 97  ? -1.786  3.899   9.120   1.00 32.97 ? 120 LEU A C   1 
ATOM   728  O O   . LEU A 1 97  ? -2.964  3.549   9.178   1.00 33.11 ? 120 LEU A O   1 
ATOM   729  C CB  . LEU A 1 97  ? -1.245  6.210   8.394   1.00 32.86 ? 120 LEU A CB  1 
ATOM   730  C CG  . LEU A 1 97  ? -1.210  7.721   8.600   1.00 34.88 ? 120 LEU A CG  1 
ATOM   731  C CD1 . LEU A 1 97  ? -1.099  8.393   7.240   1.00 34.29 ? 120 LEU A CD1 1 
ATOM   732  C CD2 . LEU A 1 97  ? -2.450  8.205   9.343   1.00 34.45 ? 120 LEU A CD2 1 
ATOM   733  N N   . ILE A 1 98  ? -0.821  3.118   8.641   1.00 32.21 ? 121 ILE A N   1 
ATOM   734  C CA  . ILE A 1 98  ? -1.086  1.749   8.232   1.00 32.52 ? 121 ILE A CA  1 
ATOM   735  C C   . ILE A 1 98  ? -1.519  0.914   9.442   1.00 35.48 ? 121 ILE A C   1 
ATOM   736  O O   . ILE A 1 98  ? -2.514  0.189   9.367   1.00 36.24 ? 121 ILE A O   1 
ATOM   737  C CB  . ILE A 1 98  ? 0.121   1.119   7.492   1.00 31.61 ? 121 ILE A CB  1 
ATOM   738  C CG1 . ILE A 1 98  ? 0.336   1.823   6.138   1.00 31.29 ? 121 ILE A CG1 1 
ATOM   739  C CG2 . ILE A 1 98  ? -0.109  -0.360  7.258   1.00 32.49 ? 121 ILE A CG2 1 
ATOM   740  C CD1 . ILE A 1 98  ? 1.657   1.533   5.452   1.00 31.58 ? 121 ILE A CD1 1 
ATOM   741  N N   . HIS A 1 99  ? -0.796  1.031   10.559  1.00 38.20 ? 122 HIS A N   1 
ATOM   742  C CA  . HIS A 1 99  ? -1.133  0.267   11.766  1.00 38.94 ? 122 HIS A CA  1 
ATOM   743  C C   . HIS A 1 99  ? -2.489  0.639   12.300  1.00 37.95 ? 122 HIS A C   1 
ATOM   744  O O   . HIS A 1 99  ? -3.273  -0.236  12.666  1.00 38.82 ? 122 HIS A O   1 
ATOM   745  C CB  . HIS A 1 99  ? -0.066  0.410   12.852  1.00 42.37 ? 122 HIS A CB  1 
ATOM   746  C CG  . HIS A 1 99  ? -0.352  -0.412  14.093  1.00 44.33 ? 122 HIS A CG  1 
ATOM   747  N ND1 . HIS A 1 99  ? -0.193  -1.752  14.133  1.00 47.48 ? 122 HIS A ND1 1 
ATOM   748  C CD2 . HIS A 1 99  ? -0.815  -0.036  15.354  1.00 46.25 ? 122 HIS A CD2 1 
ATOM   749  C CE1 . HIS A 1 99  ? -0.526  -2.211  15.358  1.00 47.12 ? 122 HIS A CE1 1 
ATOM   750  N NE2 . HIS A 1 99  ? -0.908  -1.161  16.105  1.00 46.60 ? 122 HIS A NE2 1 
ATOM   751  N N   . GLY A 1 100 ? -2.785  1.934   12.332  1.00 35.76 ? 123 GLY A N   1 
ATOM   752  C CA  . GLY A 1 100 ? -4.107  2.414   12.707  1.00 38.06 ? 123 GLY A CA  1 
ATOM   753  C C   . GLY A 1 100 ? -5.209  1.844   11.826  1.00 39.27 ? 123 GLY A C   1 
ATOM   754  O O   . GLY A 1 100 ? -6.315  1.568   12.303  1.00 37.62 ? 123 GLY A O   1 
ATOM   755  N N   . CYS A 1 101 ? -4.907  1.665   10.539  1.00 38.06 ? 124 CYS A N   1 
ATOM   756  C CA  . CYS A 1 101 ? -5.877  1.136   9.578   1.00 38.83 ? 124 CYS A CA  1 
ATOM   757  C C   . CYS A 1 101 ? -6.076  -0.363  9.750   1.00 39.51 ? 124 CYS A C   1 
ATOM   758  O O   . CYS A 1 101 ? -7.206  -0.854  9.698   1.00 40.27 ? 124 CYS A O   1 
ATOM   759  C CB  . CYS A 1 101 ? -5.469  1.473   8.137   1.00 37.62 ? 124 CYS A CB  1 
ATOM   760  S SG  . CYS A 1 101 ? -5.824  3.175   7.644   1.00 36.81 ? 124 CYS A SG  1 
ATOM   761  N N   . ALA A 1 102 ? -4.974  -1.082  9.959   1.00 40.47 ? 125 ALA A N   1 
ATOM   762  C CA  . ALA A 1 102 ? -5.005  -2.521  10.211  1.00 42.79 ? 125 ALA A CA  1 
ATOM   763  C C   . ALA A 1 102 ? -5.868  -2.875  11.429  1.00 47.65 ? 125 ALA A C   1 
ATOM   764  O O   . ALA A 1 102 ? -6.557  -3.902  11.437  1.00 48.62 ? 125 ALA A O   1 
ATOM   765  C CB  . ALA A 1 102 ? -3.594  -3.047  10.386  1.00 41.00 ? 125 ALA A CB  1 
ATOM   766  N N   . GLN A 1 103 ? -5.823  -2.012  12.444  1.00 50.89 ? 126 GLN A N   1 
ATOM   767  C CA  . GLN A 1 103 ? -6.604  -2.179  13.668  1.00 54.77 ? 126 GLN A CA  1 
ATOM   768  C C   . GLN A 1 103 ? -8.069  -1.846  13.441  1.00 55.43 ? 126 GLN A C   1 
ATOM   769  O O   . GLN A 1 103 ? -8.960  -2.541  13.937  1.00 58.61 ? 126 GLN A O   1 
ATOM   770  C CB  . GLN A 1 103 ? -6.035  -1.304  14.792  1.00 54.92 ? 126 GLN A CB  1 
ATOM   771  C CG  . GLN A 1 103 ? -4.575  -1.581  15.132  1.00 57.95 ? 126 GLN A CG  1 
ATOM   772  C CD  . GLN A 1 103 ? -4.243  -3.064  15.202  1.00 60.12 ? 126 GLN A CD  1 
ATOM   773  O OE1 . GLN A 1 103 ? -4.710  -3.776  16.089  1.00 62.50 ? 126 GLN A OE1 1 
ATOM   774  N NE2 . GLN A 1 103 ? -3.424  -3.532  14.264  1.00 61.96 ? 126 GLN A NE2 1 
ATOM   775  N N   . SER A 1 104 ? -8.308  -0.783  12.680  1.00 56.24 ? 127 SER A N   1 
ATOM   776  C CA  . SER A 1 104 ? -9.656  -0.327  12.371  1.00 58.69 ? 127 SER A CA  1 
ATOM   777  C C   . SER A 1 104 ? -10.395 -1.335  11.490  1.00 60.57 ? 127 SER A C   1 
ATOM   778  O O   . SER A 1 104 ? -11.620 -1.442  11.565  1.00 62.21 ? 127 SER A O   1 
ATOM   779  C CB  . SER A 1 104 ? -9.604  1.046   11.695  1.00 58.89 ? 127 SER A CB  1 
ATOM   780  O OG  . SER A 1 104 ? -10.821 1.751   11.854  1.00 62.89 ? 127 SER A OG  1 
ATOM   781  N N   . THR A 1 105 ? -9.646  -2.072  10.669  1.00 61.19 ? 128 THR A N   1 
ATOM   782  C CA  . THR A 1 105 ? -10.217 -3.062  9.747   1.00 63.81 ? 128 THR A CA  1 
ATOM   783  C C   . THR A 1 105 ? -10.052 -4.494  10.263  1.00 65.54 ? 128 THR A C   1 
ATOM   784  O O   . THR A 1 105 ? -9.040  -5.147  9.978   1.00 69.17 ? 128 THR A O   1 
ATOM   785  C CB  . THR A 1 105 ? -9.573  -2.983  8.348   1.00 62.86 ? 128 THR A CB  1 
ATOM   786  O OG1 . THR A 1 105 ? -9.308  -1.617  8.007   1.00 62.89 ? 128 THR A OG1 1 
ATOM   787  C CG2 . THR A 1 105 ? -10.498 -3.606  7.314   1.00 62.01 ? 128 THR A CG2 1 
ATOM   788  N N   . PRO A 1 106 ? -11.059 -5.000  10.998  1.00 66.95 ? 129 PRO A N   1 
ATOM   789  C CA  . PRO A 1 106 ? -10.906 -6.285  11.674  1.00 67.63 ? 129 PRO A CA  1 
ATOM   790  C C   . PRO A 1 106 ? -10.957 -7.425  10.676  1.00 65.70 ? 129 PRO A C   1 
ATOM   791  O O   . PRO A 1 106 ? -11.787 -7.415  9.767   1.00 67.54 ? 129 PRO A O   1 
ATOM   792  C CB  . PRO A 1 106 ? -12.118 -6.343  12.620  1.00 67.36 ? 129 PRO A CB  1 
ATOM   793  C CG  . PRO A 1 106 ? -12.838 -5.038  12.456  1.00 69.27 ? 129 PRO A CG  1 
ATOM   794  C CD  . PRO A 1 106 ? -12.433 -4.498  11.120  1.00 67.30 ? 129 PRO A CD  1 
ATOM   795  N N   . ASP A 1 107 ? -10.053 -8.383  10.831  1.00 66.53 ? 130 ASP A N   1 
ATOM   796  C CA  . ASP A 1 107 ? -10.028 -9.540  9.952   1.00 66.11 ? 130 ASP A CA  1 
ATOM   797  C C   . ASP A 1 107 ? -11.016 -10.565 10.505  1.00 63.55 ? 130 ASP A C   1 
ATOM   798  O O   . ASP A 1 107 ? -10.781 -11.172 11.555  1.00 63.18 ? 130 ASP A O   1 
ATOM   799  C CB  . ASP A 1 107 ? -8.608  -10.114 9.837   1.00 66.85 ? 130 ASP A CB  1 
ATOM   800  C CG  . ASP A 1 107 ? -8.355  -10.805 8.500   1.00 69.74 ? 130 ASP A CG  1 
ATOM   801  O OD1 . ASP A 1 107 ? -9.235  -10.754 7.609   1.00 70.48 ? 130 ASP A OD1 1 
ATOM   802  O OD2 . ASP A 1 107 ? -7.265  -11.396 8.337   1.00 71.22 ? 130 ASP A OD2 1 
ATOM   803  N N   . VAL A 1 108 ? -12.140 -10.718 9.808   1.00 59.00 ? 131 VAL A N   1 
ATOM   804  C CA  . VAL A 1 108 ? -13.208 -11.607 10.259  1.00 56.83 ? 131 VAL A CA  1 
ATOM   805  C C   . VAL A 1 108 ? -13.356 -12.818 9.346   1.00 57.20 ? 131 VAL A C   1 
ATOM   806  O O   . VAL A 1 108 ? -13.642 -13.921 9.812   1.00 53.54 ? 131 VAL A O   1 
ATOM   807  C CB  . VAL A 1 108 ? -14.563 -10.871 10.419  1.00 54.99 ? 131 VAL A CB  1 
ATOM   808  C CG1 . VAL A 1 108 ? -14.507 -9.871  11.566  1.00 54.41 ? 131 VAL A CG1 1 
ATOM   809  C CG2 . VAL A 1 108 ? -14.985 -10.183 9.128   1.00 54.93 ? 131 VAL A CG2 1 
ATOM   810  N N   . ALA A 1 109 ? -13.133 -12.597 8.051   1.00 59.47 ? 132 ALA A N   1 
ATOM   811  C CA  . ALA A 1 109 ? -13.233 -13.634 7.029   1.00 60.48 ? 132 ALA A CA  1 
ATOM   812  C C   . ALA A 1 109 ? -11.953 -14.458 6.924   1.00 64.04 ? 132 ALA A C   1 
ATOM   813  O O   . ALA A 1 109 ? -11.887 -15.418 6.148   1.00 64.01 ? 132 ALA A O   1 
ATOM   814  C CB  . ALA A 1 109 ? -13.569 -13.012 5.681   1.00 58.93 ? 132 ALA A CB  1 
ATOM   815  N N   . ASP A 1 110 ? -10.944 -14.079 7.712   1.00 65.66 ? 133 ASP A N   1 
ATOM   816  C CA  . ASP A 1 110 ? -9.615  -14.697 7.660   1.00 69.22 ? 133 ASP A CA  1 
ATOM   817  C C   . ASP A 1 110 ? -9.039  -14.628 6.236   1.00 67.25 ? 133 ASP A C   1 
ATOM   818  O O   . ASP A 1 110 ? -8.259  -15.494 5.823   1.00 68.17 ? 133 ASP A O   1 
ATOM   819  C CB  . ASP A 1 110 ? -9.662  -16.142 8.185   1.00 73.29 ? 133 ASP A CB  1 
ATOM   820  C CG  . ASP A 1 110 ? -8.324  -16.615 8.734   1.00 76.65 ? 133 ASP A CG  1 
ATOM   821  O OD1 . ASP A 1 110 ? -7.911  -16.131 9.810   1.00 75.57 ? 133 ASP A OD1 1 
ATOM   822  O OD2 . ASP A 1 110 ? -7.693  -17.487 8.095   1.00 80.49 ? 133 ASP A OD2 1 
ATOM   823  N N   . ASP A 1 111 ? -9.439  -13.587 5.500   1.00 62.44 ? 134 ASP A N   1 
ATOM   824  C CA  . ASP A 1 111 ? -9.026  -13.374 4.114   1.00 57.04 ? 134 ASP A CA  1 
ATOM   825  C C   . ASP A 1 111 ? -8.037  -12.202 4.021   1.00 52.52 ? 134 ASP A C   1 
ATOM   826  O O   . ASP A 1 111 ? -8.445  -11.035 4.017   1.00 50.81 ? 134 ASP A O   1 
ATOM   827  C CB  . ASP A 1 111 ? -10.255 -13.136 3.228   1.00 59.35 ? 134 ASP A CB  1 
ATOM   828  C CG  . ASP A 1 111 ? -9.897  -12.856 1.772   1.00 63.30 ? 134 ASP A CG  1 
ATOM   829  O OD1 . ASP A 1 111 ? -8.703  -12.937 1.395   1.00 66.93 ? 134 ASP A OD1 1 
ATOM   830  O OD2 . ASP A 1 111 ? -10.826 -12.552 0.996   1.00 63.93 ? 134 ASP A OD2 1 
ATOM   831  N N   . PRO A 1 112 ? -6.729  -12.517 3.938   1.00 47.33 ? 135 PRO A N   1 
ATOM   832  C CA  . PRO A 1 112 ? -5.683  -11.494 3.963   1.00 44.44 ? 135 PRO A CA  1 
ATOM   833  C C   . PRO A 1 112 ? -5.757  -10.566 2.758   1.00 42.11 ? 135 PRO A C   1 
ATOM   834  O O   . PRO A 1 112 ? -5.391  -9.398  2.868   1.00 40.71 ? 135 PRO A O   1 
ATOM   835  C CB  . PRO A 1 112 ? -4.386  -12.311 3.943   1.00 43.89 ? 135 PRO A CB  1 
ATOM   836  C CG  . PRO A 1 112 ? -4.786  -13.678 4.394   1.00 45.53 ? 135 PRO A CG  1 
ATOM   837  C CD  . PRO A 1 112 ? -6.156  -13.867 3.825   1.00 46.11 ? 135 PRO A CD  1 
ATOM   838  N N   . CYS A 1 113 ? -6.242  -11.085 1.630   1.00 41.21 ? 136 CYS A N   1 
ATOM   839  C CA  . CYS A 1 113 ? -6.370  -10.303 0.404   1.00 41.59 ? 136 CYS A CA  1 
ATOM   840  C C   . CYS A 1 113 ? -7.401  -9.200  0.570   1.00 42.78 ? 136 CYS A C   1 
ATOM   841  O O   . CYS A 1 113 ? -7.129  -8.038  0.250   1.00 40.58 ? 136 CYS A O   1 
ATOM   842  C CB  . CYS A 1 113 ? -6.708  -11.195 -0.797  1.00 41.96 ? 136 CYS A CB  1 
ATOM   843  S SG  . CYS A 1 113 ? -5.337  -12.266 -1.302  1.00 41.71 ? 136 CYS A SG  1 
ATOM   844  N N   . MET A 1 114 ? -8.573  -9.562  1.095   1.00 43.08 ? 137 MET A N   1 
ATOM   845  C CA  . MET A 1 114 ? -9.616  -8.582  1.361   1.00 44.26 ? 137 MET A CA  1 
ATOM   846  C C   . MET A 1 114 ? -9.193  -7.640  2.475   1.00 42.04 ? 137 MET A C   1 
ATOM   847  O O   . MET A 1 114 ? -9.409  -6.431  2.381   1.00 43.02 ? 137 MET A O   1 
ATOM   848  C CB  . MET A 1 114 ? -10.949 -9.252  1.705   1.00 49.44 ? 137 MET A CB  1 
ATOM   849  C CG  . MET A 1 114 ? -12.124 -8.278  1.830   1.00 56.22 ? 137 MET A CG  1 
ATOM   850  S SD  . MET A 1 114 ? -12.401 -7.251  0.362   1.00 64.58 ? 137 MET A SD  1 
ATOM   851  C CE  . MET A 1 114 ? -13.633 -6.081  0.942   1.00 61.98 ? 137 MET A CE  1 
ATOM   852  N N   . LYS A 1 115 ? -8.595  -8.205  3.524   1.00 40.51 ? 138 LYS A N   1 
ATOM   853  C CA  . LYS A 1 115 ? -8.051  -7.432  4.643   1.00 40.55 ? 138 LYS A CA  1 
ATOM   854  C C   . LYS A 1 115 ? -7.092  -6.342  4.144   1.00 38.62 ? 138 LYS A C   1 
ATOM   855  O O   . LYS A 1 115 ? -7.254  -5.158  4.465   1.00 38.10 ? 138 LYS A O   1 
ATOM   856  C CB  . LYS A 1 115 ? -7.352  -8.370  5.656   1.00 39.89 ? 138 LYS A CB  1 
ATOM   857  C CG  . LYS A 1 115 ? -6.350  -7.715  6.603   1.00 43.77 ? 138 LYS A CG  1 
ATOM   858  C CD  . LYS A 1 115 ? -7.010  -6.891  7.698   1.00 44.54 ? 138 LYS A CD  1 
ATOM   859  N N   . THR A 1 116 ? -6.119  -6.750  3.338   1.00 35.89 ? 139 THR A N   1 
ATOM   860  C CA  . THR A 1 116 ? -5.111  -5.841  2.821   1.00 35.16 ? 139 THR A CA  1 
ATOM   861  C C   . THR A 1 116 ? -5.731  -4.769  1.930   1.00 35.10 ? 139 THR A C   1 
ATOM   862  O O   . THR A 1 116 ? -5.314  -3.608  1.959   1.00 34.97 ? 139 THR A O   1 
ATOM   863  C CB  . THR A 1 116 ? -4.029  -6.634  2.089   1.00 35.39 ? 139 THR A CB  1 
ATOM   864  O OG1 . THR A 1 116 ? -3.469  -7.569  3.007   1.00 36.12 ? 139 THR A OG1 1 
ATOM   865  C CG2 . THR A 1 116 ? -2.920  -5.732  1.566   1.00 34.48 ? 139 THR A CG2 1 
ATOM   866  N N   . LEU A 1 117 ? -6.747  -5.149  1.162   1.00 35.89 ? 140 LEU A N   1 
ATOM   867  C CA  . LEU A 1 117 ? -7.444  -4.191  0.315   1.00 36.46 ? 140 LEU A CA  1 
ATOM   868  C C   . LEU A 1 117 ? -8.174  -3.154  1.167   1.00 36.86 ? 140 LEU A C   1 
ATOM   869  O O   . LEU A 1 117 ? -8.246  -1.972  0.819   1.00 35.05 ? 140 LEU A O   1 
ATOM   870  C CB  . LEU A 1 117 ? -8.421  -4.901  -0.627  1.00 36.55 ? 140 LEU A CB  1 
ATOM   871  C CG  . LEU A 1 117 ? -9.347  -4.010  -1.464  1.00 37.87 ? 140 LEU A CG  1 
ATOM   872  C CD1 . LEU A 1 117 ? -8.565  -3.238  -2.518  1.00 39.50 ? 140 LEU A CD1 1 
ATOM   873  C CD2 . LEU A 1 117 ? -10.473 -4.828  -2.098  1.00 40.34 ? 140 LEU A CD2 1 
ATOM   874  N N   . ASN A 1 118 ? -8.717  -3.603  2.287   1.00 37.49 ? 141 ASN A N   1 
ATOM   875  C CA  . ASN A 1 118 ? -9.419  -2.696  3.167   1.00 37.81 ? 141 ASN A CA  1 
ATOM   876  C C   . ASN A 1 118 ? -8.476  -1.771  3.928   1.00 35.60 ? 141 ASN A C   1 
ATOM   877  O O   . ASN A 1 118 ? -8.799  -0.615  4.174   1.00 35.82 ? 141 ASN A O   1 
ATOM   878  C CB  . ASN A 1 118 ? -10.334 -3.475  4.099   1.00 41.83 ? 141 ASN A CB  1 
ATOM   879  C CG  . ASN A 1 118 ? -11.484 -4.123  3.358   1.00 44.39 ? 141 ASN A CG  1 
ATOM   880  O OD1 . ASN A 1 118 ? -12.112 -3.498  2.501   1.00 47.66 ? 141 ASN A OD1 1 
ATOM   881  N ND2 . ASN A 1 118 ? -11.762 -5.378  3.677   1.00 46.25 ? 141 ASN A ND2 1 
ATOM   882  N N   . VAL A 1 119 ? -7.301  -2.277  4.274   1.00 33.84 ? 142 VAL A N   1 
ATOM   883  C CA  . VAL A 1 119 ? -6.290  -1.449  4.913   1.00 33.15 ? 142 VAL A CA  1 
ATOM   884  C C   . VAL A 1 119 ? -5.800  -0.418  3.901   1.00 32.17 ? 142 VAL A C   1 
ATOM   885  O O   . VAL A 1 119 ? -5.603  0.736   4.251   1.00 32.99 ? 142 VAL A O   1 
ATOM   886  C CB  . VAL A 1 119 ? -5.130  -2.293  5.459   1.00 32.73 ? 142 VAL A CB  1 
ATOM   887  C CG1 . VAL A 1 119 ? -3.999  -1.410  5.980   1.00 35.01 ? 142 VAL A CG1 1 
ATOM   888  C CG2 . VAL A 1 119 ? -5.631  -3.207  6.563   1.00 35.65 ? 142 VAL A CG2 1 
ATOM   889  N N   . ALA A 1 120 ? -5.660  -0.830  2.639   1.00 31.68 ? 143 ALA A N   1 
ATOM   890  C CA  . ALA A 1 120 ? -5.212  0.066   1.573   1.00 30.52 ? 143 ALA A CA  1 
ATOM   891  C C   . ALA A 1 120 ? -6.147  1.256   1.339   1.00 31.30 ? 143 ALA A C   1 
ATOM   892  O O   . ALA A 1 120 ? -5.680  2.383   1.114   1.00 30.79 ? 143 ALA A O   1 
ATOM   893  C CB  . ALA A 1 120 ? -4.995  -0.710  0.283   1.00 30.34 ? 143 ALA A CB  1 
ATOM   894  N N   . LYS A 1 121 ? -7.459  1.000   1.387   1.00 32.18 ? 144 LYS A N   1 
ATOM   895  C CA  . LYS A 1 121 ? -8.491  2.030   1.210   1.00 30.92 ? 144 LYS A CA  1 
ATOM   896  C C   . LYS A 1 121 ? -8.474  3.028   2.370   1.00 31.16 ? 144 LYS A C   1 
ATOM   897  O O   . LYS A 1 121 ? -8.561  4.247   2.161   1.00 29.42 ? 144 LYS A O   1 
ATOM   898  C CB  . LYS A 1 121 ? -9.880  1.386   1.135   1.00 32.77 ? 144 LYS A CB  1 
ATOM   899  C CG  . LYS A 1 121 ? -10.146 0.564   -0.119  1.00 36.01 ? 144 LYS A CG  1 
ATOM   900  C CD  . LYS A 1 121 ? -11.531 -0.071  -0.063  1.00 39.62 ? 144 LYS A CD  1 
ATOM   901  N N   . CYS A 1 122 ? -8.383  2.498   3.595   1.00 31.65 ? 145 CYS A N   1 
ATOM   902  C CA  . CYS A 1 122 ? -8.313  3.324   4.806   1.00 30.30 ? 145 CYS A CA  1 
ATOM   903  C C   . CYS A 1 122 ? -7.074  4.204   4.739   1.00 27.68 ? 145 CYS A C   1 
ATOM   904  O O   . CYS A 1 122 ? -7.153  5.405   4.966   1.00 28.03 ? 145 CYS A O   1 
ATOM   905  C CB  . CYS A 1 122 ? -8.307  2.434   6.058   1.00 32.75 ? 145 CYS A CB  1 
ATOM   906  S SG  . CYS A 1 122 ? -7.876  3.254   7.617   1.00 40.07 ? 145 CYS A SG  1 
ATOM   907  N N   . PHE A 1 123 ? -5.941  3.601   4.385   1.00 28.24 ? 146 PHE A N   1 
ATOM   908  C CA  . PHE A 1 123 ? -4.670  4.316   4.228   1.00 27.07 ? 146 PHE A CA  1 
ATOM   909  C C   . PHE A 1 123 ? -4.756  5.418   3.170   1.00 26.88 ? 146 PHE A C   1 
ATOM   910  O O   . PHE A 1 123 ? -4.333  6.552   3.410   1.00 25.96 ? 146 PHE A O   1 
ATOM   911  C CB  . PHE A 1 123 ? -3.549  3.338   3.874   1.00 26.60 ? 146 PHE A CB  1 
ATOM   912  C CG  . PHE A 1 123 ? -2.212  3.997   3.654   1.00 27.16 ? 146 PHE A CG  1 
ATOM   913  C CD1 . PHE A 1 123 ? -1.488  4.506   4.729   1.00 27.22 ? 146 PHE A CD1 1 
ATOM   914  C CD2 . PHE A 1 123 ? -1.685  4.117   2.374   1.00 26.06 ? 146 PHE A CD2 1 
ATOM   915  C CE1 . PHE A 1 123 ? -0.254  5.109   4.532   1.00 27.30 ? 146 PHE A CE1 1 
ATOM   916  C CE2 . PHE A 1 123 ? -0.446  4.710   2.171   1.00 26.81 ? 146 PHE A CE2 1 
ATOM   917  C CZ  . PHE A 1 123 ? 0.267   5.209   3.249   1.00 26.81 ? 146 PHE A CZ  1 
ATOM   918  N N   . LYS A 1 124 ? -5.306  5.070   2.006   1.00 27.04 ? 147 LYS A N   1 
ATOM   919  C CA  . LYS A 1 124 ? -5.606  6.035   0.959   1.00 27.98 ? 147 LYS A CA  1 
ATOM   920  C C   . LYS A 1 124 ? -6.396  7.246   1.480   1.00 27.17 ? 147 LYS A C   1 
ATOM   921  O O   . LYS A 1 124 ? -6.017  8.392   1.216   1.00 27.01 ? 147 LYS A O   1 
ATOM   922  C CB  . LYS A 1 124 ? -6.360  5.336   -0.188  1.00 29.98 ? 147 LYS A CB  1 
ATOM   923  C CG  . LYS A 1 124 ? -6.992  6.283   -1.197  1.00 32.44 ? 147 LYS A CG  1 
ATOM   924  C CD  . LYS A 1 124 ? -7.478  5.552   -2.437  1.00 34.71 ? 147 LYS A CD  1 
ATOM   925  C CE  . LYS A 1 124 ? -8.087  6.538   -3.429  1.00 39.03 ? 147 LYS A CE  1 
ATOM   926  N NZ  . LYS A 1 124 ? -8.329  5.903   -4.762  1.00 40.40 ? 147 LYS A NZ  1 
ATOM   927  N N   . ALA A 1 125 ? -7.485  6.995   2.212   1.00 28.40 ? 148 ALA A N   1 
ATOM   928  C CA  . ALA A 1 125 ? -8.283  8.083   2.823   1.00 28.70 ? 148 ALA A CA  1 
ATOM   929  C C   . ALA A 1 125 ? -7.459  8.966   3.771   1.00 28.71 ? 148 ALA A C   1 
ATOM   930  O O   . ALA A 1 125 ? -7.518  10.186  3.700   1.00 29.35 ? 148 ALA A O   1 
ATOM   931  C CB  . ALA A 1 125 ? -9.485  7.517   3.557   1.00 28.57 ? 148 ALA A CB  1 
ATOM   932  N N   . LYS A 1 126 ? -6.682  8.338   4.650   1.00 29.40 ? 149 LYS A N   1 
ATOM   933  C CA  . LYS A 1 126 ? -5.844  9.081   5.585   1.00 29.34 ? 149 LYS A CA  1 
ATOM   934  C C   . LYS A 1 126 ? -4.832  9.941   4.844   1.00 29.28 ? 149 LYS A C   1 
ATOM   935  O O   . LYS A 1 126 ? -4.610  11.107  5.205   1.00 29.49 ? 149 LYS A O   1 
ATOM   936  C CB  . LYS A 1 126 ? -5.140  8.131   6.553   1.00 30.49 ? 149 LYS A CB  1 
ATOM   937  C CG  . LYS A 1 126 ? -6.087  7.305   7.412   1.00 32.45 ? 149 LYS A CG  1 
ATOM   938  C CD  . LYS A 1 126 ? -6.917  8.212   8.305   1.00 34.71 ? 149 LYS A CD  1 
ATOM   939  C CE  . LYS A 1 126 ? -7.381  7.487   9.557   1.00 37.58 ? 149 LYS A CE  1 
ATOM   940  N NZ  . LYS A 1 126 ? -8.131  8.436   10.431  1.00 40.62 ? 149 LYS A NZ  1 
ATOM   941  N N   . ILE A 1 127 ? -4.232  9.376   3.794   1.00 27.58 ? 150 ILE A N   1 
ATOM   942  C CA  . ILE A 1 127 ? -3.247  10.108  3.003   1.00 27.37 ? 150 ILE A CA  1 
ATOM   943  C C   . ILE A 1 127 ? -3.871  11.313  2.276   1.00 29.22 ? 150 ILE A C   1 
ATOM   944  O O   . ILE A 1 127 ? -3.269  12.392  2.203   1.00 29.33 ? 150 ILE A O   1 
ATOM   945  C CB  . ILE A 1 127 ? -2.518  9.164   2.028   1.00 26.76 ? 150 ILE A CB  1 
ATOM   946  C CG1 . ILE A 1 127 ? -1.571  8.236   2.807   1.00 26.08 ? 150 ILE A CG1 1 
ATOM   947  C CG2 . ILE A 1 127 ? -1.760  9.951   0.979   1.00 26.95 ? 150 ILE A CG2 1 
ATOM   948  C CD1 . ILE A 1 127 ? -0.428  8.958   3.489   1.00 25.51 ? 150 ILE A CD1 1 
ATOM   949  N N   . HIS A 1 128 ? -5.076  11.120  1.742   1.00 32.17 ? 151 HIS A N   1 
ATOM   950  C CA  . HIS A 1 128 ? -5.834  12.223  1.132   1.00 34.52 ? 151 HIS A CA  1 
ATOM   951  C C   . HIS A 1 128 ? -6.163  13.310  2.129   1.00 33.07 ? 151 HIS A C   1 
ATOM   952  O O   . HIS A 1 128 ? -6.044  14.493  1.816   1.00 33.19 ? 151 HIS A O   1 
ATOM   953  C CB  . HIS A 1 128 ? -7.104  11.705  0.449   1.00 37.83 ? 151 HIS A CB  1 
ATOM   954  C CG  . HIS A 1 128 ? -6.911  11.361  -1.009  1.00 43.43 ? 151 HIS A CG  1 
ATOM   955  N ND1 . HIS A 1 128 ? -6.860  12.303  -1.978  1.00 45.14 ? 151 HIS A ND1 1 
ATOM   956  C CD2 . HIS A 1 128 ? -6.760  10.124  -1.654  1.00 46.08 ? 151 HIS A CD2 1 
ATOM   957  C CE1 . HIS A 1 128 ? -6.683  11.706  -3.180  1.00 42.81 ? 151 HIS A CE1 1 
ATOM   958  N NE2 . HIS A 1 128 ? -6.620  10.373  -2.981  1.00 42.93 ? 151 HIS A NE2 1 
ATOM   959  N N   . GLU A 1 129 ? -6.557  12.908  3.338   1.00 35.35 ? 152 GLU A N   1 
ATOM   960  C CA  . GLU A 1 129 ? -6.869  13.837  4.443   1.00 36.29 ? 152 GLU A CA  1 
ATOM   961  C C   . GLU A 1 129 ? -5.682  14.709  4.855   1.00 35.68 ? 152 GLU A C   1 
ATOM   962  O O   . GLU A 1 129 ? -5.871  15.814  5.357   1.00 36.97 ? 152 GLU A O   1 
ATOM   963  C CB  . GLU A 1 129 ? -7.349  13.072  5.673   1.00 39.38 ? 152 GLU A CB  1 
ATOM   964  C CG  . GLU A 1 129 ? -8.767  12.531  5.604   1.00 42.53 ? 152 GLU A CG  1 
ATOM   965  C CD  . GLU A 1 129 ? -9.041  11.495  6.680   1.00 46.44 ? 152 GLU A CD  1 
ATOM   966  O OE1 . GLU A 1 129 ? -8.593  11.683  7.835   1.00 49.28 ? 152 GLU A OE1 1 
ATOM   967  O OE2 . GLU A 1 129 ? -9.696  10.478  6.372   1.00 52.39 ? 152 GLU A OE2 1 
ATOM   968  N N   . LEU A 1 130 ? -4.469  14.201  4.644   1.00 32.93 ? 153 LEU A N   1 
ATOM   969  C CA  . LEU A 1 130 ? -3.233  14.920  4.959   1.00 30.80 ? 153 LEU A CA  1 
ATOM   970  C C   . LEU A 1 130 ? -2.739  15.725  3.777   1.00 31.14 ? 153 LEU A C   1 
ATOM   971  O O   . LEU A 1 130 ? -1.750  16.442  3.872   1.00 30.92 ? 153 LEU A O   1 
ATOM   972  C CB  . LEU A 1 130 ? -2.142  13.939  5.385   1.00 29.51 ? 153 LEU A CB  1 
ATOM   973  C CG  . LEU A 1 130 ? -2.169  13.453  6.838   1.00 29.08 ? 153 LEU A CG  1 
ATOM   974  C CD1 . LEU A 1 130 ? -1.226  12.284  7.051   1.00 28.40 ? 153 LEU A CD1 1 
ATOM   975  C CD2 . LEU A 1 130 ? -1.859  14.586  7.805   1.00 28.27 ? 153 LEU A CD2 1 
ATOM   976  N N   . ASN A 1 131 ? -3.444  15.592  2.661   1.00 33.11 ? 154 ASN A N   1 
ATOM   977  C CA  . ASN A 1 131 ? -3.043  16.167  1.386   1.00 33.07 ? 154 ASN A CA  1 
ATOM   978  C C   . ASN A 1 131 ? -1.702  15.632  0.893   1.00 29.75 ? 154 ASN A C   1 
ATOM   979  O O   . ASN A 1 131 ? -0.868  16.379  0.374   1.00 27.80 ? 154 ASN A O   1 
ATOM   980  C CB  . ASN A 1 131 ? -3.058  17.696  1.429   1.00 38.49 ? 154 ASN A CB  1 
ATOM   981  C CG  . ASN A 1 131 ? -3.773  18.284  0.243   1.00 43.33 ? 154 ASN A CG  1 
ATOM   982  O OD1 . ASN A 1 131 ? -4.892  18.794  0.372   1.00 47.69 ? 154 ASN A OD1 1 
ATOM   983  N ND2 . ASN A 1 131 ? -3.160  18.175  -0.931  1.00 45.87 ? 154 ASN A ND2 1 
ATOM   984  N N   . TRP A 1 132 ? -1.521  14.321  1.036   1.00 29.12 ? 155 TRP A N   1 
ATOM   985  C CA  . TRP A 1 132 ? -0.254  13.679  0.700   1.00 29.38 ? 155 TRP A CA  1 
ATOM   986  C C   . TRP A 1 132 ? -0.380  12.787  -0.486  1.00 30.46 ? 155 TRP A C   1 
ATOM   987  O O   . TRP A 1 132 ? 0.600   12.164  -0.901  1.00 30.17 ? 155 TRP A O   1 
ATOM   988  C CB  . TRP A 1 132 ? 0.275   12.886  1.890   1.00 28.03 ? 155 TRP A CB  1 
ATOM   989  C CG  . TRP A 1 132 ? 0.968   13.717  2.944   1.00 27.78 ? 155 TRP A CG  1 
ATOM   990  C CD1 . TRP A 1 132 ? 1.199   15.100  2.945   1.00 26.25 ? 155 TRP A CD1 1 
ATOM   991  C CD2 . TRP A 1 132 ? 1.577   13.227  4.188   1.00 26.48 ? 155 TRP A CD2 1 
ATOM   992  N NE1 . TRP A 1 132 ? 1.879   15.473  4.074   1.00 25.80 ? 155 TRP A NE1 1 
ATOM   993  C CE2 . TRP A 1 132 ? 2.151   14.398  4.851   1.00 25.94 ? 155 TRP A CE2 1 
ATOM   994  C CE3 . TRP A 1 132 ? 1.720   11.971  4.781   1.00 27.31 ? 155 TRP A CE3 1 
ATOM   995  C CZ2 . TRP A 1 132 ? 2.807   14.302  6.066   1.00 25.82 ? 155 TRP A CZ2 1 
ATOM   996  C CZ3 . TRP A 1 132 ? 2.390   11.887  6.012   1.00 27.20 ? 155 TRP A CZ3 1 
ATOM   997  C CH2 . TRP A 1 132 ? 2.920   13.021  6.632   1.00 27.30 ? 155 TRP A CH2 1 
ATOM   998  N N   . ALA A 1 133 ? -1.594  12.700  -1.029  1.00 33.24 ? 156 ALA A N   1 
ATOM   999  C CA  . ALA A 1 133 ? -1.862  11.916  -2.233  1.00 34.74 ? 156 ALA A CA  1 
ATOM   1000 C C   . ALA A 1 133 ? -1.284  12.622  -3.456  1.00 35.20 ? 156 ALA A C   1 
ATOM   1001 O O   . ALA A 1 133 ? -1.579  13.784  -3.696  1.00 35.56 ? 156 ALA A O   1 
ATOM   1002 C CB  . ALA A 1 133 ? -3.354  11.673  -2.395  1.00 34.50 ? 156 ALA A CB  1 
ATOM   1003 N N   . PRO A 1 134 ? -0.420  11.930  -4.212  1.00 37.73 ? 157 PRO A N   1 
ATOM   1004 C CA  . PRO A 1 134 ? 0.178   12.529  -5.402  1.00 41.09 ? 157 PRO A CA  1 
ATOM   1005 C C   . PRO A 1 134 ? -0.720  12.422  -6.638  1.00 44.31 ? 157 PRO A C   1 
ATOM   1006 O O   . PRO A 1 134 ? -1.711  11.692  -6.620  1.00 43.95 ? 157 PRO A O   1 
ATOM   1007 C CB  . PRO A 1 134 ? 1.439   11.690  -5.606  1.00 40.45 ? 157 PRO A CB  1 
ATOM   1008 C CG  . PRO A 1 134 ? 1.093   10.345  -5.057  1.00 38.25 ? 157 PRO A CG  1 
ATOM   1009 C CD  . PRO A 1 134 ? 0.060   10.553  -3.983  1.00 38.84 ? 157 PRO A CD  1 
ATOM   1010 N N   . SER A 1 135 ? -0.368  13.156  -7.694  1.00 49.21 ? 158 SER A N   1 
ATOM   1011 C CA  . SER A 1 135 ? -0.976  12.967  -9.016  1.00 52.98 ? 158 SER A CA  1 
ATOM   1012 C C   . SER A 1 135 ? -0.080  12.100  -9.904  1.00 55.21 ? 158 SER A C   1 
ATOM   1013 O O   . SER A 1 135 ? -0.073  10.867  -9.794  1.00 55.12 ? 158 SER A O   1 
ATOM   1014 C CB  . SER A 1 135 ? -1.251  14.312  -9.691  1.00 54.50 ? 158 SER A CB  1 
ATOM   1015 O OG  . SER A 1 135 ? -2.336  14.977  -9.068  1.00 58.16 ? 158 SER A OG  1 
HETATM 1016 O O   . HOH B 2 .   ? 6.562   -4.085  -13.034 1.00 51.92 ? 201 HOH A O   1 
HETATM 1017 O O   . HOH B 2 .   ? -5.755  8.754   -16.784 1.00 42.74 ? 202 HOH A O   1 
HETATM 1018 O O   . HOH B 2 .   ? 12.971  -2.700  5.119   1.00 40.69 ? 203 HOH A O   1 
HETATM 1019 O O   . HOH B 2 .   ? -1.233  -3.914  12.912  1.00 52.88 ? 204 HOH A O   1 
HETATM 1020 O O   . HOH B 2 .   ? -7.041  2.326   14.735  1.00 44.17 ? 205 HOH A O   1 
HETATM 1021 O O   . HOH B 2 .   ? -13.319 0.327   -3.050  1.00 68.45 ? 206 HOH A O   1 
HETATM 1022 O O   . HOH B 2 .   ? 17.242  5.507   -2.457  1.00 33.34 ? 207 HOH A O   1 
HETATM 1023 O O   . HOH B 2 .   ? -10.287 5.523   0.555   1.00 36.12 ? 208 HOH A O   1 
HETATM 1024 O O   . HOH B 2 .   ? 7.177   -4.494  -4.388  1.00 46.97 ? 209 HOH A O   1 
HETATM 1025 O O   . HOH B 2 .   ? 10.006  15.414  -1.825  1.00 36.04 ? 210 HOH A O   1 
HETATM 1026 O O   . HOH B 2 .   ? 10.786  14.405  4.700   1.00 49.92 ? 211 HOH A O   1 
HETATM 1027 O O   . HOH B 2 .   ? -11.527 -0.140  4.434   1.00 40.05 ? 212 HOH A O   1 
HETATM 1028 O O   . HOH B 2 .   ? 15.385  9.546   3.871   1.00 31.81 ? 213 HOH A O   1 
HETATM 1029 O O   . HOH B 2 .   ? 17.567  -2.109  6.954   1.00 36.25 ? 214 HOH A O   1 
HETATM 1030 O O   . HOH B 2 .   ? 13.977  4.865   13.450  1.00 51.99 ? 215 HOH A O   1 
HETATM 1031 O O   . HOH B 2 .   ? 3.551   14.019  -6.741  1.00 59.62 ? 216 HOH A O   1 
HETATM 1032 O O   . HOH B 2 .   ? -5.111  11.605  7.924   1.00 38.73 ? 217 HOH A O   1 
HETATM 1033 O O   . HOH B 2 .   ? 15.191  11.865  9.046   1.00 37.38 ? 218 HOH A O   1 
HETATM 1034 O O   . HOH B 2 .   ? 3.205   22.460  -1.743  1.00 36.76 ? 219 HOH A O   1 
HETATM 1035 O O   . HOH B 2 .   ? 4.637   -8.064  12.101  1.00 54.76 ? 220 HOH A O   1 
HETATM 1036 O O   . HOH B 2 .   ? 14.219  6.444   -4.415  1.00 45.25 ? 221 HOH A O   1 
HETATM 1037 O O   . HOH B 2 .   ? -4.967  -1.304  -16.908 1.00 45.11 ? 222 HOH A O   1 
HETATM 1038 O O   . HOH B 2 .   ? -10.092 11.306  2.886   1.00 44.02 ? 223 HOH A O   1 
HETATM 1039 O O   . HOH B 2 .   ? 6.800   -12.830 1.976   1.00 39.32 ? 224 HOH A O   1 
HETATM 1040 O O   . HOH B 2 .   ? 12.507  13.253  10.970  1.00 39.45 ? 225 HOH A O   1 
HETATM 1041 O O   . HOH B 2 .   ? 9.812   13.050  4.038   1.00 33.91 ? 226 HOH A O   1 
HETATM 1042 O O   . HOH B 2 .   ? 6.371   21.636  -1.635  1.00 33.30 ? 227 HOH A O   1 
HETATM 1043 O O   . HOH B 2 .   ? -5.139  5.135   10.499  1.00 34.43 ? 228 HOH A O   1 
HETATM 1044 O O   . HOH B 2 .   ? -3.590  15.026  -1.752  1.00 41.45 ? 229 HOH A O   1 
HETATM 1045 O O   . HOH B 2 .   ? -7.233  -16.339 -4.485  1.00 79.27 ? 230 HOH A O   1 
HETATM 1046 O O   . HOH B 2 .   ? 6.294   -12.819 -3.912  1.00 44.42 ? 231 HOH A O   1 
HETATM 1047 O O   . HOH B 2 .   ? 9.839   -5.371  11.213  1.00 41.06 ? 232 HOH A O   1 
HETATM 1048 O O   . HOH B 2 .   ? 11.113  11.568  14.079  1.00 46.25 ? 233 HOH A O   1 
HETATM 1049 O O   . HOH B 2 .   ? -9.864  10.756  -2.143  1.00 57.09 ? 234 HOH A O   1 
HETATM 1050 O O   . HOH B 2 .   ? -12.748 -11.975 14.210  1.00 44.34 ? 235 HOH A O   1 
HETATM 1051 O O   . HOH B 2 .   ? 14.980  -9.881  6.870   1.00 56.34 ? 236 HOH A O   1 
HETATM 1052 O O   . HOH B 2 .   ? 11.344  -5.195  -10.779 1.00 53.80 ? 237 HOH A O   1 
HETATM 1053 O O   . HOH B 2 .   ? 5.837   1.805   3.359   1.00 46.69 ? 238 HOH A O   1 
HETATM 1054 O O   . HOH B 2 .   ? 8.283   19.947  3.340   1.00 29.24 ? 239 HOH A O   1 
HETATM 1055 O O   . HOH B 2 .   ? -11.899 -9.388  -1.077  1.00 53.66 ? 240 HOH A O   1 
HETATM 1056 O O   . HOH B 2 .   ? -3.865  6.277   12.942  1.00 49.57 ? 241 HOH A O   1 
HETATM 1057 O O   . HOH B 2 .   ? 1.843   7.624   -7.616  1.00 33.92 ? 242 HOH A O   1 
HETATM 1058 O O   . HOH B 2 .   ? 8.217   24.285  0.837   1.00 54.65 ? 243 HOH A O   1 
HETATM 1059 O O   . HOH B 2 .   ? 4.208   -17.104 12.957  1.00 56.28 ? 244 HOH A O   1 
HETATM 1060 O O   . HOH B 2 .   ? -2.887  12.413  10.071  1.00 55.35 ? 245 HOH A O   1 
HETATM 1061 O O   . HOH B 2 .   ? -4.216  10.786  10.449  1.00 49.02 ? 246 HOH A O   1 
HETATM 1062 O O   . HOH B 2 .   ? 2.266   8.093   -12.570 1.00 60.76 ? 247 HOH A O   1 
HETATM 1063 O O   . HOH B 2 .   ? -12.258 14.265  5.843   1.00 54.27 ? 248 HOH A O   1 
HETATM 1064 O O   . HOH B 2 .   ? 3.002   -6.625  -16.827 1.00 51.64 ? 249 HOH A O   1 
HETATM 1065 O O   . HOH B 2 .   ? -0.044  -4.109  4.180   1.00 56.12 ? 250 HOH A O   1 
HETATM 1066 O O   . HOH B 2 .   ? 2.664   2.456   -0.678  1.00 53.63 ? 251 HOH A O   1 
HETATM 1067 O O   . HOH B 2 .   ? 8.112   -6.228  -16.270 1.00 70.71 ? 252 HOH A O   1 
HETATM 1068 O O   . HOH B 2 .   ? 0.328   1.507   -4.410  1.00 47.70 ? 253 HOH A O   1 
HETATM 1069 O O   . HOH B 2 .   ? -2.188  -5.716  7.303   1.00 50.28 ? 254 HOH A O   1 
HETATM 1070 O O   . HOH B 2 .   ? -1.282  0.297   0.541   1.00 52.98 ? 255 HOH A O   1 
HETATM 1071 O O   . HOH B 2 .   ? 2.056   -2.163  -14.335 1.00 53.57 ? 256 HOH A O   1 
# 
